data_8XU1
#
_entry.id   8XU1
#
_cell.length_a   155.100
_cell.length_b   111.280
_cell.length_c   99.560
_cell.angle_alpha   90.00
_cell.angle_beta   116.07
_cell.angle_gamma   90.00
#
_symmetry.space_group_name_H-M   'C 1 2 1'
#
loop_
_entity.id
_entity.type
_entity.pdbx_description
1 polymer 'citrate synthase'
2 non-polymer 'OXALOACETATE ION'
3 water water
#
_entity_poly.entity_id   1
_entity_poly.type   'polypeptide(L)'
_entity_poly.pdbx_seq_one_letter_code
;MSFLKEKLAEKIAQHRPRTTRLLKEFGNVKIDEVTISQAIGGMRGIKSLVTDISYLDPEEGIRFRGYTIPEVLEKLPKVP
GAEMPYVEGHFYLLLTGDVPTEKEVKEVAEEFKKRRALPEYVKDTLKAMPRDTHPMTMFAAGILAMQRESKFAAYYNAGK
FNKNTAWEPMFEDAMDLMAKLPSLGAYIYRMKYKSDTHIPSNPDLDLGGDFANMMGIDKPYDDVARLYFILHSDHESGNV
SAHTAHLVASALSDAYYAYSAAMCGLAGPLHGLANQEVLKWIQETIDKKLGGKVPTKEELKKFVEETLSSGQVIPGYGHA
VLRKTDPRYVAQREFALKHMPDDPIFQVVSMLYEVVPPILSSLGKVKDPWPNVDAHSGCIQWHYGVVEYDFYTVLFGIGR
ALGVLANLVWDRALGYAIERPKSVTTDMLEKWAGI
;
_entity_poly.pdbx_strand_id   A,B,C
#
loop_
_chem_comp.id
_chem_comp.type
_chem_comp.name
_chem_comp.formula
OAA non-polymer 'OXALOACETATE ION' 'C4 H3 O5 -1'
#
# COMPACT_ATOMS: atom_id res chain seq x y z
N SER A 2 -32.89 4.55 7.18
CA SER A 2 -32.54 5.42 8.34
C SER A 2 -33.27 6.76 8.22
N PHE A 3 -33.10 7.59 9.25
CA PHE A 3 -33.57 8.97 9.17
C PHE A 3 -32.86 9.70 8.02
N LEU A 4 -31.52 9.52 7.90
CA LEU A 4 -30.69 10.20 6.91
C LEU A 4 -31.15 9.91 5.48
N LYS A 5 -31.44 8.64 5.17
CA LYS A 5 -31.88 8.29 3.84
C LYS A 5 -33.26 8.88 3.53
N GLU A 6 -34.19 8.87 4.49
CA GLU A 6 -35.49 9.47 4.29
C GLU A 6 -35.37 10.98 4.11
N LYS A 7 -34.60 11.64 4.97
CA LYS A 7 -34.35 13.07 4.94
C LYS A 7 -33.76 13.48 3.59
N LEU A 8 -32.86 12.64 3.08
CA LEU A 8 -32.15 12.92 1.85
C LEU A 8 -33.10 12.69 0.68
N ALA A 9 -34.05 11.79 0.81
CA ALA A 9 -35.04 11.57 -0.23
C ALA A 9 -35.96 12.79 -0.36
N GLU A 10 -36.23 13.45 0.77
CA GLU A 10 -37.08 14.63 0.80
C GLU A 10 -36.41 15.77 0.04
N LYS A 11 -35.11 15.96 0.30
CA LYS A 11 -34.33 17.02 -0.31
C LYS A 11 -34.23 16.80 -1.83
N ILE A 12 -34.20 15.55 -2.24
CA ILE A 12 -34.01 15.20 -3.64
C ILE A 12 -35.28 15.56 -4.40
N ALA A 13 -36.44 15.25 -3.79
CA ALA A 13 -37.74 15.56 -4.37
C ALA A 13 -37.93 17.08 -4.48
N GLN A 14 -37.45 17.85 -3.48
CA GLN A 14 -37.48 19.30 -3.56
C GLN A 14 -36.57 19.83 -4.67
N HIS A 15 -35.44 19.17 -4.94
CA HIS A 15 -34.39 19.75 -5.79
C HIS A 15 -34.58 19.38 -7.25
N ARG A 16 -35.21 18.23 -7.52
CA ARG A 16 -35.36 17.79 -8.91
C ARG A 16 -36.14 18.84 -9.72
N PRO A 17 -37.28 19.39 -9.25
CA PRO A 17 -38.00 20.43 -9.99
C PRO A 17 -37.16 21.64 -10.40
N ARG A 18 -36.39 22.18 -9.45
CA ARG A 18 -35.50 23.30 -9.71
C ARG A 18 -34.59 23.03 -10.92
N THR A 19 -34.06 21.79 -10.97
CA THR A 19 -33.14 21.33 -12.00
C THR A 19 -33.90 21.16 -13.32
N THR A 20 -35.08 20.50 -13.26
CA THR A 20 -35.89 20.24 -14.44
C THR A 20 -36.31 21.53 -15.13
N ARG A 21 -36.52 22.58 -14.31
CA ARG A 21 -36.96 23.87 -14.78
C ARG A 21 -35.81 24.54 -15.56
N LEU A 22 -34.63 24.61 -14.93
CA LEU A 22 -33.47 25.20 -15.58
C LEU A 22 -33.25 24.59 -16.96
N LEU A 23 -33.50 23.29 -17.12
CA LEU A 23 -33.20 22.61 -18.37
C LEU A 23 -34.24 22.93 -19.42
N LYS A 24 -35.53 22.79 -19.05
CA LYS A 24 -36.62 22.96 -19.99
C LYS A 24 -36.81 24.44 -20.35
N GLU A 25 -36.71 25.35 -19.36
CA GLU A 25 -37.08 26.74 -19.55
C GLU A 25 -35.86 27.64 -19.80
N PHE A 26 -34.63 27.20 -19.51
CA PHE A 26 -33.50 28.13 -19.55
C PHE A 26 -32.22 27.49 -20.11
N GLY A 27 -32.40 26.41 -20.88
CA GLY A 27 -31.30 25.62 -21.40
C GLY A 27 -30.36 26.37 -22.34
N ASN A 28 -30.82 27.44 -23.02
CA ASN A 28 -29.99 28.12 -24.02
C ASN A 28 -29.33 29.38 -23.45
N VAL A 29 -29.62 29.69 -22.19
CA VAL A 29 -29.00 30.85 -21.57
C VAL A 29 -27.49 30.61 -21.52
N LYS A 30 -26.73 31.55 -22.11
CA LYS A 30 -25.27 31.50 -22.12
C LYS A 30 -24.74 31.82 -20.73
N ILE A 31 -23.61 31.23 -20.32
CA ILE A 31 -23.01 31.47 -19.00
C ILE A 31 -21.51 31.72 -19.09
N ASP A 32 -20.86 31.28 -20.17
CA ASP A 32 -19.46 31.60 -20.36
C ASP A 32 -19.10 31.39 -21.82
N GLU A 33 -17.86 31.78 -22.16
CA GLU A 33 -17.29 31.49 -23.46
C GLU A 33 -15.90 30.88 -23.29
N VAL A 34 -15.51 30.08 -24.29
CA VAL A 34 -14.23 29.39 -24.33
C VAL A 34 -13.30 30.11 -25.32
N THR A 35 -12.12 30.49 -24.82
CA THR A 35 -11.05 31.03 -25.64
C THR A 35 -10.01 29.93 -25.89
N ILE A 36 -9.08 30.20 -26.81
CA ILE A 36 -8.00 29.29 -27.15
C ILE A 36 -7.11 29.02 -25.92
N SER A 37 -6.68 30.09 -25.26
CA SER A 37 -5.99 30.06 -23.98
C SER A 37 -6.57 29.00 -23.03
N GLN A 38 -7.89 28.85 -23.01
CA GLN A 38 -8.57 28.03 -22.03
C GLN A 38 -8.63 26.56 -22.45
N ALA A 39 -8.78 26.30 -23.76
CA ALA A 39 -8.79 24.94 -24.28
C ALA A 39 -7.41 24.28 -24.15
N ILE A 40 -6.35 25.06 -24.39
CA ILE A 40 -4.99 24.57 -24.30
C ILE A 40 -4.52 24.53 -22.84
N GLY A 41 -5.11 25.38 -22.00
CA GLY A 41 -4.70 25.52 -20.62
C GLY A 41 -5.63 24.84 -19.62
N GLY A 42 -6.15 23.65 -19.99
CA GLY A 42 -6.86 22.80 -19.05
C GLY A 42 -8.15 23.44 -18.54
N MET A 43 -8.95 23.94 -19.49
CA MET A 43 -10.27 24.51 -19.25
C MET A 43 -10.24 25.57 -18.15
N ARG A 44 -9.11 26.23 -17.92
CA ARG A 44 -8.98 27.09 -16.74
C ARG A 44 -9.99 28.22 -16.83
N GLY A 45 -10.85 28.32 -15.80
CA GLY A 45 -11.81 29.41 -15.69
C GLY A 45 -13.18 29.07 -16.29
N ILE A 46 -13.30 27.97 -17.05
CA ILE A 46 -14.57 27.68 -17.71
C ILE A 46 -15.58 27.18 -16.69
N LYS A 47 -16.76 27.81 -16.69
CA LYS A 47 -17.89 27.43 -15.86
C LYS A 47 -18.65 26.34 -16.59
N SER A 48 -18.31 25.09 -16.23
CA SER A 48 -18.73 23.91 -17.00
C SER A 48 -19.29 22.81 -16.11
N LEU A 49 -19.28 23.01 -14.79
CA LEU A 49 -19.66 21.97 -13.84
C LEU A 49 -20.66 22.50 -12.84
N VAL A 50 -21.61 21.64 -12.45
CA VAL A 50 -22.62 22.02 -11.47
C VAL A 50 -22.51 21.13 -10.22
N THR A 51 -22.28 21.77 -9.07
CA THR A 51 -22.23 21.12 -7.76
C THR A 51 -22.92 22.00 -6.72
N ASP A 52 -23.61 21.37 -5.74
CA ASP A 52 -24.29 22.10 -4.68
C ASP A 52 -23.62 21.87 -3.32
N ILE A 53 -22.64 20.95 -3.27
CA ILE A 53 -22.05 20.56 -2.00
C ILE A 53 -21.21 21.72 -1.46
N SER A 54 -20.44 22.37 -2.34
CA SER A 54 -19.56 23.44 -1.89
C SER A 54 -19.33 24.41 -3.04
N TYR A 55 -18.97 25.64 -2.66
CA TYR A 55 -18.67 26.65 -3.64
C TYR A 55 -17.41 27.37 -3.21
N LEU A 56 -16.49 27.53 -4.18
CA LEU A 56 -15.25 28.26 -3.96
C LEU A 56 -15.40 29.63 -4.61
N ASP A 57 -15.55 30.65 -3.77
CA ASP A 57 -15.44 32.03 -4.19
C ASP A 57 -13.96 32.36 -4.24
N PRO A 58 -13.38 32.89 -5.37
CA PRO A 58 -11.97 33.31 -5.39
C PRO A 58 -11.47 34.21 -4.23
N GLU A 59 -12.40 34.89 -3.53
CA GLU A 59 -12.09 35.90 -2.52
C GLU A 59 -12.35 35.40 -1.09
N GLU A 60 -13.60 35.06 -0.74
CA GLU A 60 -13.95 34.67 0.63
C GLU A 60 -13.36 33.30 0.97
N GLY A 61 -13.27 32.43 -0.05
CA GLY A 61 -12.84 31.06 0.08
C GLY A 61 -13.97 30.04 -0.14
N ILE A 62 -13.85 28.89 0.55
CA ILE A 62 -14.78 27.78 0.41
C ILE A 62 -15.96 27.98 1.37
N ARG A 63 -17.16 27.65 0.86
CA ARG A 63 -18.35 27.49 1.67
C ARG A 63 -18.84 26.07 1.47
N PHE A 64 -19.14 25.40 2.59
CA PHE A 64 -19.79 24.09 2.55
C PHE A 64 -21.29 24.27 2.73
N ARG A 65 -22.07 24.06 1.65
CA ARG A 65 -23.52 24.17 1.69
C ARG A 65 -23.93 25.54 2.26
N GLY A 66 -23.20 26.59 1.87
CA GLY A 66 -23.53 27.95 2.27
C GLY A 66 -22.76 28.43 3.50
N TYR A 67 -22.22 27.52 4.31
CA TYR A 67 -21.54 27.96 5.53
C TYR A 67 -20.04 28.12 5.31
N THR A 68 -19.46 29.18 5.91
CA THR A 68 -18.02 29.35 5.99
C THR A 68 -17.44 28.32 6.96
N ILE A 69 -16.12 28.19 6.92
CA ILE A 69 -15.45 27.23 7.75
C ILE A 69 -15.66 27.60 9.22
N PRO A 70 -15.43 28.87 9.64
CA PRO A 70 -15.59 29.20 11.04
C PRO A 70 -17.03 28.91 11.48
N GLU A 71 -18.00 29.04 10.55
CA GLU A 71 -19.40 28.74 10.84
C GLU A 71 -19.60 27.24 11.04
N VAL A 72 -18.99 26.43 10.16
CA VAL A 72 -19.15 24.99 10.24
C VAL A 72 -18.57 24.48 11.56
N LEU A 73 -17.38 24.95 11.92
CA LEU A 73 -16.76 24.50 13.16
C LEU A 73 -17.56 24.98 14.36
N GLU A 74 -18.13 26.19 14.23
CA GLU A 74 -19.02 26.79 15.23
C GLU A 74 -20.23 25.89 15.48
N LYS A 75 -20.97 25.48 14.43
CA LYS A 75 -22.31 24.96 14.58
C LYS A 75 -22.40 23.44 14.65
N LEU A 76 -21.42 22.71 14.11
CA LEU A 76 -21.47 21.25 14.12
C LEU A 76 -21.35 20.75 15.56
N PRO A 77 -22.15 19.73 15.98
CA PRO A 77 -21.99 19.08 17.28
C PRO A 77 -20.58 18.57 17.58
N LYS A 78 -20.06 18.92 18.76
CA LYS A 78 -18.71 18.58 19.19
C LYS A 78 -18.68 17.19 19.82
N VAL A 79 -17.48 16.57 19.82
CA VAL A 79 -17.30 15.30 20.48
C VAL A 79 -17.14 15.54 21.99
N PRO A 80 -17.87 14.80 22.85
CA PRO A 80 -17.67 14.90 24.30
C PRO A 80 -16.22 14.60 24.71
N GLY A 81 -15.60 15.53 25.45
CA GLY A 81 -14.23 15.42 25.90
C GLY A 81 -13.26 16.19 25.01
N ALA A 82 -13.73 16.69 23.84
CA ALA A 82 -12.88 17.12 22.75
C ALA A 82 -13.37 18.41 22.10
N GLU A 83 -12.43 19.12 21.46
CA GLU A 83 -12.61 20.48 20.98
C GLU A 83 -13.30 20.51 19.60
N MET A 84 -13.26 19.39 18.87
CA MET A 84 -13.62 19.42 17.48
C MET A 84 -14.90 18.61 17.23
N PRO A 85 -15.62 18.93 16.12
CA PRO A 85 -16.85 18.23 15.75
C PRO A 85 -16.70 16.79 15.27
N TYR A 86 -17.78 16.01 15.38
CA TYR A 86 -17.89 14.72 14.72
C TYR A 86 -17.77 14.90 13.21
N VAL A 87 -16.85 14.15 12.59
CA VAL A 87 -16.70 14.17 11.14
C VAL A 87 -17.99 13.70 10.48
N GLU A 88 -18.69 12.80 11.19
CA GLU A 88 -19.97 12.24 10.78
C GLU A 88 -21.02 13.35 10.57
N GLY A 89 -20.94 14.40 11.41
CA GLY A 89 -21.86 15.52 11.32
C GLY A 89 -21.61 16.34 10.07
N HIS A 90 -20.33 16.54 9.75
CA HIS A 90 -19.97 17.27 8.57
C HIS A 90 -20.44 16.51 7.33
N PHE A 91 -20.43 15.18 7.39
CA PHE A 91 -20.90 14.36 6.29
C PHE A 91 -22.41 14.56 6.09
N TYR A 92 -23.14 14.56 7.21
CA TYR A 92 -24.57 14.84 7.23
C TYR A 92 -24.85 16.18 6.54
N LEU A 93 -24.07 17.19 6.91
CA LEU A 93 -24.25 18.53 6.38
C LEU A 93 -24.06 18.58 4.87
N LEU A 94 -23.02 17.90 4.38
CA LEU A 94 -22.70 17.88 2.96
C LEU A 94 -23.76 17.14 2.18
N LEU A 95 -24.31 16.05 2.76
CA LEU A 95 -25.35 15.32 2.07
C LEU A 95 -26.67 16.09 2.03
N THR A 96 -27.06 16.69 3.15
CA THR A 96 -28.44 17.13 3.34
C THR A 96 -28.55 18.63 3.12
N GLY A 97 -27.51 19.37 3.49
CA GLY A 97 -27.59 20.83 3.54
C GLY A 97 -27.92 21.35 4.95
N ASP A 98 -28.18 20.45 5.92
CA ASP A 98 -28.66 20.83 7.24
C ASP A 98 -27.58 20.58 8.28
N VAL A 99 -27.46 21.48 9.28
CA VAL A 99 -26.69 21.16 10.47
C VAL A 99 -27.46 20.12 11.27
N PRO A 100 -26.90 18.93 11.56
CA PRO A 100 -27.61 17.93 12.37
C PRO A 100 -27.65 18.21 13.88
N THR A 101 -28.71 17.67 14.51
CA THR A 101 -28.86 17.66 15.96
C THR A 101 -27.86 16.66 16.52
N GLU A 102 -27.56 16.78 17.81
CA GLU A 102 -26.73 15.83 18.52
C GLU A 102 -27.26 14.41 18.31
N LYS A 103 -28.57 14.25 18.06
CA LYS A 103 -29.18 12.94 17.97
C LYS A 103 -28.97 12.33 16.58
N GLU A 104 -29.05 13.17 15.52
CA GLU A 104 -28.83 12.72 14.14
C GLU A 104 -27.38 12.35 13.84
N VAL A 105 -26.42 13.01 14.50
CA VAL A 105 -25.01 12.68 14.36
C VAL A 105 -24.74 11.29 14.93
N LYS A 106 -25.45 10.93 16.01
CA LYS A 106 -25.20 9.68 16.70
C LYS A 106 -25.78 8.52 15.91
N GLU A 107 -26.77 8.78 15.06
CA GLU A 107 -27.32 7.72 14.25
C GLU A 107 -26.33 7.39 13.13
N VAL A 108 -25.71 8.43 12.55
CA VAL A 108 -24.74 8.25 11.49
C VAL A 108 -23.52 7.50 12.02
N ALA A 109 -23.02 7.96 13.17
CA ALA A 109 -21.87 7.37 13.84
C ALA A 109 -22.11 5.89 14.09
N GLU A 110 -23.32 5.53 14.52
CA GLU A 110 -23.70 4.13 14.71
C GLU A 110 -23.76 3.41 13.37
N GLU A 111 -24.17 4.09 12.31
CA GLU A 111 -24.23 3.44 11.01
C GLU A 111 -22.81 3.20 10.48
N PHE A 112 -21.87 4.08 10.79
CA PHE A 112 -20.50 3.89 10.36
C PHE A 112 -19.84 2.73 11.09
N LYS A 113 -20.13 2.60 12.39
CA LYS A 113 -19.59 1.55 13.22
C LYS A 113 -19.98 0.17 12.66
N LYS A 114 -21.22 0.04 12.17
CA LYS A 114 -21.68 -1.21 11.58
C LYS A 114 -20.92 -1.54 10.29
N ARG A 115 -20.30 -0.55 9.63
CA ARG A 115 -19.79 -0.75 8.30
C ARG A 115 -18.27 -0.55 8.19
N ARG A 116 -17.52 -0.41 9.29
CA ARG A 116 -16.16 0.09 9.15
C ARG A 116 -15.11 -1.05 9.06
N ALA A 117 -15.57 -2.30 9.12
CA ALA A 117 -14.66 -3.42 9.05
C ALA A 117 -14.20 -3.62 7.61
N LEU A 118 -12.89 -3.71 7.47
CA LEU A 118 -12.17 -3.88 6.22
C LEU A 118 -12.25 -5.35 5.79
N PRO A 119 -12.66 -5.65 4.53
CA PRO A 119 -12.65 -7.04 4.05
C PRO A 119 -11.26 -7.66 4.18
N GLU A 120 -11.20 -8.93 4.58
CA GLU A 120 -9.94 -9.65 4.63
C GLU A 120 -9.19 -9.57 3.32
N TYR A 121 -9.87 -9.76 2.19
CA TYR A 121 -9.19 -9.81 0.90
C TYR A 121 -8.49 -8.50 0.56
N VAL A 122 -8.94 -7.37 1.11
CA VAL A 122 -8.27 -6.09 0.90
C VAL A 122 -6.91 -6.10 1.61
N LYS A 123 -6.84 -6.58 2.84
CA LYS A 123 -5.57 -6.79 3.49
C LYS A 123 -4.67 -7.75 2.69
N ASP A 124 -5.20 -8.89 2.23
CA ASP A 124 -4.46 -9.83 1.41
C ASP A 124 -3.90 -9.14 0.17
N THR A 125 -4.71 -8.27 -0.44
CA THR A 125 -4.29 -7.58 -1.65
C THR A 125 -3.10 -6.68 -1.36
N LEU A 126 -3.22 -5.82 -0.34
CA LEU A 126 -2.16 -4.90 0.04
C LEU A 126 -0.85 -5.62 0.41
N LYS A 127 -0.94 -6.86 0.92
CA LYS A 127 0.25 -7.64 1.22
C LYS A 127 0.90 -8.17 -0.05
N ALA A 128 0.07 -8.54 -1.02
CA ALA A 128 0.55 -9.04 -2.30
C ALA A 128 1.30 -7.95 -3.07
N MET A 129 0.84 -6.70 -2.93
CA MET A 129 1.51 -5.55 -3.50
C MET A 129 2.82 -5.33 -2.76
N PRO A 130 3.95 -5.10 -3.46
CA PRO A 130 5.23 -4.88 -2.80
C PRO A 130 5.13 -3.82 -1.72
N ARG A 131 5.81 -4.07 -0.59
CA ARG A 131 5.64 -3.21 0.57
C ARG A 131 6.25 -1.84 0.33
N ASP A 132 7.11 -1.70 -0.69
CA ASP A 132 7.73 -0.41 -1.03
C ASP A 132 6.91 0.41 -2.03
N THR A 133 5.70 -0.06 -2.36
CA THR A 133 4.71 0.70 -3.14
C THR A 133 4.32 1.99 -2.42
N HIS A 134 4.16 3.06 -3.20
CA HIS A 134 3.74 4.34 -2.66
C HIS A 134 2.40 4.15 -1.96
N PRO A 135 2.17 4.73 -0.76
CA PRO A 135 0.92 4.51 -0.04
C PRO A 135 -0.35 4.91 -0.77
N MET A 136 -0.26 5.93 -1.64
CA MET A 136 -1.43 6.36 -2.38
C MET A 136 -1.79 5.30 -3.43
N THR A 137 -0.80 4.53 -3.88
CA THR A 137 -1.08 3.42 -4.79
C THR A 137 -1.84 2.36 -4.02
N MET A 138 -1.38 2.07 -2.82
CA MET A 138 -2.04 1.09 -1.97
C MET A 138 -3.44 1.53 -1.61
N PHE A 139 -3.61 2.78 -1.25
CA PHE A 139 -4.93 3.35 -0.94
C PHE A 139 -5.93 3.14 -2.07
N ALA A 140 -5.54 3.58 -3.29
CA ALA A 140 -6.40 3.53 -4.46
C ALA A 140 -6.75 2.08 -4.81
N ALA A 141 -5.78 1.15 -4.66
CA ALA A 141 -6.03 -0.25 -4.95
C ALA A 141 -6.88 -0.92 -3.87
N GLY A 142 -6.78 -0.50 -2.61
CA GLY A 142 -7.66 -1.02 -1.58
C GLY A 142 -9.13 -0.69 -1.87
N ILE A 143 -9.36 0.52 -2.39
CA ILE A 143 -10.70 0.98 -2.74
C ILE A 143 -11.20 0.17 -3.92
N LEU A 144 -10.38 0.12 -4.95
CA LEU A 144 -10.68 -0.57 -6.19
C LEU A 144 -11.06 -2.03 -5.95
N ALA A 145 -10.31 -2.73 -5.10
CA ALA A 145 -10.55 -4.14 -4.77
C ALA A 145 -11.97 -4.35 -4.23
N MET A 146 -12.47 -3.34 -3.50
CA MET A 146 -13.75 -3.42 -2.81
C MET A 146 -14.95 -3.20 -3.75
N GLN A 147 -14.66 -2.91 -5.03
CA GLN A 147 -15.69 -2.75 -6.04
C GLN A 147 -16.56 -4.01 -6.15
N ARG A 148 -15.97 -5.16 -5.81
CA ARG A 148 -16.66 -6.44 -5.72
C ARG A 148 -17.94 -6.35 -4.89
N GLU A 149 -18.00 -5.42 -3.92
CA GLU A 149 -19.11 -5.31 -2.97
C GLU A 149 -20.12 -4.23 -3.39
N SER A 150 -19.96 -3.66 -4.59
CA SER A 150 -20.73 -2.51 -4.99
C SER A 150 -22.20 -2.89 -5.13
N LYS A 151 -23.05 -2.14 -4.45
CA LYS A 151 -24.50 -2.34 -4.48
C LYS A 151 -25.06 -1.73 -5.75
N PHE A 152 -24.53 -0.57 -6.09
CA PHE A 152 -24.85 0.06 -7.36
C PHE A 152 -24.55 -0.89 -8.53
N ALA A 153 -23.37 -1.50 -8.55
CA ALA A 153 -23.01 -2.39 -9.64
C ALA A 153 -24.01 -3.56 -9.73
N ALA A 154 -24.28 -4.18 -8.57
CA ALA A 154 -25.25 -5.27 -8.44
C ALA A 154 -26.62 -4.87 -8.98
N TYR A 155 -27.07 -3.67 -8.55
CA TYR A 155 -28.35 -3.08 -8.93
C TYR A 155 -28.43 -2.98 -10.45
N TYR A 156 -27.43 -2.34 -11.06
CA TYR A 156 -27.44 -2.15 -12.49
C TYR A 156 -27.39 -3.49 -13.21
N ASN A 157 -26.46 -4.39 -12.80
CA ASN A 157 -26.20 -5.63 -13.51
C ASN A 157 -27.39 -6.57 -13.45
N ALA A 158 -28.17 -6.47 -12.36
CA ALA A 158 -29.42 -7.21 -12.20
C ALA A 158 -30.60 -6.61 -12.99
N GLY A 159 -30.36 -5.59 -13.84
CA GLY A 159 -31.39 -5.02 -14.69
C GLY A 159 -32.43 -4.15 -13.97
N LYS A 160 -32.13 -3.65 -12.77
CA LYS A 160 -33.07 -2.90 -11.95
C LYS A 160 -32.83 -1.40 -12.02
N PHE A 161 -31.94 -0.94 -12.93
CA PHE A 161 -31.64 0.48 -13.06
C PHE A 161 -32.92 1.24 -13.39
N ASN A 162 -33.09 2.38 -12.73
CA ASN A 162 -34.28 3.19 -12.82
C ASN A 162 -33.84 4.62 -12.55
N LYS A 163 -34.08 5.55 -13.48
CA LYS A 163 -33.55 6.89 -13.33
C LYS A 163 -33.82 7.42 -11.90
N ASN A 164 -34.92 7.04 -11.25
CA ASN A 164 -35.40 7.76 -10.07
C ASN A 164 -34.77 7.28 -8.77
N THR A 165 -34.48 5.98 -8.67
CA THR A 165 -34.04 5.34 -7.44
C THR A 165 -32.55 4.99 -7.47
N ALA A 166 -31.83 5.40 -8.53
CA ALA A 166 -30.41 5.09 -8.70
C ALA A 166 -29.56 5.62 -7.54
N TRP A 167 -29.97 6.73 -6.93
CA TRP A 167 -29.17 7.33 -5.89
C TRP A 167 -29.19 6.44 -4.65
N GLU A 168 -30.20 5.58 -4.55
CA GLU A 168 -30.36 4.82 -3.32
C GLU A 168 -29.19 3.83 -3.09
N PRO A 169 -28.93 2.86 -3.98
CA PRO A 169 -27.71 2.04 -3.88
C PRO A 169 -26.42 2.84 -3.88
N MET A 170 -26.37 3.94 -4.64
CA MET A 170 -25.19 4.77 -4.69
C MET A 170 -24.93 5.36 -3.31
N PHE A 171 -25.99 5.73 -2.57
CA PHE A 171 -25.87 6.19 -1.18
C PHE A 171 -25.38 5.08 -0.24
N GLU A 172 -25.75 3.82 -0.50
CA GLU A 172 -25.32 2.73 0.37
C GLU A 172 -23.84 2.47 0.18
N ASP A 173 -23.40 2.49 -1.09
CA ASP A 173 -21.99 2.39 -1.45
C ASP A 173 -21.22 3.51 -0.79
N ALA A 174 -21.80 4.71 -0.76
CA ALA A 174 -21.17 5.89 -0.17
C ALA A 174 -21.03 5.69 1.34
N MET A 175 -22.06 5.15 2.01
CA MET A 175 -21.97 4.95 3.45
C MET A 175 -20.90 3.90 3.78
N ASP A 176 -20.87 2.83 2.98
CA ASP A 176 -19.95 1.72 3.17
C ASP A 176 -18.52 2.17 2.92
N LEU A 177 -18.27 2.87 1.82
CA LEU A 177 -16.91 3.25 1.49
C LEU A 177 -16.43 4.32 2.47
N MET A 178 -17.29 5.26 2.83
CA MET A 178 -16.87 6.33 3.73
C MET A 178 -16.50 5.73 5.09
N ALA A 179 -17.24 4.71 5.55
CA ALA A 179 -17.03 4.13 6.87
C ALA A 179 -15.71 3.37 6.95
N LYS A 180 -15.20 2.89 5.81
CA LYS A 180 -14.01 2.05 5.77
C LYS A 180 -12.73 2.81 5.44
N LEU A 181 -12.79 3.96 4.75
CA LEU A 181 -11.58 4.65 4.30
C LEU A 181 -10.59 4.96 5.43
N PRO A 182 -11.04 5.36 6.63
CA PRO A 182 -10.09 5.61 7.72
C PRO A 182 -9.36 4.35 8.19
N SER A 183 -10.09 3.24 8.32
CA SER A 183 -9.47 1.94 8.56
C SER A 183 -8.45 1.62 7.46
N LEU A 184 -8.81 1.84 6.19
CA LEU A 184 -7.90 1.54 5.10
C LEU A 184 -6.62 2.36 5.23
N GLY A 185 -6.78 3.67 5.41
CA GLY A 185 -5.64 4.56 5.59
C GLY A 185 -4.73 4.10 6.74
N ALA A 186 -5.34 3.81 7.89
CA ALA A 186 -4.60 3.39 9.07
C ALA A 186 -3.87 2.07 8.81
N TYR A 187 -4.51 1.11 8.14
CA TYR A 187 -3.86 -0.17 7.85
C TYR A 187 -2.55 0.05 7.10
N ILE A 188 -2.61 0.91 6.07
CA ILE A 188 -1.46 1.25 5.24
C ILE A 188 -0.38 1.92 6.09
N TYR A 189 -0.78 2.89 6.93
CA TYR A 189 0.19 3.54 7.81
C TYR A 189 0.96 2.51 8.63
N ARG A 190 0.24 1.58 9.25
CA ARG A 190 0.82 0.66 10.20
C ARG A 190 1.67 -0.36 9.45
N MET A 191 1.14 -0.88 8.34
CA MET A 191 1.81 -1.95 7.62
C MET A 191 3.12 -1.45 7.02
N LYS A 192 3.16 -0.17 6.64
CA LYS A 192 4.31 0.40 5.98
C LYS A 192 5.28 0.99 7.00
N TYR A 193 4.76 1.65 8.04
CA TYR A 193 5.54 2.62 8.79
C TYR A 193 5.69 2.24 10.24
N LYS A 194 4.87 1.32 10.77
CA LYS A 194 4.78 1.06 12.20
C LYS A 194 4.92 -0.42 12.52
N SER A 195 5.84 -1.08 11.80
CA SER A 195 6.19 -2.47 12.08
C SER A 195 5.05 -3.45 11.81
N ASP A 196 4.06 -3.06 11.00
CA ASP A 196 2.97 -3.95 10.62
C ASP A 196 2.36 -4.57 11.87
N THR A 197 2.26 -3.79 12.96
CA THR A 197 1.37 -4.20 14.04
C THR A 197 0.16 -3.28 14.03
N HIS A 198 -1.01 -3.91 14.26
CA HIS A 198 -2.29 -3.28 14.02
C HIS A 198 -3.04 -3.11 15.33
N ILE A 199 -3.51 -1.88 15.57
CA ILE A 199 -4.41 -1.61 16.68
C ILE A 199 -5.84 -1.80 16.18
N PRO A 200 -6.66 -2.63 16.85
CA PRO A 200 -8.05 -2.84 16.40
C PRO A 200 -8.88 -1.56 16.56
N SER A 201 -9.88 -1.45 15.68
CA SER A 201 -10.86 -0.37 15.80
C SER A 201 -11.64 -0.52 17.11
N ASN A 202 -11.90 0.64 17.75
CA ASN A 202 -12.66 0.73 18.97
C ASN A 202 -14.10 1.15 18.65
N PRO A 203 -15.10 0.27 18.85
CA PRO A 203 -16.50 0.61 18.56
C PRO A 203 -17.09 1.78 19.37
N ASP A 204 -16.38 2.25 20.39
CA ASP A 204 -16.89 3.32 21.24
C ASP A 204 -16.41 4.69 20.76
N LEU A 205 -15.73 4.75 19.61
CA LEU A 205 -15.05 5.97 19.18
C LEU A 205 -15.67 6.51 17.90
N ASP A 206 -15.66 7.84 17.76
CA ASP A 206 -16.09 8.45 16.53
C ASP A 206 -15.02 8.20 15.46
N LEU A 207 -15.33 8.57 14.21
CA LEU A 207 -14.46 8.34 13.07
C LEU A 207 -13.07 8.93 13.30
N GLY A 208 -13.00 10.21 13.66
CA GLY A 208 -11.74 10.88 13.95
C GLY A 208 -10.99 10.26 15.13
N GLY A 209 -11.71 9.99 16.22
CA GLY A 209 -11.11 9.37 17.38
C GLY A 209 -10.60 7.97 17.05
N ASP A 210 -11.38 7.23 16.25
CA ASP A 210 -11.01 5.86 15.94
C ASP A 210 -9.80 5.82 14.99
N PHE A 211 -9.68 6.82 14.12
CA PHE A 211 -8.56 6.89 13.21
C PHE A 211 -7.26 7.10 14.01
N ALA A 212 -7.24 8.10 14.90
CA ALA A 212 -6.09 8.36 15.77
C ALA A 212 -5.68 7.12 16.55
N ASN A 213 -6.70 6.40 17.02
CA ASN A 213 -6.55 5.14 17.73
C ASN A 213 -5.79 4.14 16.86
N MET A 214 -6.32 3.85 15.68
CA MET A 214 -5.74 2.85 14.80
C MET A 214 -4.39 3.31 14.28
N MET A 215 -4.17 4.62 14.22
CA MET A 215 -2.88 5.15 13.79
C MET A 215 -1.85 4.95 14.90
N GLY A 216 -2.34 4.90 16.14
CA GLY A 216 -1.52 4.75 17.32
C GLY A 216 -1.03 6.07 17.89
N ILE A 217 -1.81 7.16 17.73
CA ILE A 217 -1.36 8.50 18.11
C ILE A 217 -2.31 9.06 19.16
N ASP A 218 -1.76 9.65 20.23
CA ASP A 218 -2.54 10.07 21.39
C ASP A 218 -3.18 11.43 21.12
N LYS A 219 -4.18 11.79 21.98
CA LYS A 219 -4.81 13.12 21.98
C LYS A 219 -3.71 14.18 22.06
N PRO A 220 -3.81 15.32 21.35
CA PRO A 220 -5.02 15.68 20.60
C PRO A 220 -5.03 15.33 19.11
N TYR A 221 -4.32 14.27 18.73
CA TYR A 221 -4.31 13.89 17.32
C TYR A 221 -5.75 13.66 16.84
N ASP A 222 -6.61 13.12 17.72
CA ASP A 222 -8.02 12.94 17.42
C ASP A 222 -8.59 14.23 16.85
N ASP A 223 -8.26 15.38 17.44
CA ASP A 223 -8.84 16.65 17.03
C ASP A 223 -8.18 17.14 15.75
N VAL A 224 -6.86 16.98 15.65
CA VAL A 224 -6.08 17.21 14.45
C VAL A 224 -6.74 16.52 13.26
N ALA A 225 -7.14 15.24 13.45
CA ALA A 225 -7.71 14.41 12.40
C ALA A 225 -9.09 14.90 11.98
N ARG A 226 -9.97 15.13 12.96
CA ARG A 226 -11.31 15.68 12.73
C ARG A 226 -11.20 16.97 11.91
N LEU A 227 -10.42 17.92 12.41
CA LEU A 227 -10.29 19.18 11.70
C LEU A 227 -9.81 18.93 10.27
N TYR A 228 -8.71 18.19 10.15
CA TYR A 228 -8.06 18.00 8.86
C TYR A 228 -9.05 17.45 7.85
N PHE A 229 -9.86 16.48 8.27
CA PHE A 229 -10.74 15.82 7.33
C PHE A 229 -11.85 16.77 6.92
N ILE A 230 -12.32 17.57 7.87
CA ILE A 230 -13.35 18.57 7.63
C ILE A 230 -12.83 19.63 6.65
N LEU A 231 -11.62 20.15 6.88
CA LEU A 231 -11.04 21.17 6.01
C LEU A 231 -10.86 20.64 4.58
N HIS A 232 -10.49 19.37 4.44
CA HIS A 232 -10.16 18.84 3.14
C HIS A 232 -11.35 18.12 2.52
N SER A 233 -12.54 18.27 3.12
CA SER A 233 -13.71 17.51 2.71
C SER A 233 -14.20 17.84 1.29
N ASP A 234 -14.20 19.12 0.89
CA ASP A 234 -14.56 19.45 -0.48
C ASP A 234 -13.89 20.77 -0.84
N HIS A 235 -13.80 21.01 -2.17
CA HIS A 235 -13.33 22.25 -2.75
C HIS A 235 -13.90 22.40 -4.16
N GLU A 236 -15.23 22.48 -4.20
CA GLU A 236 -16.09 22.34 -5.36
C GLU A 236 -15.60 21.20 -6.25
N SER A 237 -16.29 20.99 -7.39
CA SER A 237 -16.12 19.82 -8.23
C SER A 237 -15.17 20.06 -9.42
N GLY A 238 -14.38 21.14 -9.40
CA GLY A 238 -13.50 21.46 -10.50
C GLY A 238 -12.07 20.92 -10.33
N ASN A 239 -11.71 20.64 -9.07
CA ASN A 239 -10.39 20.12 -8.76
C ASN A 239 -10.27 18.71 -9.37
N VAL A 240 -9.03 18.30 -9.62
CA VAL A 240 -8.76 17.11 -10.40
C VAL A 240 -9.41 15.89 -9.77
N SER A 241 -9.26 15.71 -8.45
CA SER A 241 -9.76 14.52 -7.75
C SER A 241 -11.30 14.48 -7.78
N ALA A 242 -11.95 15.58 -7.39
CA ALA A 242 -13.41 15.63 -7.42
C ALA A 242 -13.92 15.48 -8.85
N HIS A 243 -13.32 16.21 -9.80
CA HIS A 243 -13.71 16.20 -11.19
C HIS A 243 -13.54 14.81 -11.79
N THR A 244 -12.46 14.10 -11.42
CA THR A 244 -12.25 12.76 -11.95
C THR A 244 -13.37 11.79 -11.52
N ALA A 245 -13.71 11.82 -10.22
CA ALA A 245 -14.74 10.94 -9.70
C ALA A 245 -16.05 11.28 -10.40
N HIS A 246 -16.37 12.58 -10.43
CA HIS A 246 -17.55 13.02 -11.13
C HIS A 246 -17.57 12.43 -12.55
N LEU A 247 -16.44 12.52 -13.26
CA LEU A 247 -16.39 12.17 -14.68
C LEU A 247 -16.58 10.67 -14.81
N VAL A 248 -15.81 9.88 -14.07
CA VAL A 248 -15.95 8.44 -14.11
C VAL A 248 -17.38 8.04 -13.75
N ALA A 249 -17.92 8.65 -12.70
CA ALA A 249 -19.22 8.23 -12.19
C ALA A 249 -20.34 8.58 -13.18
N SER A 250 -20.11 9.58 -14.04
CA SER A 250 -21.10 9.99 -15.02
C SER A 250 -21.34 8.92 -16.09
N ALA A 251 -20.44 7.93 -16.20
CA ALA A 251 -20.66 6.76 -17.04
C ALA A 251 -21.40 5.64 -16.29
N LEU A 252 -21.80 5.94 -15.03
CA LEU A 252 -22.46 5.03 -14.09
C LEU A 252 -21.49 3.97 -13.57
N SER A 253 -20.20 4.28 -13.52
CA SER A 253 -19.27 3.49 -12.72
C SER A 253 -19.62 3.73 -11.25
N ASP A 254 -19.55 2.68 -10.42
CA ASP A 254 -19.83 2.82 -9.00
C ASP A 254 -18.75 3.66 -8.30
N ALA A 255 -18.99 3.93 -7.01
CA ALA A 255 -18.16 4.87 -6.24
C ALA A 255 -16.79 4.28 -5.97
N TYR A 256 -16.67 2.95 -6.00
CA TYR A 256 -15.38 2.31 -5.81
C TYR A 256 -14.46 2.65 -6.98
N TYR A 257 -14.96 2.48 -8.21
CA TYR A 257 -14.25 2.86 -9.42
C TYR A 257 -13.99 4.37 -9.43
N ALA A 258 -15.02 5.16 -9.13
CA ALA A 258 -14.92 6.61 -9.19
C ALA A 258 -13.90 7.17 -8.21
N TYR A 259 -13.94 6.67 -6.97
CA TYR A 259 -13.09 7.18 -5.92
C TYR A 259 -11.66 6.63 -6.08
N SER A 260 -11.52 5.39 -6.52
CA SER A 260 -10.22 4.89 -6.92
C SER A 260 -9.57 5.78 -7.98
N ALA A 261 -10.31 6.11 -9.07
CA ALA A 261 -9.82 7.00 -10.12
C ALA A 261 -9.43 8.38 -9.59
N ALA A 262 -10.24 8.91 -8.67
CA ALA A 262 -9.98 10.21 -8.06
C ALA A 262 -8.65 10.23 -7.31
N MET A 263 -8.34 9.15 -6.60
CA MET A 263 -7.09 9.01 -5.86
C MET A 263 -5.89 8.92 -6.81
N CYS A 264 -6.08 8.33 -7.99
CA CYS A 264 -5.08 8.42 -9.05
C CYS A 264 -4.79 9.88 -9.41
N GLY A 265 -5.83 10.72 -9.46
CA GLY A 265 -5.65 12.15 -9.64
C GLY A 265 -4.99 12.87 -8.45
N LEU A 266 -5.46 12.56 -7.23
CA LEU A 266 -4.91 13.19 -6.04
C LEU A 266 -3.43 12.89 -5.85
N ALA A 267 -2.93 11.75 -6.38
CA ALA A 267 -1.54 11.38 -6.20
C ALA A 267 -0.59 12.25 -7.06
N GLY A 268 -1.14 12.95 -8.06
CA GLY A 268 -0.39 13.86 -8.88
C GLY A 268 0.37 14.93 -8.06
N PRO A 269 1.62 15.25 -8.45
CA PRO A 269 2.40 16.27 -7.73
C PRO A 269 1.75 17.66 -7.70
N LEU A 270 1.00 17.99 -8.76
CA LEU A 270 0.33 19.28 -8.85
C LEU A 270 -1.01 19.25 -8.10
N HIS A 271 -1.33 18.17 -7.40
CA HIS A 271 -2.54 18.12 -6.62
C HIS A 271 -2.26 17.74 -5.16
N GLY A 272 -1.79 16.51 -4.94
CA GLY A 272 -1.79 15.93 -3.60
C GLY A 272 -0.46 16.01 -2.88
N LEU A 273 0.62 16.45 -3.56
CA LEU A 273 1.96 16.35 -3.00
C LEU A 273 2.46 17.71 -2.49
N ALA A 274 1.61 18.75 -2.56
CA ALA A 274 1.99 20.10 -2.18
C ALA A 274 2.34 20.21 -0.69
N ASN A 275 1.73 19.36 0.15
CA ASN A 275 1.80 19.44 1.61
C ASN A 275 3.19 19.01 2.13
N GLN A 276 3.72 17.88 1.60
CA GLN A 276 5.05 17.38 1.93
C GLN A 276 6.12 18.26 1.31
N GLU A 277 5.90 18.71 0.06
CA GLU A 277 6.87 19.53 -0.67
C GLU A 277 7.04 20.88 0.01
N VAL A 278 6.07 21.32 0.81
CA VAL A 278 6.19 22.52 1.64
C VAL A 278 7.10 22.26 2.83
N LEU A 279 6.77 21.23 3.61
CA LEU A 279 7.45 20.94 4.87
C LEU A 279 8.92 20.63 4.63
N LYS A 280 9.20 19.74 3.65
CA LYS A 280 10.55 19.36 3.26
C LYS A 280 11.40 20.61 3.00
N TRP A 281 10.80 21.54 2.26
CA TRP A 281 11.45 22.78 1.88
C TRP A 281 11.65 23.69 3.10
N ILE A 282 10.73 23.67 4.09
CA ILE A 282 10.93 24.43 5.32
C ILE A 282 12.07 23.80 6.12
N GLN A 283 12.10 22.47 6.19
CA GLN A 283 13.10 21.73 6.95
C GLN A 283 14.50 21.84 6.32
N GLU A 284 14.57 21.82 4.98
CA GLU A 284 15.80 22.04 4.22
C GLU A 284 16.34 23.44 4.48
N THR A 285 15.43 24.43 4.64
CA THR A 285 15.77 25.83 4.80
C THR A 285 16.27 26.15 6.22
N ILE A 286 15.55 25.70 7.25
CA ILE A 286 15.98 25.78 8.64
C ILE A 286 17.36 25.16 8.82
N ASP A 287 17.66 24.09 8.08
CA ASP A 287 18.90 23.34 8.23
C ASP A 287 20.06 24.04 7.51
N LYS A 288 19.82 24.52 6.30
CA LYS A 288 20.93 25.08 5.51
C LYS A 288 21.12 26.58 5.70
N LYS A 289 20.16 27.39 5.26
CA LYS A 289 20.38 28.83 5.20
C LYS A 289 20.40 29.49 6.59
N LEU A 290 19.72 28.91 7.58
CA LEU A 290 19.47 29.56 8.85
C LEU A 290 19.98 28.70 10.02
N GLY A 291 20.79 27.68 9.71
CA GLY A 291 21.67 27.01 10.66
C GLY A 291 20.98 26.19 11.75
N GLY A 292 19.97 25.40 11.38
CA GLY A 292 19.27 24.51 12.31
C GLY A 292 18.58 25.24 13.46
N LYS A 293 18.19 26.51 13.23
CA LYS A 293 17.59 27.35 14.26
C LYS A 293 16.57 28.26 13.58
N VAL A 294 15.47 28.52 14.32
CA VAL A 294 14.44 29.50 13.97
C VAL A 294 15.11 30.82 13.60
N PRO A 295 15.02 31.31 12.35
CA PRO A 295 15.65 32.58 11.99
C PRO A 295 14.96 33.74 12.71
N THR A 296 15.64 34.90 12.70
CA THR A 296 14.99 36.17 12.99
C THR A 296 14.18 36.55 11.75
N LYS A 297 13.25 37.50 11.93
CA LYS A 297 12.28 37.84 10.90
C LYS A 297 13.00 38.27 9.60
N GLU A 298 14.29 38.62 9.75
CA GLU A 298 15.01 39.43 8.77
C GLU A 298 15.81 38.55 7.80
N GLU A 299 16.45 37.49 8.31
CA GLU A 299 17.20 36.55 7.50
C GLU A 299 16.25 35.73 6.64
N LEU A 300 15.04 35.52 7.14
CA LEU A 300 13.98 34.90 6.36
C LEU A 300 13.50 35.86 5.29
N LYS A 301 13.24 37.13 5.68
CA LYS A 301 12.68 38.15 4.81
C LYS A 301 13.50 38.25 3.52
N LYS A 302 14.83 38.20 3.62
CA LYS A 302 15.69 38.35 2.46
C LYS A 302 16.05 36.99 1.85
N PHE A 303 15.76 35.89 2.57
CA PHE A 303 15.96 34.56 2.03
C PHE A 303 14.92 34.24 0.95
N VAL A 304 13.71 34.76 1.13
CA VAL A 304 12.62 34.56 0.16
C VAL A 304 13.02 35.24 -1.15
N GLU A 305 13.62 36.44 -1.08
CA GLU A 305 14.02 37.21 -2.24
C GLU A 305 15.08 36.47 -3.08
N GLU A 306 16.01 35.78 -2.41
CA GLU A 306 17.05 35.01 -3.10
C GLU A 306 16.41 33.86 -3.90
N THR A 307 15.47 33.12 -3.29
CA THR A 307 14.79 32.00 -3.94
C THR A 307 13.95 32.49 -5.13
N LEU A 308 13.36 33.70 -4.98
CA LEU A 308 12.36 34.21 -5.91
C LEU A 308 13.01 34.80 -7.15
N SER A 309 13.91 35.77 -6.97
CA SER A 309 14.52 36.47 -8.08
C SER A 309 15.67 35.66 -8.70
N SER A 310 15.81 34.39 -8.30
CA SER A 310 16.63 33.41 -9.01
C SER A 310 15.78 32.28 -9.60
N GLY A 311 14.45 32.51 -9.72
CA GLY A 311 13.59 31.76 -10.62
C GLY A 311 13.03 30.46 -10.03
N GLN A 312 12.34 30.56 -8.87
CA GLN A 312 11.75 29.39 -8.21
C GLN A 312 10.55 29.80 -7.35
N VAL A 313 9.57 28.88 -7.22
CA VAL A 313 8.32 29.09 -6.50
C VAL A 313 8.59 29.12 -5.00
N ILE A 314 7.65 29.71 -4.24
CA ILE A 314 7.45 29.42 -2.81
C ILE A 314 6.30 28.42 -2.73
N PRO A 315 6.52 27.16 -2.25
CA PRO A 315 5.46 26.16 -2.22
C PRO A 315 4.37 26.44 -1.16
N GLY A 316 3.12 26.14 -1.53
CA GLY A 316 1.98 26.35 -0.67
C GLY A 316 1.50 27.79 -0.64
N TYR A 317 2.09 28.64 -1.51
CA TYR A 317 1.52 29.92 -1.87
C TYR A 317 1.11 29.82 -3.34
N GLY A 318 -0.17 30.18 -3.65
CA GLY A 318 -0.65 30.28 -5.02
C GLY A 318 -1.59 29.14 -5.43
N HIS A 319 -2.69 29.47 -6.12
CA HIS A 319 -3.76 28.53 -6.40
C HIS A 319 -4.45 28.92 -7.72
N ALA A 320 -5.05 27.94 -8.40
CA ALA A 320 -5.61 28.15 -9.73
C ALA A 320 -6.98 28.86 -9.73
N VAL A 321 -7.52 29.13 -8.54
CA VAL A 321 -8.84 29.83 -8.43
C VAL A 321 -8.73 30.89 -7.34
N LEU A 322 -8.43 30.48 -6.12
CA LEU A 322 -8.24 31.39 -4.98
C LEU A 322 -7.38 32.58 -5.39
N ARG A 323 -7.79 33.77 -4.90
CA ARG A 323 -7.04 35.01 -5.02
C ARG A 323 -6.69 35.57 -3.64
N LYS A 324 -7.23 34.98 -2.55
CA LYS A 324 -6.91 35.44 -1.20
C LYS A 324 -6.39 34.32 -0.31
N THR A 325 -6.10 34.67 0.96
CA THR A 325 -5.76 33.72 2.00
C THR A 325 -6.81 32.62 1.97
N ASP A 326 -6.37 31.34 2.01
CA ASP A 326 -7.28 30.22 2.19
C ASP A 326 -7.76 30.16 3.64
N PRO A 327 -9.09 30.21 3.91
CA PRO A 327 -9.57 30.11 5.30
C PRO A 327 -9.34 28.73 5.93
N ARG A 328 -9.09 27.74 5.07
CA ARG A 328 -8.61 26.43 5.50
C ARG A 328 -7.21 26.58 6.09
N TYR A 329 -6.33 27.35 5.44
CA TYR A 329 -5.06 27.74 6.02
C TYR A 329 -5.29 28.38 7.40
N VAL A 330 -6.15 29.39 7.45
CA VAL A 330 -6.36 30.17 8.66
C VAL A 330 -6.79 29.26 9.82
N ALA A 331 -7.60 28.22 9.55
CA ALA A 331 -8.12 27.35 10.60
C ALA A 331 -7.03 26.43 11.14
N GLN A 332 -6.01 26.15 10.29
CA GLN A 332 -4.85 25.37 10.72
C GLN A 332 -4.05 26.21 11.69
N ARG A 333 -3.77 27.45 11.26
CA ARG A 333 -3.08 28.46 12.06
C ARG A 333 -3.71 28.60 13.45
N GLU A 334 -5.04 28.50 13.55
CA GLU A 334 -5.75 28.71 14.82
C GLU A 334 -5.53 27.53 15.75
N PHE A 335 -5.61 26.31 15.21
CA PHE A 335 -5.22 25.11 15.94
C PHE A 335 -3.79 25.20 16.48
N ALA A 336 -2.88 25.72 15.63
CA ALA A 336 -1.45 25.63 15.88
C ALA A 336 -1.00 26.68 16.92
N LEU A 337 -1.60 27.88 16.89
CA LEU A 337 -1.40 28.89 17.92
C LEU A 337 -1.81 28.35 19.28
N LYS A 338 -2.97 27.69 19.35
CA LYS A 338 -3.47 27.11 20.59
C LYS A 338 -2.53 26.01 21.12
N HIS A 339 -2.02 25.15 20.23
CA HIS A 339 -1.57 23.80 20.61
C HIS A 339 -0.07 23.56 20.44
N MET A 340 0.60 24.42 19.67
CA MET A 340 2.01 24.23 19.39
C MET A 340 2.60 25.59 18.99
N PRO A 341 2.51 26.62 19.86
CA PRO A 341 3.05 27.94 19.55
C PRO A 341 4.58 27.90 19.47
N ASP A 342 5.19 26.99 20.26
CA ASP A 342 6.62 26.97 20.45
C ASP A 342 7.31 25.96 19.53
N ASP A 343 6.58 25.17 18.74
CA ASP A 343 7.19 24.28 17.76
C ASP A 343 8.03 25.10 16.77
N PRO A 344 9.30 24.70 16.52
CA PRO A 344 10.18 25.42 15.59
C PRO A 344 9.64 25.64 14.18
N ILE A 345 9.05 24.58 13.59
CA ILE A 345 8.62 24.56 12.20
C ILE A 345 7.35 25.42 12.03
N PHE A 346 6.46 25.38 13.03
CA PHE A 346 5.31 26.29 13.03
C PHE A 346 5.77 27.75 13.04
N GLN A 347 6.77 28.09 13.87
CA GLN A 347 7.28 29.45 13.98
C GLN A 347 7.80 29.96 12.63
N VAL A 348 8.31 29.06 11.78
CA VAL A 348 8.78 29.43 10.45
C VAL A 348 7.62 29.62 9.47
N VAL A 349 6.59 28.77 9.58
CA VAL A 349 5.36 28.96 8.84
C VAL A 349 4.70 30.28 9.24
N SER A 350 4.71 30.58 10.54
CA SER A 350 4.07 31.74 11.14
C SER A 350 4.64 33.04 10.57
N MET A 351 5.97 33.14 10.61
CA MET A 351 6.73 34.23 10.02
C MET A 351 6.48 34.32 8.51
N LEU A 352 6.50 33.18 7.79
CA LEU A 352 6.28 33.18 6.34
C LEU A 352 4.96 33.85 5.97
N TYR A 353 3.91 33.63 6.79
CA TYR A 353 2.61 34.25 6.59
C TYR A 353 2.73 35.77 6.49
N GLU A 354 3.59 36.34 7.34
CA GLU A 354 3.78 37.78 7.44
C GLU A 354 4.55 38.29 6.24
N VAL A 355 5.68 37.62 5.96
CA VAL A 355 6.72 38.17 5.11
C VAL A 355 6.49 37.85 3.64
N VAL A 356 5.81 36.74 3.30
CA VAL A 356 5.77 36.23 1.93
C VAL A 356 4.72 36.96 1.07
N PRO A 357 3.52 37.31 1.59
CA PRO A 357 2.55 38.08 0.80
C PRO A 357 2.98 39.49 0.38
N PRO A 358 3.57 40.35 1.25
CA PRO A 358 4.22 41.60 0.79
C PRO A 358 5.15 41.45 -0.43
N ILE A 359 5.92 40.34 -0.47
CA ILE A 359 6.99 40.12 -1.43
C ILE A 359 6.47 39.55 -2.77
N LEU A 360 5.47 38.66 -2.73
CA LEU A 360 4.84 38.17 -3.96
C LEU A 360 3.90 39.23 -4.54
N SER A 361 3.70 40.33 -3.76
CA SER A 361 2.87 41.46 -4.17
C SER A 361 3.68 42.45 -5.02
N SER A 362 4.91 42.76 -4.58
CA SER A 362 5.90 43.54 -5.33
C SER A 362 6.01 43.06 -6.77
N LEU A 363 6.03 41.73 -6.96
CA LEU A 363 6.27 41.13 -8.27
C LEU A 363 4.99 41.14 -9.13
N GLY A 364 3.81 41.29 -8.49
CA GLY A 364 2.53 41.35 -9.19
C GLY A 364 2.39 40.29 -10.28
N LYS A 365 2.93 39.10 -10.00
CA LYS A 365 3.31 38.10 -10.99
C LYS A 365 2.26 36.98 -11.02
N VAL A 366 2.15 36.26 -9.88
CA VAL A 366 1.22 35.15 -9.71
C VAL A 366 -0.11 35.73 -9.20
N LYS A 367 -1.22 35.17 -9.69
CA LYS A 367 -2.53 35.74 -9.48
C LYS A 367 -3.04 35.48 -8.05
N ASP A 368 -2.32 34.71 -7.20
CA ASP A 368 -2.67 34.49 -5.79
C ASP A 368 -1.44 34.68 -4.91
N PRO A 369 -1.20 35.89 -4.34
CA PRO A 369 -0.01 36.16 -3.52
C PRO A 369 -0.10 35.74 -2.06
N TRP A 370 -0.80 34.61 -1.82
CA TRP A 370 -1.29 34.26 -0.49
C TRP A 370 -1.17 32.74 -0.30
N PRO A 371 -1.26 32.25 0.96
CA PRO A 371 -1.21 30.81 1.24
C PRO A 371 -2.48 30.01 0.96
N ASN A 372 -2.29 28.72 0.62
CA ASN A 372 -3.32 27.69 0.64
C ASN A 372 -3.05 26.72 1.81
N VAL A 373 -3.89 25.68 1.97
CA VAL A 373 -3.83 24.80 3.14
C VAL A 373 -2.47 24.13 3.29
N ASP A 374 -1.89 23.71 2.16
CA ASP A 374 -0.70 22.85 2.13
C ASP A 374 0.49 23.53 2.81
N ALA A 375 0.43 24.86 2.90
CA ALA A 375 1.41 25.65 3.64
C ALA A 375 1.40 25.33 5.14
N HIS A 376 0.28 24.83 5.67
CA HIS A 376 0.12 24.69 7.11
C HIS A 376 -0.15 23.25 7.59
N SER A 377 -0.46 22.33 6.68
CA SER A 377 -0.92 20.99 7.06
C SER A 377 0.19 20.15 7.71
N GLY A 378 1.34 20.11 7.02
CA GLY A 378 2.39 19.15 7.29
C GLY A 378 3.07 19.39 8.63
N CYS A 379 3.17 20.67 9.03
CA CYS A 379 3.90 21.00 10.25
C CYS A 379 3.13 20.48 11.47
N ILE A 380 1.80 20.38 11.35
CA ILE A 380 0.97 19.91 12.44
C ILE A 380 1.09 18.39 12.57
N GLN A 381 1.05 17.71 11.41
CA GLN A 381 1.24 16.26 11.35
C GLN A 381 2.61 15.94 11.94
N TRP A 382 3.64 16.62 11.43
CA TRP A 382 5.01 16.41 11.86
C TRP A 382 5.11 16.50 13.38
N HIS A 383 4.50 17.53 13.96
CA HIS A 383 4.61 17.76 15.39
C HIS A 383 4.07 16.57 16.17
N TYR A 384 3.08 15.86 15.64
CA TYR A 384 2.49 14.73 16.38
C TYR A 384 3.08 13.39 15.98
N GLY A 385 4.17 13.40 15.18
CA GLY A 385 4.92 12.18 14.90
C GLY A 385 4.54 11.51 13.57
N VAL A 386 3.63 12.13 12.80
CA VAL A 386 3.40 11.65 11.46
C VAL A 386 4.48 12.28 10.58
N VAL A 387 5.63 11.59 10.53
CA VAL A 387 6.84 12.09 9.89
C VAL A 387 7.00 11.52 8.47
N GLU A 388 6.08 10.63 8.09
CA GLU A 388 6.14 9.89 6.84
C GLU A 388 5.38 10.68 5.78
N TYR A 389 6.15 11.52 5.06
CA TYR A 389 5.66 12.51 4.12
C TYR A 389 4.65 11.95 3.13
N ASP A 390 4.93 10.76 2.58
CA ASP A 390 4.19 10.22 1.43
C ASP A 390 2.72 9.96 1.80
N PHE A 391 2.53 9.67 3.09
CA PHE A 391 1.25 9.36 3.68
C PHE A 391 0.34 10.59 3.81
N TYR A 392 0.88 11.81 3.72
CA TYR A 392 0.04 12.98 3.95
C TYR A 392 -1.11 13.00 2.93
N THR A 393 -0.82 12.54 1.74
CA THR A 393 -1.78 12.55 0.65
C THR A 393 -2.89 11.54 0.93
N VAL A 394 -2.57 10.43 1.58
CA VAL A 394 -3.60 9.50 2.02
C VAL A 394 -4.58 10.19 2.98
N LEU A 395 -4.11 11.09 3.86
CA LEU A 395 -5.00 11.78 4.79
C LEU A 395 -5.97 12.67 4.04
N PHE A 396 -5.40 13.41 3.10
CA PHE A 396 -6.14 14.24 2.16
C PHE A 396 -7.27 13.39 1.56
N GLY A 397 -6.89 12.21 1.05
CA GLY A 397 -7.81 11.28 0.39
C GLY A 397 -8.97 10.80 1.26
N ILE A 398 -8.73 10.57 2.55
CA ILE A 398 -9.79 10.21 3.47
C ILE A 398 -10.75 11.40 3.62
N GLY A 399 -10.19 12.62 3.83
CA GLY A 399 -10.99 13.82 4.03
C GLY A 399 -11.86 14.15 2.82
N ARG A 400 -11.23 14.25 1.64
CA ARG A 400 -11.88 14.57 0.38
C ARG A 400 -13.02 13.62 0.03
N ALA A 401 -13.05 12.41 0.60
CA ALA A 401 -14.11 11.47 0.25
C ALA A 401 -15.47 11.99 0.72
N LEU A 402 -15.47 12.78 1.81
CA LEU A 402 -16.72 13.24 2.42
C LEU A 402 -17.50 14.04 1.38
N GLY A 403 -16.80 14.97 0.72
CA GLY A 403 -17.40 15.82 -0.27
C GLY A 403 -17.70 15.05 -1.54
N VAL A 404 -16.73 14.25 -1.99
CA VAL A 404 -16.82 13.66 -3.31
C VAL A 404 -17.93 12.62 -3.33
N LEU A 405 -18.02 11.79 -2.27
CA LEU A 405 -19.02 10.73 -2.23
C LEU A 405 -20.43 11.33 -2.13
N ALA A 406 -20.60 12.40 -1.34
CA ALA A 406 -21.85 13.16 -1.29
C ALA A 406 -22.18 13.73 -2.65
N ASN A 407 -21.19 14.29 -3.35
CA ASN A 407 -21.41 14.81 -4.68
C ASN A 407 -21.87 13.70 -5.61
N LEU A 408 -21.35 12.46 -5.50
CA LEU A 408 -21.73 11.39 -6.41
C LEU A 408 -23.17 10.96 -6.19
N VAL A 409 -23.64 11.03 -4.94
CA VAL A 409 -25.02 10.67 -4.65
C VAL A 409 -25.96 11.63 -5.36
N TRP A 410 -25.70 12.93 -5.22
CA TRP A 410 -26.48 13.97 -5.85
C TRP A 410 -26.43 13.87 -7.38
N ASP A 411 -25.26 13.57 -7.96
CA ASP A 411 -25.15 13.45 -9.40
C ASP A 411 -26.13 12.40 -9.92
N ARG A 412 -26.31 11.32 -9.16
CA ARG A 412 -27.20 10.25 -9.55
C ARG A 412 -28.65 10.62 -9.23
N ALA A 413 -28.82 11.30 -8.09
CA ALA A 413 -30.11 11.81 -7.65
C ALA A 413 -30.71 12.66 -8.76
N LEU A 414 -29.94 13.62 -9.27
CA LEU A 414 -30.42 14.60 -10.25
C LEU A 414 -30.24 14.09 -11.67
N GLY A 415 -29.73 12.87 -11.85
CA GLY A 415 -29.67 12.20 -13.15
C GLY A 415 -28.69 12.86 -14.13
N TYR A 416 -27.61 13.49 -13.64
CA TYR A 416 -26.69 14.21 -14.52
C TYR A 416 -26.06 13.27 -15.54
N ALA A 417 -25.88 13.77 -16.76
CA ALA A 417 -25.53 12.92 -17.89
C ALA A 417 -24.02 12.75 -17.96
N ILE A 418 -23.63 11.79 -18.79
CA ILE A 418 -22.24 11.48 -19.07
C ILE A 418 -21.50 12.73 -19.55
N GLU A 419 -20.28 12.92 -19.00
CA GLU A 419 -19.45 14.05 -19.37
C GLU A 419 -18.68 13.69 -20.64
N ARG A 420 -19.01 14.36 -21.73
CA ARG A 420 -18.48 14.07 -23.06
C ARG A 420 -18.33 15.41 -23.77
N PRO A 421 -17.26 16.20 -23.46
CA PRO A 421 -16.96 17.41 -24.21
C PRO A 421 -16.36 17.04 -25.56
N LYS A 422 -16.09 18.05 -26.40
CA LYS A 422 -15.59 17.83 -27.74
C LYS A 422 -14.13 18.24 -27.80
N SER A 423 -13.33 17.50 -28.59
CA SER A 423 -11.93 17.81 -28.80
C SER A 423 -11.74 18.53 -30.14
N VAL A 424 -10.64 19.27 -30.22
CA VAL A 424 -10.27 19.95 -31.45
C VAL A 424 -8.75 19.81 -31.61
N THR A 425 -8.30 19.93 -32.86
CA THR A 425 -6.89 19.79 -33.17
C THR A 425 -6.25 21.16 -33.11
N THR A 426 -4.92 21.16 -33.17
CA THR A 426 -4.16 22.38 -33.34
C THR A 426 -4.39 22.95 -34.73
N ASP A 427 -4.52 22.09 -35.74
CA ASP A 427 -4.90 22.49 -37.09
C ASP A 427 -6.19 23.31 -37.10
N MET A 428 -7.21 22.84 -36.36
CA MET A 428 -8.50 23.49 -36.26
C MET A 428 -8.35 24.82 -35.51
N LEU A 429 -7.59 24.88 -34.42
CA LEU A 429 -7.37 26.14 -33.71
C LEU A 429 -6.63 27.15 -34.56
N GLU A 430 -5.84 26.63 -35.50
CA GLU A 430 -5.02 27.45 -36.38
C GLU A 430 -5.87 28.02 -37.50
N LYS A 431 -6.82 27.23 -38.02
CA LYS A 431 -7.83 27.74 -38.95
C LYS A 431 -8.61 28.91 -38.29
N TRP A 432 -9.15 28.74 -37.07
CA TRP A 432 -9.91 29.79 -36.39
C TRP A 432 -9.07 31.02 -36.04
N ALA A 433 -7.75 30.89 -35.94
CA ALA A 433 -6.92 32.06 -35.70
C ALA A 433 -6.62 32.78 -37.03
N GLY A 434 -6.82 32.07 -38.14
CA GLY A 434 -6.51 32.64 -39.46
C GLY A 434 -5.05 32.45 -39.84
N ILE A 435 -4.68 31.25 -40.30
CA ILE A 435 -3.28 30.96 -40.62
C ILE A 435 -3.19 30.17 -41.93
N SER B 2 16.12 5.17 -29.37
CA SER B 2 15.73 4.47 -30.61
C SER B 2 15.52 5.49 -31.73
N PHE B 3 15.23 5.00 -32.93
CA PHE B 3 14.82 5.88 -34.01
C PHE B 3 13.52 6.58 -33.63
N LEU B 4 12.54 5.85 -33.05
CA LEU B 4 11.22 6.37 -32.67
C LEU B 4 11.32 7.55 -31.70
N LYS B 5 12.17 7.44 -30.67
CA LYS B 5 12.32 8.52 -29.72
C LYS B 5 12.96 9.75 -30.37
N GLU B 6 13.95 9.56 -31.24
CA GLU B 6 14.58 10.67 -31.94
C GLU B 6 13.58 11.34 -32.87
N LYS B 7 12.84 10.53 -33.65
CA LYS B 7 11.84 10.98 -34.60
C LYS B 7 10.75 11.77 -33.88
N LEU B 8 10.40 11.32 -32.68
CA LEU B 8 9.33 11.91 -31.91
C LEU B 8 9.83 13.23 -31.31
N ALA B 9 11.13 13.32 -31.02
CA ALA B 9 11.70 14.56 -30.52
C ALA B 9 11.68 15.63 -31.61
N GLU B 10 11.85 15.21 -32.88
CA GLU B 10 11.85 16.11 -34.02
C GLU B 10 10.48 16.73 -34.18
N LYS B 11 9.44 15.89 -34.11
CA LYS B 11 8.06 16.33 -34.27
C LYS B 11 7.66 17.30 -33.16
N ILE B 12 8.22 17.08 -31.97
CA ILE B 12 7.87 17.87 -30.79
C ILE B 12 8.43 19.28 -30.97
N ALA B 13 9.67 19.37 -31.47
CA ALA B 13 10.34 20.64 -31.68
C ALA B 13 9.64 21.43 -32.78
N GLN B 14 9.14 20.74 -33.83
CA GLN B 14 8.34 21.41 -34.86
C GLN B 14 7.00 21.93 -34.30
N HIS B 15 6.38 21.22 -33.33
CA HIS B 15 5.01 21.48 -32.92
C HIS B 15 4.95 22.51 -31.79
N ARG B 16 6.00 22.61 -30.99
CA ARG B 16 5.97 23.49 -29.83
C ARG B 16 5.76 24.94 -30.29
N PRO B 17 6.47 25.47 -31.31
CA PRO B 17 6.23 26.83 -31.80
C PRO B 17 4.78 27.14 -32.18
N ARG B 18 4.15 26.24 -32.95
CA ARG B 18 2.76 26.36 -33.33
C ARG B 18 1.87 26.61 -32.11
N THR B 19 2.13 25.85 -31.02
CA THR B 19 1.37 25.91 -29.78
C THR B 19 1.69 27.20 -29.05
N THR B 20 2.98 27.56 -28.94
CA THR B 20 3.42 28.77 -28.25
C THR B 20 2.80 30.02 -28.88
N ARG B 21 2.63 29.98 -30.20
CA ARG B 21 2.09 31.09 -30.97
C ARG B 21 0.60 31.25 -30.65
N LEU B 22 -0.15 30.16 -30.78
CA LEU B 22 -1.57 30.17 -30.44
C LEU B 22 -1.81 30.79 -29.07
N LEU B 23 -0.94 30.54 -28.10
CA LEU B 23 -1.18 30.98 -26.73
C LEU B 23 -0.87 32.46 -26.59
N LYS B 24 0.31 32.87 -27.08
CA LYS B 24 0.79 34.24 -26.92
C LYS B 24 0.00 35.20 -27.81
N GLU B 25 -0.27 34.81 -29.07
CA GLU B 25 -0.82 35.73 -30.05
C GLU B 25 -2.33 35.57 -30.22
N PHE B 26 -2.95 34.46 -29.77
CA PHE B 26 -4.34 34.18 -30.13
C PHE B 26 -5.14 33.58 -28.97
N GLY B 27 -4.66 33.82 -27.73
CA GLY B 27 -5.24 33.25 -26.53
C GLY B 27 -6.68 33.69 -26.26
N ASN B 28 -7.07 34.89 -26.74
CA ASN B 28 -8.37 35.47 -26.43
C ASN B 28 -9.37 35.23 -27.55
N VAL B 29 -8.95 34.57 -28.63
CA VAL B 29 -9.91 34.22 -29.67
C VAL B 29 -10.91 33.24 -29.07
N LYS B 30 -12.21 33.61 -29.12
CA LYS B 30 -13.28 32.76 -28.63
C LYS B 30 -13.51 31.65 -29.66
N ILE B 31 -13.94 30.46 -29.22
CA ILE B 31 -14.17 29.31 -30.09
C ILE B 31 -15.49 28.60 -29.76
N ASP B 32 -16.02 28.82 -28.56
CA ASP B 32 -17.34 28.29 -28.23
C ASP B 32 -17.92 29.07 -27.05
N GLU B 33 -19.17 28.73 -26.71
CA GLU B 33 -19.87 29.34 -25.60
C GLU B 33 -20.56 28.23 -24.80
N VAL B 34 -20.78 28.51 -23.51
CA VAL B 34 -21.38 27.56 -22.59
C VAL B 34 -22.80 28.00 -22.27
N THR B 35 -23.77 27.11 -22.51
CA THR B 35 -25.15 27.31 -22.09
C THR B 35 -25.41 26.48 -20.84
N ILE B 36 -26.55 26.75 -20.19
CA ILE B 36 -26.96 26.05 -18.97
C ILE B 36 -27.16 24.55 -19.26
N SER B 37 -27.83 24.24 -20.36
CA SER B 37 -28.05 22.83 -20.76
C SER B 37 -26.73 22.08 -20.83
N GLN B 38 -25.64 22.77 -21.17
CA GLN B 38 -24.39 22.08 -21.39
C GLN B 38 -23.63 21.86 -20.07
N ALA B 39 -23.73 22.80 -19.13
CA ALA B 39 -23.11 22.66 -17.82
C ALA B 39 -23.80 21.56 -16.98
N ILE B 40 -25.13 21.44 -17.10
CA ILE B 40 -25.90 20.43 -16.41
C ILE B 40 -25.80 19.08 -17.13
N GLY B 41 -25.58 19.13 -18.45
CA GLY B 41 -25.62 17.93 -19.28
C GLY B 41 -24.22 17.46 -19.68
N GLY B 42 -23.27 17.55 -18.75
CA GLY B 42 -21.97 16.90 -18.88
C GLY B 42 -21.18 17.49 -20.05
N MET B 43 -21.09 18.83 -20.05
CA MET B 43 -20.28 19.60 -20.98
C MET B 43 -20.57 19.22 -22.45
N ARG B 44 -21.77 18.69 -22.75
CA ARG B 44 -21.98 18.09 -24.06
C ARG B 44 -21.83 19.16 -25.13
N GLY B 45 -20.91 18.93 -26.07
CA GLY B 45 -20.71 19.80 -27.22
C GLY B 45 -19.63 20.87 -26.99
N ILE B 46 -19.14 21.05 -25.75
CA ILE B 46 -18.21 22.15 -25.49
C ILE B 46 -16.83 21.80 -26.06
N LYS B 47 -16.27 22.73 -26.86
CA LYS B 47 -14.95 22.61 -27.44
C LYS B 47 -13.94 23.13 -26.43
N SER B 48 -13.41 22.20 -25.61
CA SER B 48 -12.66 22.54 -24.41
C SER B 48 -11.35 21.73 -24.27
N LEU B 49 -11.11 20.82 -25.22
CA LEU B 49 -9.95 19.95 -25.17
C LEU B 49 -9.19 20.01 -26.50
N VAL B 50 -7.85 19.89 -26.42
CA VAL B 50 -7.01 19.85 -27.59
C VAL B 50 -6.28 18.50 -27.70
N THR B 51 -6.49 17.79 -28.83
CA THR B 51 -5.79 16.55 -29.17
C THR B 51 -5.49 16.53 -30.67
N ASP B 52 -4.33 15.96 -31.06
CA ASP B 52 -3.96 15.83 -32.47
C ASP B 52 -3.93 14.36 -32.91
N ILE B 53 -4.12 13.43 -31.96
CA ILE B 53 -3.95 12.01 -32.24
C ILE B 53 -5.08 11.55 -33.16
N SER B 54 -6.30 11.99 -32.88
CA SER B 54 -7.45 11.61 -33.68
C SER B 54 -8.50 12.71 -33.59
N TYR B 55 -9.34 12.77 -34.62
CA TYR B 55 -10.43 13.72 -34.66
C TYR B 55 -11.69 13.00 -35.12
N LEU B 56 -12.77 13.25 -34.39
CA LEU B 56 -14.08 12.72 -34.71
C LEU B 56 -14.91 13.81 -35.36
N ASP B 57 -15.10 13.68 -36.67
CA ASP B 57 -16.10 14.45 -37.40
C ASP B 57 -17.46 13.76 -37.18
N PRO B 58 -18.54 14.45 -36.72
CA PRO B 58 -19.87 13.82 -36.59
C PRO B 58 -20.40 13.01 -37.79
N GLU B 59 -19.85 13.29 -38.98
CA GLU B 59 -20.36 12.77 -40.26
C GLU B 59 -19.46 11.68 -40.85
N GLU B 60 -18.19 12.02 -41.20
CA GLU B 60 -17.30 11.07 -41.86
C GLU B 60 -16.85 9.98 -40.89
N GLY B 61 -16.71 10.35 -39.61
CA GLY B 61 -16.26 9.46 -38.56
C GLY B 61 -14.88 9.86 -37.99
N ILE B 62 -14.15 8.84 -37.53
CA ILE B 62 -12.86 9.01 -36.89
C ILE B 62 -11.75 9.06 -37.96
N ARG B 63 -10.79 9.99 -37.78
CA ARG B 63 -9.55 10.03 -38.51
C ARG B 63 -8.41 9.90 -37.50
N PHE B 64 -7.49 8.96 -37.75
CA PHE B 64 -6.28 8.83 -36.96
C PHE B 64 -5.15 9.60 -37.64
N ARG B 65 -4.73 10.71 -37.04
CA ARG B 65 -3.64 11.51 -37.58
C ARG B 65 -3.90 11.89 -39.05
N GLY B 66 -5.15 12.21 -39.37
CA GLY B 66 -5.54 12.64 -40.70
C GLY B 66 -6.07 11.50 -41.56
N TYR B 67 -5.73 10.24 -41.26
CA TYR B 67 -6.16 9.14 -42.11
C TYR B 67 -7.51 8.54 -41.68
N THR B 68 -8.35 8.18 -42.66
CA THR B 68 -9.54 7.38 -42.40
C THR B 68 -9.12 5.95 -42.07
N ILE B 69 -10.07 5.18 -41.55
CA ILE B 69 -9.81 3.81 -41.17
C ILE B 69 -9.42 3.02 -42.41
N PRO B 70 -10.19 3.08 -43.53
CA PRO B 70 -9.83 2.30 -44.70
C PRO B 70 -8.41 2.66 -45.17
N GLU B 71 -8.00 3.92 -44.97
CA GLU B 71 -6.66 4.37 -45.33
C GLU B 71 -5.63 3.73 -44.40
N VAL B 72 -5.91 3.71 -43.09
CA VAL B 72 -4.96 3.18 -42.13
C VAL B 72 -4.74 1.68 -42.38
N LEU B 73 -5.83 0.93 -42.59
CA LEU B 73 -5.69 -0.49 -42.85
C LEU B 73 -4.97 -0.72 -44.17
N GLU B 74 -5.25 0.15 -45.15
CA GLU B 74 -4.60 0.16 -46.44
C GLU B 74 -3.08 0.29 -46.30
N LYS B 75 -2.59 1.32 -45.59
CA LYS B 75 -1.19 1.76 -45.69
C LYS B 75 -0.26 1.16 -44.63
N LEU B 76 -0.80 0.72 -43.48
CA LEU B 76 0.05 0.18 -42.43
C LEU B 76 0.65 -1.15 -42.89
N PRO B 77 1.97 -1.41 -42.62
CA PRO B 77 2.59 -2.71 -42.85
C PRO B 77 1.85 -3.91 -42.28
N LYS B 78 1.62 -4.93 -43.12
CA LYS B 78 0.89 -6.12 -42.75
C LYS B 78 1.82 -7.15 -42.11
N VAL B 79 1.23 -8.06 -41.32
CA VAL B 79 1.97 -9.16 -40.73
C VAL B 79 2.13 -10.25 -41.79
N PRO B 80 3.36 -10.78 -42.01
CA PRO B 80 3.56 -11.90 -42.92
C PRO B 80 2.71 -13.11 -42.53
N GLY B 81 1.95 -13.64 -43.50
CA GLY B 81 1.06 -14.78 -43.29
C GLY B 81 -0.39 -14.35 -43.06
N ALA B 82 -0.61 -13.04 -42.85
CA ALA B 82 -1.81 -12.54 -42.21
C ALA B 82 -2.34 -11.26 -42.89
N GLU B 83 -3.64 -11.05 -42.72
CA GLU B 83 -4.42 -10.06 -43.46
C GLU B 83 -4.26 -8.66 -42.85
N MET B 84 -3.88 -8.59 -41.58
CA MET B 84 -4.02 -7.36 -40.82
C MET B 84 -2.67 -6.78 -40.45
N PRO B 85 -2.60 -5.45 -40.21
CA PRO B 85 -1.38 -4.76 -39.81
C PRO B 85 -0.83 -5.08 -38.42
N TYR B 86 0.48 -4.85 -38.24
CA TYR B 86 1.10 -4.81 -36.93
C TYR B 86 0.44 -3.71 -36.10
N VAL B 87 -0.05 -4.06 -34.90
CA VAL B 87 -0.62 -3.08 -33.98
C VAL B 87 0.45 -2.06 -33.61
N GLU B 88 1.71 -2.51 -33.59
CA GLU B 88 2.89 -1.72 -33.30
C GLU B 88 3.04 -0.58 -34.32
N GLY B 89 2.65 -0.83 -35.58
CA GLY B 89 2.73 0.18 -36.61
C GLY B 89 1.71 1.28 -36.37
N HIS B 90 0.52 0.87 -35.94
CA HIS B 90 -0.52 1.83 -35.64
C HIS B 90 -0.07 2.71 -34.48
N PHE B 91 0.68 2.15 -33.54
CA PHE B 91 1.19 2.91 -32.40
C PHE B 91 2.20 3.96 -32.87
N TYR B 92 3.08 3.55 -33.80
CA TYR B 92 4.04 4.44 -34.42
C TYR B 92 3.29 5.62 -35.06
N LEU B 93 2.23 5.30 -35.81
CA LEU B 93 1.47 6.31 -36.53
C LEU B 93 0.85 7.33 -35.59
N LEU B 94 0.27 6.84 -34.47
CA LEU B 94 -0.39 7.69 -33.49
C LEU B 94 0.63 8.58 -32.80
N LEU B 95 1.82 8.06 -32.51
CA LEU B 95 2.83 8.85 -31.83
C LEU B 95 3.40 9.93 -32.74
N THR B 96 3.72 9.56 -33.99
CA THR B 96 4.58 10.38 -34.83
C THR B 96 3.76 11.20 -35.81
N GLY B 97 2.65 10.63 -36.29
CA GLY B 97 1.91 11.20 -37.39
C GLY B 97 2.25 10.55 -38.74
N ASP B 98 3.25 9.67 -38.76
CA ASP B 98 3.82 9.13 -40.00
C ASP B 98 3.43 7.66 -40.16
N VAL B 99 3.14 7.23 -41.40
CA VAL B 99 3.06 5.79 -41.67
C VAL B 99 4.47 5.23 -41.63
N PRO B 100 4.79 4.24 -40.75
CA PRO B 100 6.13 3.66 -40.72
C PRO B 100 6.43 2.68 -41.86
N THR B 101 7.74 2.63 -42.20
CA THR B 101 8.27 1.67 -43.14
C THR B 101 8.26 0.30 -42.46
N GLU B 102 8.35 -0.76 -43.26
CA GLU B 102 8.44 -2.10 -42.71
C GLU B 102 9.64 -2.21 -41.77
N LYS B 103 10.64 -1.33 -41.89
CA LYS B 103 11.84 -1.41 -41.06
C LYS B 103 11.59 -0.76 -39.69
N GLU B 104 10.86 0.35 -39.66
CA GLU B 104 10.55 1.07 -38.41
C GLU B 104 9.54 0.32 -37.53
N VAL B 105 8.63 -0.45 -38.14
CA VAL B 105 7.70 -1.30 -37.41
C VAL B 105 8.45 -2.41 -36.68
N LYS B 106 9.52 -2.91 -37.29
CA LYS B 106 10.26 -4.03 -36.73
C LYS B 106 11.09 -3.58 -35.54
N GLU B 107 11.44 -2.30 -35.49
CA GLU B 107 12.21 -1.81 -34.36
C GLU B 107 11.28 -1.71 -33.14
N VAL B 108 10.05 -1.26 -33.38
CA VAL B 108 9.06 -1.12 -32.32
C VAL B 108 8.71 -2.49 -31.76
N ALA B 109 8.40 -3.43 -32.67
CA ALA B 109 8.04 -4.78 -32.32
C ALA B 109 9.13 -5.43 -31.47
N GLU B 110 10.41 -5.19 -31.81
CA GLU B 110 11.53 -5.68 -31.02
C GLU B 110 11.56 -4.98 -29.67
N GLU B 111 11.19 -3.70 -29.62
CA GLU B 111 11.21 -2.98 -28.36
C GLU B 111 10.09 -3.49 -27.46
N PHE B 112 8.95 -3.90 -28.04
CA PHE B 112 7.85 -4.42 -27.25
C PHE B 112 8.19 -5.78 -26.65
N LYS B 113 8.88 -6.60 -27.43
CA LYS B 113 9.29 -7.93 -26.99
C LYS B 113 10.18 -7.85 -25.75
N LYS B 114 11.07 -6.85 -25.71
CA LYS B 114 11.93 -6.65 -24.55
C LYS B 114 11.13 -6.26 -23.30
N ARG B 115 9.90 -5.74 -23.46
CA ARG B 115 9.22 -5.09 -22.36
C ARG B 115 7.90 -5.76 -21.97
N ARG B 116 7.56 -6.93 -22.50
CA ARG B 116 6.18 -7.38 -22.37
C ARG B 116 5.97 -8.33 -21.18
N ALA B 117 7.04 -8.55 -20.41
CA ALA B 117 6.99 -9.47 -19.29
C ALA B 117 6.27 -8.78 -18.14
N LEU B 118 5.28 -9.50 -17.62
CA LEU B 118 4.48 -9.11 -16.47
C LEU B 118 5.25 -9.32 -15.16
N PRO B 119 5.35 -8.32 -14.26
CA PRO B 119 5.93 -8.53 -12.93
C PRO B 119 5.22 -9.65 -12.19
N GLU B 120 5.98 -10.47 -11.49
CA GLU B 120 5.41 -11.54 -10.67
C GLU B 120 4.43 -10.95 -9.65
N TYR B 121 4.73 -9.79 -9.05
CA TYR B 121 3.89 -9.26 -8.00
C TYR B 121 2.51 -8.86 -8.52
N VAL B 122 2.39 -8.59 -9.82
CA VAL B 122 1.10 -8.30 -10.44
C VAL B 122 0.24 -9.56 -10.45
N LYS B 123 0.81 -10.69 -10.81
CA LYS B 123 0.11 -11.95 -10.69
C LYS B 123 -0.29 -12.24 -9.23
N ASP B 124 0.62 -12.06 -8.29
CA ASP B 124 0.33 -12.23 -6.87
C ASP B 124 -0.86 -11.37 -6.46
N THR B 125 -0.89 -10.14 -6.96
CA THR B 125 -1.94 -9.21 -6.59
C THR B 125 -3.29 -9.71 -7.08
N LEU B 126 -3.37 -10.02 -8.39
CA LEU B 126 -4.59 -10.55 -9.00
C LEU B 126 -5.11 -11.82 -8.32
N LYS B 127 -4.22 -12.65 -7.78
CA LYS B 127 -4.63 -13.84 -7.06
C LYS B 127 -5.20 -13.48 -5.68
N ALA B 128 -4.61 -12.47 -5.04
CA ALA B 128 -5.07 -12.03 -3.73
C ALA B 128 -6.48 -11.42 -3.82
N MET B 129 -6.79 -10.78 -4.95
CA MET B 129 -8.13 -10.30 -5.19
C MET B 129 -9.04 -11.49 -5.46
N PRO B 130 -10.25 -11.57 -4.86
CA PRO B 130 -11.18 -12.69 -5.06
C PRO B 130 -11.38 -12.95 -6.55
N ARG B 131 -11.43 -14.24 -6.89
CA ARG B 131 -11.41 -14.65 -8.29
C ARG B 131 -12.68 -14.22 -9.00
N ASP B 132 -13.76 -13.95 -8.24
CA ASP B 132 -15.06 -13.56 -8.80
C ASP B 132 -15.18 -12.05 -8.99
N THR B 133 -14.10 -11.30 -8.74
CA THR B 133 -13.99 -9.89 -9.12
C THR B 133 -14.14 -9.70 -10.64
N HIS B 134 -14.88 -8.67 -11.02
CA HIS B 134 -15.10 -8.32 -12.41
C HIS B 134 -13.73 -8.13 -13.07
N PRO B 135 -13.51 -8.65 -14.30
CA PRO B 135 -12.22 -8.56 -14.96
C PRO B 135 -11.67 -7.16 -15.17
N MET B 136 -12.55 -6.19 -15.35
CA MET B 136 -12.10 -4.81 -15.52
C MET B 136 -11.54 -4.26 -14.21
N THR B 137 -12.01 -4.79 -13.08
CA THR B 137 -11.46 -4.41 -11.80
C THR B 137 -10.04 -4.96 -11.71
N MET B 138 -9.88 -6.22 -12.11
CA MET B 138 -8.59 -6.85 -12.09
C MET B 138 -7.64 -6.15 -13.04
N PHE B 139 -8.10 -5.83 -14.24
CA PHE B 139 -7.29 -5.12 -15.22
C PHE B 139 -6.73 -3.82 -14.64
N ALA B 140 -7.62 -2.95 -14.13
CA ALA B 140 -7.25 -1.64 -13.60
C ALA B 140 -6.29 -1.77 -12.40
N ALA B 141 -6.49 -2.77 -11.54
CA ALA B 141 -5.59 -3.03 -10.43
C ALA B 141 -4.22 -3.55 -10.86
N GLY B 142 -4.18 -4.36 -11.91
CA GLY B 142 -2.89 -4.79 -12.45
C GLY B 142 -2.04 -3.63 -12.95
N ILE B 143 -2.70 -2.66 -13.57
CA ILE B 143 -2.03 -1.48 -14.11
C ILE B 143 -1.51 -0.63 -12.94
N LEU B 144 -2.42 -0.37 -12.02
CA LEU B 144 -2.18 0.44 -10.85
C LEU B 144 -0.97 -0.07 -10.06
N ALA B 145 -0.91 -1.40 -9.84
CA ALA B 145 0.14 -2.03 -9.05
C ALA B 145 1.51 -1.75 -9.65
N MET B 146 1.58 -1.63 -10.99
CA MET B 146 2.81 -1.43 -11.73
C MET B 146 3.32 0.01 -11.69
N GLN B 147 2.57 0.90 -11.05
CA GLN B 147 2.97 2.28 -10.82
C GLN B 147 4.31 2.36 -10.07
N ARG B 148 4.59 1.31 -9.28
CA ARG B 148 5.88 1.14 -8.61
C ARG B 148 7.06 1.28 -9.58
N GLU B 149 6.88 0.98 -10.87
CA GLU B 149 7.95 0.96 -11.86
C GLU B 149 7.99 2.25 -12.69
N SER B 150 7.21 3.26 -12.30
CA SER B 150 7.05 4.44 -13.11
C SER B 150 8.38 5.19 -13.18
N LYS B 151 8.82 5.46 -14.41
CA LYS B 151 10.04 6.20 -14.68
C LYS B 151 9.78 7.68 -14.49
N PHE B 152 8.62 8.10 -14.98
CA PHE B 152 8.16 9.45 -14.77
C PHE B 152 8.11 9.78 -13.28
N ALA B 153 7.53 8.89 -12.45
CA ALA B 153 7.39 9.17 -11.03
C ALA B 153 8.78 9.31 -10.43
N ALA B 154 9.67 8.34 -10.74
CA ALA B 154 11.06 8.36 -10.30
C ALA B 154 11.75 9.68 -10.67
N TYR B 155 11.58 10.09 -11.93
CA TYR B 155 12.14 11.32 -12.48
C TYR B 155 11.70 12.52 -11.63
N TYR B 156 10.38 12.67 -11.44
CA TYR B 156 9.86 13.77 -10.68
C TYR B 156 10.35 13.71 -9.22
N ASN B 157 10.24 12.54 -8.59
CA ASN B 157 10.52 12.41 -7.16
C ASN B 157 12.01 12.59 -6.87
N ALA B 158 12.86 12.31 -7.86
CA ALA B 158 14.29 12.57 -7.77
C ALA B 158 14.67 14.05 -8.06
N GLY B 159 13.68 14.95 -8.20
CA GLY B 159 13.95 16.37 -8.35
C GLY B 159 14.52 16.78 -9.72
N LYS B 160 14.34 15.97 -10.77
CA LYS B 160 14.92 16.23 -12.09
C LYS B 160 13.87 16.76 -13.08
N PHE B 161 12.67 17.09 -12.59
CA PHE B 161 11.59 17.54 -13.45
C PHE B 161 12.02 18.80 -14.21
N ASN B 162 11.71 18.85 -15.50
CA ASN B 162 12.15 19.90 -16.38
C ASN B 162 11.06 20.03 -17.42
N LYS B 163 10.48 21.21 -17.58
CA LYS B 163 9.34 21.35 -18.47
C LYS B 163 9.63 20.72 -19.83
N ASN B 164 10.88 20.69 -20.30
CA ASN B 164 11.17 20.37 -21.70
C ASN B 164 11.30 18.87 -21.97
N THR B 165 11.85 18.12 -21.01
CA THR B 165 12.25 16.73 -21.21
C THR B 165 11.31 15.76 -20.46
N ALA B 166 10.23 16.30 -19.87
CA ALA B 166 9.22 15.51 -19.16
C ALA B 166 8.62 14.42 -20.05
N TRP B 167 8.52 14.66 -21.37
CA TRP B 167 7.87 13.67 -22.22
C TRP B 167 8.73 12.42 -22.34
N GLU B 168 10.02 12.56 -22.05
CA GLU B 168 10.95 11.47 -22.31
C GLU B 168 10.65 10.26 -21.40
N PRO B 169 10.74 10.37 -20.04
CA PRO B 169 10.29 9.29 -19.15
C PRO B 169 8.84 8.86 -19.37
N MET B 170 7.97 9.83 -19.67
CA MET B 170 6.57 9.53 -19.94
C MET B 170 6.47 8.60 -21.15
N PHE B 171 7.30 8.81 -22.18
CA PHE B 171 7.35 7.93 -23.34
C PHE B 171 7.85 6.51 -23.00
N GLU B 172 8.77 6.40 -22.04
CA GLU B 172 9.29 5.09 -21.65
C GLU B 172 8.21 4.32 -20.89
N ASP B 173 7.51 5.01 -19.97
CA ASP B 173 6.37 4.43 -19.27
C ASP B 173 5.33 3.96 -20.27
N ALA B 174 5.12 4.76 -21.34
CA ALA B 174 4.14 4.43 -22.35
C ALA B 174 4.56 3.17 -23.11
N MET B 175 5.83 3.05 -23.49
CA MET B 175 6.29 1.86 -24.20
C MET B 175 6.15 0.62 -23.33
N ASP B 176 6.49 0.77 -22.04
CA ASP B 176 6.45 -0.31 -21.05
C ASP B 176 5.03 -0.75 -20.80
N LEU B 177 4.13 0.19 -20.54
CA LEU B 177 2.76 -0.19 -20.21
C LEU B 177 2.09 -0.75 -21.45
N MET B 178 2.33 -0.16 -22.62
CA MET B 178 1.66 -0.63 -23.83
C MET B 178 2.08 -2.07 -24.12
N ALA B 179 3.37 -2.40 -23.90
CA ALA B 179 3.90 -3.71 -24.24
C ALA B 179 3.35 -4.82 -23.33
N LYS B 180 2.91 -4.47 -22.11
CA LYS B 180 2.44 -5.43 -21.11
C LYS B 180 0.93 -5.60 -21.05
N LEU B 181 0.12 -4.60 -21.48
CA LEU B 181 -1.33 -4.68 -21.33
C LEU B 181 -1.95 -5.94 -21.96
N PRO B 182 -1.49 -6.41 -23.13
CA PRO B 182 -2.05 -7.63 -23.71
C PRO B 182 -1.76 -8.88 -22.87
N SER B 183 -0.52 -9.00 -22.37
CA SER B 183 -0.19 -10.02 -21.38
C SER B 183 -1.10 -9.93 -20.16
N LEU B 184 -1.33 -8.71 -19.64
CA LEU B 184 -2.17 -8.56 -18.46
C LEU B 184 -3.58 -9.05 -18.76
N GLY B 185 -4.13 -8.59 -19.89
CA GLY B 185 -5.46 -9.00 -20.32
C GLY B 185 -5.59 -10.52 -20.42
N ALA B 186 -4.62 -11.12 -21.10
CA ALA B 186 -4.59 -12.57 -21.28
C ALA B 186 -4.51 -13.29 -19.94
N TYR B 187 -3.68 -12.80 -18.99
CA TYR B 187 -3.57 -13.47 -17.70
C TYR B 187 -4.93 -13.58 -17.01
N ILE B 188 -5.67 -12.46 -17.05
CA ILE B 188 -6.99 -12.38 -16.46
C ILE B 188 -7.96 -13.34 -17.17
N TYR B 189 -7.92 -13.34 -18.51
CA TYR B 189 -8.78 -14.25 -19.25
C TYR B 189 -8.58 -15.67 -18.77
N ARG B 190 -7.32 -16.09 -18.69
CA ARG B 190 -6.98 -17.48 -18.42
C ARG B 190 -7.29 -17.83 -16.97
N MET B 191 -6.91 -16.94 -16.06
CA MET B 191 -7.06 -17.20 -14.62
C MET B 191 -8.54 -17.31 -14.25
N LYS B 192 -9.38 -16.53 -14.95
CA LYS B 192 -10.80 -16.47 -14.62
C LYS B 192 -11.57 -17.54 -15.40
N TYR B 193 -11.24 -17.71 -16.69
CA TYR B 193 -12.17 -18.31 -17.64
C TYR B 193 -11.63 -19.60 -18.25
N LYS B 194 -10.34 -19.90 -18.13
CA LYS B 194 -9.73 -21.02 -18.82
C LYS B 194 -8.94 -21.93 -17.89
N SER B 195 -9.50 -22.14 -16.71
CA SER B 195 -8.96 -23.09 -15.73
C SER B 195 -7.60 -22.66 -15.15
N ASP B 196 -7.26 -21.37 -15.26
CA ASP B 196 -6.04 -20.85 -14.65
C ASP B 196 -4.84 -21.69 -15.15
N THR B 197 -4.87 -22.12 -16.40
CA THR B 197 -3.65 -22.56 -17.05
C THR B 197 -3.22 -21.50 -18.07
N HIS B 198 -1.91 -21.26 -18.15
CA HIS B 198 -1.34 -20.10 -18.82
C HIS B 198 -0.42 -20.57 -19.93
N ILE B 199 -0.61 -20.02 -21.12
CA ILE B 199 0.30 -20.22 -22.23
C ILE B 199 1.34 -19.10 -22.19
N PRO B 200 2.65 -19.42 -22.20
CA PRO B 200 3.68 -18.37 -22.17
C PRO B 200 3.69 -17.55 -23.45
N SER B 201 4.14 -16.30 -23.30
CA SER B 201 4.32 -15.41 -24.45
C SER B 201 5.39 -15.99 -25.37
N ASN B 202 5.14 -15.86 -26.69
CA ASN B 202 6.04 -16.29 -27.75
C ASN B 202 6.81 -15.08 -28.27
N PRO B 203 8.14 -14.99 -28.03
CA PRO B 203 8.94 -13.86 -28.52
C PRO B 203 9.00 -13.69 -30.05
N ASP B 204 8.50 -14.67 -30.82
CA ASP B 204 8.57 -14.60 -32.27
C ASP B 204 7.29 -14.01 -32.84
N LEU B 205 6.37 -13.52 -32.00
CA LEU B 205 5.06 -13.10 -32.45
C LEU B 205 4.88 -11.59 -32.26
N ASP B 206 4.09 -10.97 -33.14
CA ASP B 206 3.71 -9.57 -32.94
C ASP B 206 2.71 -9.50 -31.78
N LEU B 207 2.38 -8.27 -31.37
CA LEU B 207 1.50 -8.01 -30.24
C LEU B 207 0.17 -8.75 -30.39
N GLY B 208 -0.51 -8.55 -31.52
CA GLY B 208 -1.77 -9.21 -31.79
C GLY B 208 -1.65 -10.72 -31.87
N GLY B 209 -0.61 -11.22 -32.55
CA GLY B 209 -0.39 -12.65 -32.65
C GLY B 209 -0.14 -13.25 -31.28
N ASP B 210 0.66 -12.53 -30.47
CA ASP B 210 1.04 -13.04 -29.17
C ASP B 210 -0.15 -13.04 -28.20
N PHE B 211 -1.07 -12.08 -28.38
CA PHE B 211 -2.25 -12.01 -27.56
C PHE B 211 -3.12 -13.24 -27.79
N ALA B 212 -3.42 -13.51 -29.06
CA ALA B 212 -4.23 -14.68 -29.44
C ALA B 212 -3.61 -15.96 -28.91
N ASN B 213 -2.27 -16.03 -28.98
CA ASN B 213 -1.48 -17.12 -28.44
C ASN B 213 -1.76 -17.32 -26.94
N MET B 214 -1.55 -16.26 -26.16
CA MET B 214 -1.72 -16.32 -24.72
C MET B 214 -3.19 -16.55 -24.35
N MET B 215 -4.09 -16.10 -25.22
CA MET B 215 -5.51 -16.31 -24.98
C MET B 215 -5.88 -17.77 -25.22
N GLY B 216 -5.10 -18.41 -26.10
CA GLY B 216 -5.32 -19.80 -26.48
C GLY B 216 -6.28 -19.94 -27.66
N ILE B 217 -6.30 -18.96 -28.58
CA ILE B 217 -7.28 -18.96 -29.65
C ILE B 217 -6.53 -18.97 -30.98
N ASP B 218 -6.97 -19.84 -31.90
CA ASP B 218 -6.26 -20.07 -33.16
C ASP B 218 -6.64 -19.00 -34.17
N LYS B 219 -5.83 -18.96 -35.26
CA LYS B 219 -6.06 -18.11 -36.42
C LYS B 219 -7.49 -18.35 -36.92
N PRO B 220 -8.22 -17.32 -37.39
CA PRO B 220 -7.68 -15.96 -37.54
C PRO B 220 -7.93 -15.00 -36.38
N TYR B 221 -8.03 -15.52 -35.14
CA TYR B 221 -8.24 -14.64 -34.01
C TYR B 221 -7.13 -13.59 -33.93
N ASP B 222 -5.91 -13.97 -34.32
CA ASP B 222 -4.80 -13.04 -34.40
C ASP B 222 -5.23 -11.79 -35.18
N ASP B 223 -5.94 -11.97 -36.30
CA ASP B 223 -6.31 -10.84 -37.14
C ASP B 223 -7.48 -10.07 -36.54
N VAL B 224 -8.44 -10.81 -35.99
CA VAL B 224 -9.53 -10.26 -35.20
C VAL B 224 -9.00 -9.31 -34.14
N ALA B 225 -7.93 -9.71 -33.43
CA ALA B 225 -7.33 -8.95 -32.35
C ALA B 225 -6.65 -7.67 -32.84
N ARG B 226 -5.81 -7.82 -33.87
CA ARG B 226 -5.17 -6.68 -34.52
C ARG B 226 -6.20 -5.65 -34.94
N LEU B 227 -7.19 -6.08 -35.72
CA LEU B 227 -8.21 -5.16 -36.18
C LEU B 227 -8.86 -4.47 -34.97
N TYR B 228 -9.36 -5.27 -34.03
CA TYR B 228 -10.15 -4.78 -32.92
C TYR B 228 -9.37 -3.70 -32.17
N PHE B 229 -8.07 -3.95 -31.95
CA PHE B 229 -7.30 -3.02 -31.14
C PHE B 229 -7.08 -1.71 -31.90
N ILE B 230 -6.87 -1.83 -33.22
CA ILE B 230 -6.68 -0.68 -34.08
C ILE B 230 -7.96 0.15 -34.12
N LEU B 231 -9.12 -0.50 -34.31
CA LEU B 231 -10.40 0.21 -34.36
C LEU B 231 -10.70 0.96 -33.06
N HIS B 232 -10.35 0.34 -31.93
CA HIS B 232 -10.70 0.92 -30.64
C HIS B 232 -9.55 1.76 -30.08
N SER B 233 -8.52 2.05 -30.90
CA SER B 233 -7.31 2.70 -30.44
C SER B 233 -7.54 4.13 -29.97
N ASP B 234 -8.37 4.90 -30.66
CA ASP B 234 -8.69 6.24 -30.19
C ASP B 234 -10.06 6.62 -30.74
N HIS B 235 -10.64 7.65 -30.08
CA HIS B 235 -11.87 8.31 -30.48
C HIS B 235 -11.88 9.70 -29.86
N GLU B 236 -10.89 10.49 -30.29
CA GLU B 236 -10.48 11.77 -29.71
C GLU B 236 -10.49 11.71 -28.18
N SER B 237 -10.16 12.85 -27.54
CA SER B 237 -9.87 12.91 -26.10
C SER B 237 -11.09 13.33 -25.26
N GLY B 238 -12.30 13.28 -25.82
CA GLY B 238 -13.47 13.75 -25.11
C GLY B 238 -14.24 12.62 -24.41
N ASN B 239 -14.03 11.38 -24.90
CA ASN B 239 -14.67 10.22 -24.30
C ASN B 239 -14.16 10.04 -22.87
N VAL B 240 -14.98 9.39 -22.04
CA VAL B 240 -14.74 9.36 -20.61
C VAL B 240 -13.36 8.78 -20.29
N SER B 241 -13.02 7.63 -20.94
CA SER B 241 -11.76 6.93 -20.64
C SER B 241 -10.56 7.80 -21.05
N ALA B 242 -10.53 8.30 -22.29
CA ALA B 242 -9.42 9.15 -22.75
C ALA B 242 -9.36 10.43 -21.93
N HIS B 243 -10.52 11.06 -21.69
CA HIS B 243 -10.61 12.33 -20.94
C HIS B 243 -10.14 12.13 -19.52
N THR B 244 -10.44 10.96 -18.91
CA THR B 244 -10.02 10.71 -17.53
C THR B 244 -8.49 10.63 -17.44
N ALA B 245 -7.88 9.90 -18.37
CA ALA B 245 -6.43 9.75 -18.35
C ALA B 245 -5.80 11.12 -18.54
N HIS B 246 -6.28 11.83 -19.55
CA HIS B 246 -5.84 13.19 -19.78
C HIS B 246 -5.88 13.97 -18.47
N LEU B 247 -7.02 13.90 -17.79
CA LEU B 247 -7.29 14.75 -16.64
C LEU B 247 -6.35 14.37 -15.51
N VAL B 248 -6.30 13.07 -15.17
CA VAL B 248 -5.41 12.62 -14.12
C VAL B 248 -3.96 12.98 -14.42
N ALA B 249 -3.56 12.76 -15.67
CA ALA B 249 -2.17 12.96 -16.06
C ALA B 249 -1.78 14.45 -15.99
N SER B 250 -2.77 15.33 -16.14
CA SER B 250 -2.52 16.77 -16.13
C SER B 250 -2.05 17.26 -14.75
N ALA B 251 -2.27 16.46 -13.69
CA ALA B 251 -1.73 16.73 -12.35
C ALA B 251 -0.29 16.20 -12.19
N LEU B 252 0.24 15.61 -13.30
CA LEU B 252 1.54 14.97 -13.41
C LEU B 252 1.55 13.61 -12.70
N SER B 253 0.39 12.97 -12.63
CA SER B 253 0.34 11.56 -12.30
C SER B 253 0.92 10.81 -13.50
N ASP B 254 1.67 9.75 -13.24
CA ASP B 254 2.21 8.92 -14.32
C ASP B 254 1.11 8.16 -15.06
N ALA B 255 1.52 7.46 -16.12
CA ALA B 255 0.60 6.76 -17.02
C ALA B 255 -0.07 5.57 -16.35
N TYR B 256 0.57 5.03 -15.32
CA TYR B 256 -0.02 3.91 -14.60
C TYR B 256 -1.25 4.38 -13.82
N TYR B 257 -1.12 5.49 -13.11
CA TYR B 257 -2.23 6.13 -12.43
C TYR B 257 -3.30 6.56 -13.44
N ALA B 258 -2.86 7.24 -14.50
CA ALA B 258 -3.77 7.78 -15.50
C ALA B 258 -4.59 6.70 -16.21
N TYR B 259 -3.91 5.63 -16.60
CA TYR B 259 -4.58 4.58 -17.37
C TYR B 259 -5.40 3.68 -16.44
N SER B 260 -4.95 3.47 -15.20
CA SER B 260 -5.79 2.81 -14.21
C SER B 260 -7.10 3.57 -14.03
N ALA B 261 -7.02 4.90 -13.82
CA ALA B 261 -8.19 5.75 -13.70
C ALA B 261 -9.11 5.66 -14.92
N ALA B 262 -8.54 5.67 -16.12
CA ALA B 262 -9.29 5.58 -17.36
C ALA B 262 -10.09 4.28 -17.45
N MET B 263 -9.52 3.17 -17.00
CA MET B 263 -10.20 1.87 -16.99
C MET B 263 -11.35 1.86 -15.97
N CYS B 264 -11.20 2.60 -14.86
CA CYS B 264 -12.33 2.84 -13.98
C CYS B 264 -13.48 3.53 -14.74
N GLY B 265 -13.16 4.46 -15.65
CA GLY B 265 -14.13 5.12 -16.51
C GLY B 265 -14.72 4.16 -17.56
N LEU B 266 -13.84 3.40 -18.22
CA LEU B 266 -14.27 2.48 -19.26
C LEU B 266 -15.19 1.38 -18.71
N ALA B 267 -15.10 1.06 -17.43
CA ALA B 267 -15.92 0.01 -16.84
C ALA B 267 -17.38 0.46 -16.64
N GLY B 268 -17.63 1.77 -16.75
CA GLY B 268 -18.98 2.33 -16.70
C GLY B 268 -19.93 1.69 -17.71
N PRO B 269 -21.18 1.36 -17.33
CA PRO B 269 -22.15 0.82 -18.28
C PRO B 269 -22.45 1.72 -19.46
N LEU B 270 -22.35 3.04 -19.28
CA LEU B 270 -22.57 3.98 -20.38
C LEU B 270 -21.34 4.15 -21.25
N HIS B 271 -20.28 3.39 -21.01
CA HIS B 271 -19.08 3.50 -21.83
C HIS B 271 -18.64 2.13 -22.35
N GLY B 272 -18.24 1.23 -21.44
CA GLY B 272 -17.52 0.03 -21.85
C GLY B 272 -18.38 -1.23 -21.94
N LEU B 273 -19.66 -1.14 -21.56
CA LEU B 273 -20.50 -2.34 -21.45
C LEU B 273 -21.49 -2.44 -22.62
N ALA B 274 -21.38 -1.53 -23.61
CA ALA B 274 -22.34 -1.46 -24.69
C ALA B 274 -22.28 -2.70 -25.59
N ASN B 275 -21.09 -3.31 -25.69
CA ASN B 275 -20.78 -4.38 -26.63
C ASN B 275 -21.46 -5.70 -26.23
N GLN B 276 -21.38 -6.06 -24.93
CA GLN B 276 -22.00 -7.26 -24.38
C GLN B 276 -23.52 -7.08 -24.32
N GLU B 277 -23.97 -5.88 -23.93
CA GLU B 277 -25.40 -5.60 -23.76
C GLU B 277 -26.12 -5.64 -25.11
N VAL B 278 -25.37 -5.45 -26.22
CA VAL B 278 -25.90 -5.64 -27.56
C VAL B 278 -26.11 -7.12 -27.87
N LEU B 279 -25.03 -7.91 -27.73
CA LEU B 279 -25.04 -9.31 -28.12
C LEU B 279 -26.08 -10.08 -27.30
N LYS B 280 -26.08 -9.88 -25.97
CA LYS B 280 -27.03 -10.52 -25.06
C LYS B 280 -28.46 -10.33 -25.56
N TRP B 281 -28.75 -9.09 -25.93
CA TRP B 281 -30.05 -8.68 -26.41
C TRP B 281 -30.36 -9.31 -27.78
N ILE B 282 -29.35 -9.52 -28.65
CA ILE B 282 -29.56 -10.21 -29.92
C ILE B 282 -29.85 -11.69 -29.64
N GLN B 283 -29.11 -12.28 -28.70
CA GLN B 283 -29.24 -13.70 -28.35
C GLN B 283 -30.57 -14.00 -27.65
N GLU B 284 -31.01 -13.08 -26.77
CA GLU B 284 -32.30 -13.14 -26.12
C GLU B 284 -33.44 -13.06 -27.15
N THR B 285 -33.23 -12.28 -28.22
CA THR B 285 -34.23 -12.02 -29.26
C THR B 285 -34.36 -13.21 -30.23
N ILE B 286 -33.24 -13.74 -30.75
CA ILE B 286 -33.24 -14.94 -31.58
C ILE B 286 -33.91 -16.11 -30.84
N ASP B 287 -33.76 -16.17 -29.51
CA ASP B 287 -34.27 -17.27 -28.71
C ASP B 287 -35.78 -17.11 -28.45
N LYS B 288 -36.20 -15.90 -28.11
CA LYS B 288 -37.61 -15.72 -27.69
C LYS B 288 -38.55 -15.35 -28.83
N LYS B 289 -38.35 -14.19 -29.46
CA LYS B 289 -39.33 -13.67 -30.41
C LYS B 289 -39.29 -14.42 -31.75
N LEU B 290 -38.14 -15.01 -32.12
CA LEU B 290 -37.95 -15.54 -33.47
C LEU B 290 -37.59 -17.03 -33.43
N GLY B 291 -37.75 -17.67 -32.25
CA GLY B 291 -37.78 -19.12 -32.08
C GLY B 291 -36.47 -19.86 -32.36
N GLY B 292 -35.34 -19.33 -31.86
CA GLY B 292 -34.04 -19.96 -32.00
C GLY B 292 -33.59 -20.15 -33.45
N LYS B 293 -34.07 -19.28 -34.36
CA LYS B 293 -33.78 -19.39 -35.78
C LYS B 293 -33.69 -17.97 -36.35
N VAL B 294 -32.77 -17.81 -37.33
CA VAL B 294 -32.59 -16.60 -38.11
C VAL B 294 -33.94 -16.17 -38.67
N PRO B 295 -34.50 -15.01 -38.27
CA PRO B 295 -35.79 -14.57 -38.78
C PRO B 295 -35.72 -14.28 -40.27
N THR B 296 -36.90 -14.22 -40.89
CA THR B 296 -37.04 -13.59 -42.20
C THR B 296 -37.02 -12.07 -41.99
N LYS B 297 -36.78 -11.34 -43.08
CA LYS B 297 -36.56 -9.90 -43.02
C LYS B 297 -37.73 -9.20 -42.32
N GLU B 298 -38.88 -9.90 -42.26
CA GLU B 298 -40.18 -9.29 -42.02
C GLU B 298 -40.56 -9.33 -40.54
N GLU B 299 -40.30 -10.48 -39.88
CA GLU B 299 -40.58 -10.66 -38.47
C GLU B 299 -39.64 -9.79 -37.64
N LEU B 300 -38.43 -9.56 -38.18
CA LEU B 300 -37.49 -8.64 -37.55
C LEU B 300 -37.97 -7.21 -37.76
N LYS B 301 -38.37 -6.89 -39.00
CA LYS B 301 -38.78 -5.53 -39.39
C LYS B 301 -39.84 -5.00 -38.42
N LYS B 302 -40.81 -5.85 -38.04
CA LYS B 302 -41.90 -5.41 -37.17
C LYS B 302 -41.58 -5.69 -35.70
N PHE B 303 -40.52 -6.48 -35.43
CA PHE B 303 -40.08 -6.70 -34.06
C PHE B 303 -39.42 -5.45 -33.49
N VAL B 304 -38.73 -4.68 -34.35
CA VAL B 304 -38.10 -3.44 -33.93
C VAL B 304 -39.17 -2.44 -33.51
N GLU B 305 -40.28 -2.37 -34.26
CA GLU B 305 -41.39 -1.46 -33.97
C GLU B 305 -42.02 -1.74 -32.60
N GLU B 306 -42.15 -3.03 -32.24
CA GLU B 306 -42.71 -3.42 -30.95
C GLU B 306 -41.81 -2.92 -29.80
N THR B 307 -40.48 -3.10 -29.91
CA THR B 307 -39.54 -2.67 -28.89
C THR B 307 -39.54 -1.15 -28.75
N LEU B 308 -39.73 -0.45 -29.90
CA LEU B 308 -39.52 0.99 -29.98
C LEU B 308 -40.74 1.74 -29.44
N SER B 309 -41.91 1.47 -30.02
CA SER B 309 -43.12 2.22 -29.68
C SER B 309 -43.75 1.68 -28.38
N SER B 310 -43.02 0.80 -27.66
CA SER B 310 -43.34 0.48 -26.27
C SER B 310 -42.24 0.96 -25.31
N GLY B 311 -41.38 1.88 -25.77
CA GLY B 311 -40.56 2.72 -24.90
C GLY B 311 -39.24 2.09 -24.46
N GLN B 312 -38.41 1.68 -25.45
CA GLN B 312 -37.09 1.11 -25.18
C GLN B 312 -36.12 1.34 -26.34
N VAL B 313 -34.82 1.49 -25.99
CA VAL B 313 -33.74 1.74 -26.95
C VAL B 313 -33.47 0.46 -27.77
N ILE B 314 -32.84 0.65 -28.95
CA ILE B 314 -32.12 -0.40 -29.66
C ILE B 314 -30.63 -0.22 -29.32
N PRO B 315 -29.96 -1.18 -28.63
CA PRO B 315 -28.57 -0.98 -28.20
C PRO B 315 -27.55 -1.04 -29.35
N GLY B 316 -26.52 -0.18 -29.27
CA GLY B 316 -25.48 -0.12 -30.29
C GLY B 316 -25.90 0.68 -31.52
N TYR B 317 -27.08 1.31 -31.44
CA TYR B 317 -27.46 2.42 -32.33
C TYR B 317 -27.49 3.68 -31.46
N GLY B 318 -26.80 4.74 -31.89
CA GLY B 318 -26.90 6.06 -31.27
C GLY B 318 -25.68 6.46 -30.43
N HIS B 319 -25.21 7.70 -30.59
CA HIS B 319 -23.94 8.16 -30.05
C HIS B 319 -24.00 9.67 -29.77
N ALA B 320 -23.21 10.15 -28.80
CA ALA B 320 -23.33 11.53 -28.34
C ALA B 320 -22.56 12.53 -29.22
N VAL B 321 -21.97 12.06 -30.32
CA VAL B 321 -21.28 12.99 -31.29
C VAL B 321 -21.62 12.52 -32.71
N LEU B 322 -21.28 11.28 -33.04
CA LEU B 322 -21.60 10.67 -34.32
C LEU B 322 -23.05 10.94 -34.69
N ARG B 323 -23.26 11.28 -35.98
CA ARG B 323 -24.57 11.42 -36.59
C ARG B 323 -24.74 10.45 -37.76
N LYS B 324 -23.68 9.72 -38.14
CA LYS B 324 -23.77 8.75 -39.23
C LYS B 324 -23.31 7.36 -38.79
N THR B 325 -23.36 6.42 -39.74
CA THR B 325 -22.78 5.08 -39.60
C THR B 325 -21.35 5.27 -39.09
N ASP B 326 -20.97 4.50 -38.06
CA ASP B 326 -19.59 4.45 -37.60
C ASP B 326 -18.74 3.65 -38.58
N PRO B 327 -17.66 4.23 -39.18
CA PRO B 327 -16.82 3.45 -40.09
C PRO B 327 -16.03 2.33 -39.42
N ARG B 328 -15.94 2.42 -38.08
CA ARG B 328 -15.45 1.34 -37.25
C ARG B 328 -16.43 0.17 -37.31
N TYR B 329 -17.74 0.46 -37.22
CA TYR B 329 -18.77 -0.54 -37.47
C TYR B 329 -18.55 -1.18 -38.86
N VAL B 330 -18.43 -0.32 -39.89
CA VAL B 330 -18.32 -0.78 -41.26
C VAL B 330 -17.13 -1.75 -41.42
N ALA B 331 -16.01 -1.50 -40.72
CA ALA B 331 -14.81 -2.31 -40.86
C ALA B 331 -15.00 -3.69 -40.23
N GLN B 332 -15.88 -3.75 -39.21
CA GLN B 332 -16.23 -5.01 -38.56
C GLN B 332 -17.03 -5.85 -39.56
N ARG B 333 -18.07 -5.20 -40.12
CA ARG B 333 -18.93 -5.76 -41.15
C ARG B 333 -18.11 -6.37 -42.29
N GLU B 334 -17.00 -5.74 -42.67
CA GLU B 334 -16.21 -6.19 -43.82
C GLU B 334 -15.42 -7.45 -43.48
N PHE B 335 -14.85 -7.49 -42.27
CA PHE B 335 -14.24 -8.70 -41.74
C PHE B 335 -15.24 -9.86 -41.70
N ALA B 336 -16.48 -9.57 -41.29
CA ALA B 336 -17.45 -10.59 -40.95
C ALA B 336 -18.09 -11.19 -42.21
N LEU B 337 -18.31 -10.36 -43.25
CA LEU B 337 -18.74 -10.84 -44.56
C LEU B 337 -17.73 -11.85 -45.11
N LYS B 338 -16.44 -11.50 -45.02
CA LYS B 338 -15.37 -12.34 -45.51
C LYS B 338 -15.29 -13.66 -44.75
N HIS B 339 -15.45 -13.62 -43.41
CA HIS B 339 -14.94 -14.67 -42.53
C HIS B 339 -16.01 -15.46 -41.80
N MET B 340 -17.24 -14.95 -41.74
CA MET B 340 -18.31 -15.63 -41.03
C MET B 340 -19.66 -15.18 -41.61
N PRO B 341 -19.89 -15.38 -42.93
CA PRO B 341 -21.14 -14.96 -43.56
C PRO B 341 -22.33 -15.76 -43.04
N ASP B 342 -22.08 -17.03 -42.67
CA ASP B 342 -23.15 -17.96 -42.35
C ASP B 342 -23.41 -18.07 -40.85
N ASP B 343 -22.64 -17.36 -40.00
CA ASP B 343 -22.89 -17.35 -38.56
C ASP B 343 -24.29 -16.78 -38.32
N PRO B 344 -25.15 -17.46 -37.49
CA PRO B 344 -26.51 -17.00 -37.19
C PRO B 344 -26.61 -15.59 -36.62
N ILE B 345 -25.72 -15.25 -35.66
CA ILE B 345 -25.79 -13.99 -34.92
C ILE B 345 -25.32 -12.82 -35.80
N PHE B 346 -24.32 -13.06 -36.65
CA PHE B 346 -23.94 -12.06 -37.65
C PHE B 346 -25.11 -11.75 -38.60
N GLN B 347 -25.83 -12.78 -39.07
CA GLN B 347 -26.95 -12.61 -39.98
C GLN B 347 -28.03 -11.72 -39.38
N VAL B 348 -28.17 -11.73 -38.05
CA VAL B 348 -29.15 -10.88 -37.38
C VAL B 348 -28.65 -9.44 -37.23
N VAL B 349 -27.35 -9.27 -36.99
CA VAL B 349 -26.72 -7.97 -37.03
C VAL B 349 -26.82 -7.38 -38.44
N SER B 350 -26.59 -8.23 -39.46
CA SER B 350 -26.56 -7.85 -40.86
C SER B 350 -27.89 -7.25 -41.32
N MET B 351 -28.97 -7.99 -41.01
CA MET B 351 -30.33 -7.55 -41.25
C MET B 351 -30.66 -6.28 -40.46
N LEU B 352 -30.26 -6.21 -39.18
CA LEU B 352 -30.53 -5.04 -38.36
C LEU B 352 -29.98 -3.76 -39.00
N TYR B 353 -28.80 -3.86 -39.63
CA TYR B 353 -28.18 -2.74 -40.34
C TYR B 353 -29.14 -2.15 -41.38
N GLU B 354 -29.87 -3.03 -42.07
CA GLU B 354 -30.77 -2.65 -43.15
C GLU B 354 -32.03 -2.00 -42.58
N VAL B 355 -32.62 -2.67 -41.59
CA VAL B 355 -34.00 -2.43 -41.19
C VAL B 355 -34.09 -1.35 -40.11
N VAL B 356 -33.04 -1.17 -39.28
CA VAL B 356 -33.16 -0.33 -38.08
C VAL B 356 -33.00 1.16 -38.39
N PRO B 357 -32.09 1.59 -39.30
CA PRO B 357 -32.01 3.02 -39.66
C PRO B 357 -33.24 3.63 -40.35
N PRO B 358 -33.91 2.99 -41.35
CA PRO B 358 -35.23 3.45 -41.81
C PRO B 358 -36.24 3.76 -40.69
N ILE B 359 -36.25 2.94 -39.63
CA ILE B 359 -37.26 2.97 -38.57
C ILE B 359 -36.96 4.03 -37.50
N LEU B 360 -35.68 4.21 -37.14
CA LEU B 360 -35.27 5.26 -36.21
C LEU B 360 -35.31 6.62 -36.92
N SER B 361 -35.50 6.59 -38.25
CA SER B 361 -35.57 7.78 -39.09
C SER B 361 -37.00 8.36 -39.10
N SER B 362 -38.01 7.48 -39.25
CA SER B 362 -39.42 7.81 -39.11
C SER B 362 -39.69 8.62 -37.84
N LEU B 363 -39.07 8.22 -36.73
CA LEU B 363 -39.34 8.81 -35.42
C LEU B 363 -38.58 10.13 -35.25
N GLY B 364 -37.54 10.38 -36.06
CA GLY B 364 -36.74 11.60 -36.02
C GLY B 364 -36.37 12.03 -34.60
N LYS B 365 -36.10 11.02 -33.75
CA LYS B 365 -36.15 11.12 -32.30
C LYS B 365 -34.73 11.26 -31.74
N VAL B 366 -33.90 10.22 -31.96
CA VAL B 366 -32.52 10.12 -31.50
C VAL B 366 -31.61 10.78 -32.54
N LYS B 367 -30.58 11.50 -32.07
CA LYS B 367 -29.78 12.35 -32.92
C LYS B 367 -28.82 11.55 -33.82
N ASP B 368 -28.70 10.22 -33.61
CA ASP B 368 -27.88 9.33 -34.45
C ASP B 368 -28.69 8.07 -34.79
N PRO B 369 -29.39 8.02 -35.95
CA PRO B 369 -30.24 6.87 -36.31
C PRO B 369 -29.50 5.69 -36.93
N TRP B 370 -28.26 5.46 -36.47
CA TRP B 370 -27.30 4.63 -37.17
C TRP B 370 -26.48 3.83 -36.15
N PRO B 371 -25.75 2.77 -36.59
CA PRO B 371 -24.91 1.97 -35.70
C PRO B 371 -23.56 2.57 -35.31
N ASN B 372 -23.10 2.22 -34.09
CA ASN B 372 -21.70 2.39 -33.65
C ASN B 372 -21.03 1.00 -33.57
N VAL B 373 -19.76 0.94 -33.15
CA VAL B 373 -18.96 -0.29 -33.18
C VAL B 373 -19.60 -1.41 -32.37
N ASP B 374 -20.17 -1.06 -31.21
CA ASP B 374 -20.62 -2.03 -30.21
C ASP B 374 -21.73 -2.92 -30.76
N ALA B 375 -22.39 -2.46 -31.83
CA ALA B 375 -23.36 -3.25 -32.56
C ALA B 375 -22.71 -4.48 -33.23
N HIS B 376 -21.41 -4.43 -33.53
CA HIS B 376 -20.78 -5.44 -34.38
C HIS B 376 -19.63 -6.19 -33.71
N SER B 377 -19.13 -5.71 -32.56
CA SER B 377 -17.91 -6.26 -31.96
C SER B 377 -18.14 -7.67 -31.41
N GLY B 378 -19.22 -7.82 -30.62
CA GLY B 378 -19.45 -8.97 -29.78
C GLY B 378 -19.69 -10.25 -30.57
N CYS B 379 -20.37 -10.11 -31.71
CA CYS B 379 -20.74 -11.28 -32.49
C CYS B 379 -19.48 -11.93 -33.08
N ILE B 380 -18.44 -11.14 -33.32
CA ILE B 380 -17.20 -11.66 -33.88
C ILE B 380 -16.41 -12.41 -32.80
N GLN B 381 -16.35 -11.81 -31.60
CA GLN B 381 -15.71 -12.43 -30.45
C GLN B 381 -16.41 -13.76 -30.15
N TRP B 382 -17.74 -13.68 -30.04
CA TRP B 382 -18.55 -14.84 -29.76
C TRP B 382 -18.23 -15.97 -30.72
N HIS B 383 -18.15 -15.66 -32.02
CA HIS B 383 -17.95 -16.68 -33.03
C HIS B 383 -16.63 -17.42 -32.79
N TYR B 384 -15.61 -16.75 -32.24
CA TYR B 384 -14.32 -17.40 -32.04
C TYR B 384 -14.16 -17.94 -30.62
N GLY B 385 -15.23 -17.97 -29.82
CA GLY B 385 -15.23 -18.67 -28.55
C GLY B 385 -14.99 -17.75 -27.35
N VAL B 386 -14.86 -16.45 -27.57
CA VAL B 386 -14.77 -15.51 -26.46
C VAL B 386 -16.23 -15.23 -26.06
N VAL B 387 -16.75 -16.11 -25.19
CA VAL B 387 -18.16 -16.13 -24.82
C VAL B 387 -18.39 -15.45 -23.46
N GLU B 388 -17.29 -14.97 -22.86
CA GLU B 388 -17.28 -14.36 -21.54
C GLU B 388 -17.45 -12.85 -21.73
N TYR B 389 -18.71 -12.42 -21.69
CA TYR B 389 -19.14 -11.06 -22.00
C TYR B 389 -18.33 -9.98 -21.28
N ASP B 390 -18.08 -10.19 -19.98
CA ASP B 390 -17.51 -9.16 -19.11
C ASP B 390 -16.10 -8.76 -19.56
N PHE B 391 -15.42 -9.74 -20.19
CA PHE B 391 -14.08 -9.59 -20.71
C PHE B 391 -14.00 -8.69 -21.94
N TYR B 392 -15.12 -8.43 -22.61
CA TYR B 392 -15.05 -7.66 -23.86
C TYR B 392 -14.47 -6.27 -23.56
N THR B 393 -14.78 -5.76 -22.37
CA THR B 393 -14.36 -4.42 -21.99
C THR B 393 -12.84 -4.40 -21.78
N VAL B 394 -12.28 -5.51 -21.29
CA VAL B 394 -10.83 -5.61 -21.18
C VAL B 394 -10.18 -5.49 -22.57
N LEU B 395 -10.81 -6.02 -23.62
CA LEU B 395 -10.23 -5.93 -24.97
C LEU B 395 -10.21 -4.49 -25.44
N PHE B 396 -11.36 -3.84 -25.24
CA PHE B 396 -11.52 -2.41 -25.48
C PHE B 396 -10.35 -1.68 -24.82
N GLY B 397 -10.12 -1.97 -23.52
CA GLY B 397 -9.11 -1.33 -22.71
C GLY B 397 -7.68 -1.48 -23.24
N ILE B 398 -7.37 -2.66 -23.78
CA ILE B 398 -6.06 -2.87 -24.39
C ILE B 398 -5.93 -1.98 -25.65
N GLY B 399 -6.97 -1.98 -26.50
CA GLY B 399 -6.95 -1.21 -27.73
C GLY B 399 -6.84 0.29 -27.49
N ARG B 400 -7.73 0.83 -26.64
CA ARG B 400 -7.79 2.24 -26.31
C ARG B 400 -6.47 2.78 -25.75
N ALA B 401 -5.61 1.92 -25.20
CA ALA B 401 -4.38 2.43 -24.61
C ALA B 401 -3.45 3.00 -25.68
N LEU B 402 -3.55 2.49 -26.93
CA LEU B 402 -2.68 2.94 -28.02
C LEU B 402 -2.82 4.44 -28.19
N GLY B 403 -4.08 4.88 -28.27
CA GLY B 403 -4.38 6.29 -28.46
C GLY B 403 -4.12 7.09 -27.21
N VAL B 404 -4.53 6.55 -26.06
CA VAL B 404 -4.49 7.31 -24.82
C VAL B 404 -3.06 7.57 -24.39
N LEU B 405 -2.21 6.53 -24.46
CA LEU B 405 -0.83 6.63 -24.03
C LEU B 405 -0.06 7.59 -24.95
N ALA B 406 -0.32 7.52 -26.26
CA ALA B 406 0.26 8.45 -27.22
C ALA B 406 -0.18 9.88 -26.90
N ASN B 407 -1.47 10.04 -26.60
CA ASN B 407 -1.98 11.34 -26.21
C ASN B 407 -1.27 11.84 -24.94
N LEU B 408 -0.96 10.97 -23.97
CA LEU B 408 -0.34 11.44 -22.72
C LEU B 408 1.08 11.91 -22.94
N VAL B 409 1.78 11.29 -23.90
CA VAL B 409 3.14 11.70 -24.21
C VAL B 409 3.12 13.14 -24.75
N TRP B 410 2.23 13.39 -25.72
CA TRP B 410 2.09 14.70 -26.31
C TRP B 410 1.63 15.75 -25.28
N ASP B 411 0.71 15.42 -24.39
CA ASP B 411 0.26 16.37 -23.38
C ASP B 411 1.45 16.88 -22.56
N ARG B 412 2.41 16.00 -22.27
CA ARG B 412 3.59 16.34 -21.49
C ARG B 412 4.61 17.05 -22.37
N ALA B 413 4.71 16.58 -23.63
CA ALA B 413 5.57 17.19 -24.63
C ALA B 413 5.23 18.67 -24.77
N LEU B 414 3.94 18.98 -24.93
CA LEU B 414 3.48 20.34 -25.19
C LEU B 414 3.23 21.12 -23.91
N GLY B 415 3.46 20.48 -22.75
CA GLY B 415 3.43 21.15 -21.47
C GLY B 415 2.04 21.59 -21.04
N TYR B 416 0.98 20.87 -21.47
CA TYR B 416 -0.38 21.29 -21.13
C TYR B 416 -0.57 21.30 -19.60
N ALA B 417 -1.33 22.28 -19.11
CA ALA B 417 -1.43 22.51 -17.67
C ALA B 417 -2.54 21.65 -17.09
N ILE B 418 -2.61 21.66 -15.77
CA ILE B 418 -3.62 20.93 -15.01
C ILE B 418 -5.01 21.38 -15.46
N GLU B 419 -5.92 20.39 -15.63
CA GLU B 419 -7.30 20.65 -16.00
C GLU B 419 -8.09 21.01 -14.74
N ARG B 420 -8.52 22.27 -14.66
CA ARG B 420 -9.16 22.81 -13.48
C ARG B 420 -10.24 23.79 -13.96
N PRO B 421 -11.42 23.29 -14.40
CA PRO B 421 -12.55 24.16 -14.73
C PRO B 421 -13.17 24.70 -13.44
N LYS B 422 -14.16 25.58 -13.59
CA LYS B 422 -14.86 26.17 -12.47
C LYS B 422 -16.25 25.55 -12.34
N SER B 423 -16.68 25.33 -11.09
CA SER B 423 -18.02 24.84 -10.77
C SER B 423 -18.95 26.00 -10.41
N VAL B 424 -20.26 25.76 -10.55
CA VAL B 424 -21.27 26.70 -10.11
C VAL B 424 -22.40 25.93 -9.46
N THR B 425 -23.19 26.62 -8.63
CA THR B 425 -24.31 25.99 -7.96
C THR B 425 -25.56 26.12 -8.82
N THR B 426 -26.62 25.44 -8.41
CA THR B 426 -27.94 25.61 -8.97
C THR B 426 -28.47 27.00 -8.63
N ASP B 427 -28.21 27.47 -7.40
CA ASP B 427 -28.56 28.81 -6.96
C ASP B 427 -28.00 29.86 -7.90
N MET B 428 -26.72 29.71 -8.28
CA MET B 428 -26.05 30.62 -9.18
C MET B 428 -26.65 30.55 -10.59
N LEU B 429 -26.93 29.35 -11.10
CA LEU B 429 -27.56 29.21 -12.41
C LEU B 429 -28.97 29.82 -12.42
N GLU B 430 -29.60 29.83 -11.25
CA GLU B 430 -30.96 30.30 -11.08
C GLU B 430 -30.97 31.82 -11.04
N LYS B 431 -29.97 32.43 -10.39
CA LYS B 431 -29.78 33.88 -10.45
C LYS B 431 -29.63 34.31 -11.93
N TRP B 432 -28.70 33.70 -12.69
CA TRP B 432 -28.46 34.06 -14.09
C TRP B 432 -29.67 33.84 -15.00
N ALA B 433 -30.57 32.92 -14.62
CA ALA B 433 -31.77 32.73 -15.43
C ALA B 433 -32.82 33.77 -15.09
N GLY B 434 -32.67 34.38 -13.91
CA GLY B 434 -33.68 35.33 -13.42
C GLY B 434 -34.82 34.59 -12.75
N ILE B 435 -34.67 34.21 -11.48
CA ILE B 435 -35.71 33.41 -10.83
C ILE B 435 -35.92 33.90 -9.38
N SER C 2 13.16 6.58 29.43
CA SER C 2 12.64 5.89 30.65
C SER C 2 13.64 6.04 31.79
N PHE C 3 13.24 5.55 32.97
CA PHE C 3 14.16 5.42 34.08
C PHE C 3 15.35 4.52 33.70
N LEU C 4 15.05 3.37 33.06
CA LEU C 4 16.03 2.35 32.70
C LEU C 4 17.11 2.91 31.77
N LYS C 5 16.72 3.66 30.75
CA LYS C 5 17.68 4.23 29.83
C LYS C 5 18.56 5.29 30.53
N GLU C 6 17.98 6.12 31.41
CA GLU C 6 18.77 7.10 32.15
C GLU C 6 19.76 6.40 33.10
N LYS C 7 19.26 5.40 33.85
CA LYS C 7 20.03 4.62 34.80
C LYS C 7 21.19 3.92 34.09
N LEU C 8 20.93 3.44 32.88
CA LEU C 8 21.90 2.69 32.11
C LEU C 8 22.94 3.66 31.55
N ALA C 9 22.54 4.90 31.26
CA ALA C 9 23.49 5.90 30.80
C ALA C 9 24.48 6.26 31.90
N GLU C 10 24.00 6.23 33.16
CA GLU C 10 24.82 6.55 34.32
C GLU C 10 25.92 5.50 34.47
N LYS C 11 25.51 4.23 34.36
CA LYS C 11 26.44 3.12 34.55
C LYS C 11 27.50 3.13 33.44
N ILE C 12 27.11 3.58 32.24
CA ILE C 12 27.99 3.56 31.09
C ILE C 12 29.10 4.59 31.30
N ALA C 13 28.70 5.76 31.79
CA ALA C 13 29.63 6.84 32.09
C ALA C 13 30.60 6.43 33.22
N GLN C 14 30.12 5.71 34.24
CA GLN C 14 31.01 5.16 35.27
C GLN C 14 32.01 4.14 34.70
N HIS C 15 31.59 3.34 33.70
CA HIS C 15 32.35 2.16 33.28
C HIS C 15 33.38 2.50 32.20
N ARG C 16 33.10 3.52 31.39
CA ARG C 16 33.96 3.83 30.26
C ARG C 16 35.36 4.17 30.75
N PRO C 17 35.57 5.03 31.78
CA PRO C 17 36.91 5.34 32.28
C PRO C 17 37.73 4.11 32.68
N ARG C 18 37.12 3.18 33.43
CA ARG C 18 37.76 1.93 33.82
C ARG C 18 38.36 1.22 32.62
N THR C 19 37.59 1.17 31.52
CA THR C 19 37.94 0.49 30.28
C THR C 19 39.05 1.27 29.58
N THR C 20 38.88 2.60 29.47
CA THR C 20 39.85 3.46 28.78
C THR C 20 41.23 3.38 29.44
N ARG C 21 41.22 3.21 30.77
CA ARG C 21 42.44 3.16 31.56
C ARG C 21 43.17 1.83 31.29
N LEU C 22 42.44 0.71 31.37
CA LEU C 22 43.00 -0.59 31.07
C LEU C 22 43.70 -0.58 29.71
N LEU C 23 43.16 0.12 28.73
CA LEU C 23 43.72 0.10 27.38
C LEU C 23 44.97 0.96 27.29
N LYS C 24 44.87 2.20 27.79
CA LYS C 24 45.97 3.16 27.70
C LYS C 24 47.14 2.80 28.61
N GLU C 25 46.85 2.35 29.85
CA GLU C 25 47.88 2.15 30.86
C GLU C 25 48.29 0.67 31.00
N PHE C 26 47.51 -0.29 30.49
CA PHE C 26 47.79 -1.68 30.81
C PHE C 26 47.58 -2.62 29.61
N GLY C 27 47.66 -2.05 28.41
CA GLY C 27 47.33 -2.76 27.17
C GLY C 27 48.25 -3.95 26.88
N ASN C 28 49.50 -3.94 27.37
CA ASN C 28 50.49 -4.94 27.02
C ASN C 28 50.62 -5.98 28.13
N VAL C 29 49.87 -5.84 29.22
CA VAL C 29 49.88 -6.87 30.25
C VAL C 29 49.39 -8.19 29.66
N LYS C 30 50.23 -9.24 29.74
CA LYS C 30 49.85 -10.56 29.25
C LYS C 30 48.84 -11.19 30.20
N ILE C 31 47.89 -12.01 29.68
CA ILE C 31 46.85 -12.67 30.49
C ILE C 31 46.67 -14.13 30.10
N ASP C 32 47.09 -14.52 28.88
CA ASP C 32 47.11 -15.94 28.55
C ASP C 32 48.06 -16.18 27.39
N GLU C 33 48.25 -17.45 27.04
CA GLU C 33 49.01 -17.85 25.87
C GLU C 33 48.23 -18.92 25.11
N VAL C 34 48.50 -19.03 23.81
CA VAL C 34 47.88 -19.99 22.94
C VAL C 34 48.88 -21.11 22.65
N THR C 35 48.45 -22.35 22.88
CA THR C 35 49.18 -23.53 22.45
C THR C 35 48.54 -24.08 21.18
N ILE C 36 49.22 -25.04 20.54
CA ILE C 36 48.73 -25.70 19.34
C ILE C 36 47.42 -26.45 19.62
N SER C 37 47.36 -27.17 20.73
CA SER C 37 46.12 -27.89 21.12
C SER C 37 44.94 -26.94 21.18
N GLN C 38 45.18 -25.68 21.51
CA GLN C 38 44.07 -24.75 21.70
C GLN C 38 43.61 -24.15 20.37
N ALA C 39 44.54 -23.88 19.43
CA ALA C 39 44.18 -23.38 18.12
C ALA C 39 43.42 -24.44 17.28
N ILE C 40 43.82 -25.71 17.41
CA ILE C 40 43.18 -26.81 16.70
C ILE C 40 41.88 -27.21 17.42
N GLY C 41 41.83 -26.99 18.73
CA GLY C 41 40.73 -27.45 19.56
C GLY C 41 39.77 -26.33 19.94
N GLY C 42 39.52 -25.41 19.00
CA GLY C 42 38.44 -24.44 19.13
C GLY C 42 38.67 -23.49 20.31
N MET C 43 39.88 -22.92 20.33
CA MET C 43 40.29 -21.91 21.29
C MET C 43 40.01 -22.33 22.73
N ARG C 44 39.95 -23.63 23.03
CA ARG C 44 39.43 -24.06 24.32
C ARG C 44 40.34 -23.55 25.43
N GLY C 45 39.76 -22.79 26.35
CA GLY C 45 40.48 -22.28 27.51
C GLY C 45 41.05 -20.89 27.33
N ILE C 46 41.09 -20.35 26.09
CA ILE C 46 41.77 -19.09 25.86
C ILE C 46 40.93 -17.94 26.40
N LYS C 47 41.57 -17.09 27.22
CA LYS C 47 40.94 -15.94 27.82
C LYS C 47 41.05 -14.79 26.84
N SER C 48 40.02 -14.63 26.00
CA SER C 48 40.08 -13.79 24.80
C SER C 48 38.84 -12.90 24.65
N LEU C 49 37.90 -12.98 25.60
CA LEU C 49 36.66 -12.23 25.57
C LEU C 49 36.47 -11.49 26.88
N VAL C 50 35.90 -10.28 26.81
CA VAL C 50 35.52 -9.52 27.99
C VAL C 50 33.99 -9.30 28.04
N THR C 51 33.36 -9.74 29.14
CA THR C 51 31.94 -9.56 29.42
C THR C 51 31.74 -9.31 30.92
N ASP C 52 30.77 -8.43 31.28
CA ASP C 52 30.50 -8.09 32.67
C ASP C 52 29.12 -8.60 33.11
N ILE C 53 28.35 -9.14 32.15
CA ILE C 53 26.98 -9.55 32.44
C ILE C 53 27.00 -10.79 33.34
N SER C 54 27.91 -11.72 33.08
CA SER C 54 27.96 -12.93 33.88
C SER C 54 29.35 -13.52 33.82
N TYR C 55 29.66 -14.33 34.85
CA TYR C 55 30.95 -14.98 34.92
C TYR C 55 30.73 -16.41 35.36
N LEU C 56 31.37 -17.32 34.62
CA LEU C 56 31.34 -18.74 34.92
C LEU C 56 32.66 -19.10 35.59
N ASP C 57 32.58 -19.33 36.90
CA ASP C 57 33.65 -19.94 37.67
C ASP C 57 33.54 -21.44 37.43
N PRO C 58 34.61 -22.19 36.99
CA PRO C 58 34.50 -23.66 36.85
C PRO C 58 33.93 -24.44 38.05
N GLU C 59 33.95 -23.82 39.24
CA GLU C 59 33.66 -24.48 40.51
C GLU C 59 32.30 -24.06 41.09
N GLU C 60 32.13 -22.78 41.44
CA GLU C 60 30.91 -22.32 42.09
C GLU C 60 29.73 -22.30 41.10
N GLY C 61 30.06 -22.05 39.82
CA GLY C 61 29.09 -21.97 38.74
C GLY C 61 28.96 -20.54 38.19
N ILE C 62 27.75 -20.25 37.70
CA ILE C 62 27.44 -18.97 37.05
C ILE C 62 27.03 -17.95 38.13
N ARG C 63 27.54 -16.72 37.93
CA ARG C 63 27.10 -15.55 38.67
C ARG C 63 26.57 -14.57 37.65
N PHE C 64 25.36 -14.04 37.90
CA PHE C 64 24.78 -12.97 37.09
C PHE C 64 25.08 -11.64 37.77
N ARG C 65 25.95 -10.83 37.17
CA ARG C 65 26.32 -9.53 37.72
C ARG C 65 26.79 -9.67 39.19
N GLY C 66 27.55 -10.73 39.48
CA GLY C 66 28.07 -10.94 40.82
C GLY C 66 27.19 -11.81 41.72
N TYR C 67 25.90 -11.97 41.40
CA TYR C 67 25.01 -12.75 42.27
C TYR C 67 24.94 -14.22 41.84
N THR C 68 24.89 -15.12 42.82
CA THR C 68 24.57 -16.52 42.57
C THR C 68 23.09 -16.64 42.21
N ILE C 69 22.73 -17.80 41.69
CA ILE C 69 21.38 -18.04 41.26
C ILE C 69 20.48 -17.99 42.49
N PRO C 70 20.78 -18.70 43.61
CA PRO C 70 19.87 -18.68 44.75
C PRO C 70 19.69 -17.24 45.23
N GLU C 71 20.73 -16.39 45.08
CA GLU C 71 20.65 -14.97 45.43
C GLU C 71 19.70 -14.24 44.48
N VAL C 72 19.81 -14.51 43.17
CA VAL C 72 19.00 -13.81 42.19
C VAL C 72 17.52 -14.15 42.41
N LEU C 73 17.21 -15.42 42.64
CA LEU C 73 15.83 -15.81 42.88
C LEU C 73 15.32 -15.24 44.19
N GLU C 74 16.22 -15.19 45.19
CA GLU C 74 15.98 -14.59 46.49
C GLU C 74 15.55 -13.12 46.34
N LYS C 75 16.33 -12.29 45.62
CA LYS C 75 16.22 -10.84 45.71
C LYS C 75 15.33 -10.22 44.64
N LEU C 76 15.16 -10.87 43.48
CA LEU C 76 14.33 -10.32 42.42
C LEU C 76 12.87 -10.26 42.86
N PRO C 77 12.15 -9.15 42.56
CA PRO C 77 10.71 -9.06 42.85
C PRO C 77 9.87 -10.20 42.24
N LYS C 78 9.02 -10.81 43.08
CA LYS C 78 8.17 -11.91 42.68
C LYS C 78 6.87 -11.41 42.04
N VAL C 79 6.24 -12.28 41.24
CA VAL C 79 4.95 -11.98 40.65
C VAL C 79 3.88 -12.24 41.71
N PRO C 80 2.94 -11.29 41.95
CA PRO C 80 1.83 -11.55 42.88
C PRO C 80 0.99 -12.74 42.42
N GLY C 81 0.76 -13.69 43.33
CA GLY C 81 0.03 -14.91 43.04
C GLY C 81 0.93 -16.09 42.70
N ALA C 82 2.25 -15.83 42.56
CA ALA C 82 3.19 -16.75 41.94
C ALA C 82 4.53 -16.79 42.69
N GLU C 83 5.24 -17.92 42.54
CA GLU C 83 6.43 -18.26 43.30
C GLU C 83 7.68 -17.58 42.72
N MET C 84 7.62 -17.18 41.45
CA MET C 84 8.83 -16.86 40.72
C MET C 84 8.86 -15.40 40.34
N PRO C 85 10.08 -14.85 40.09
CA PRO C 85 10.26 -13.46 39.73
C PRO C 85 9.78 -13.05 38.33
N TYR C 86 9.49 -11.76 38.16
CA TYR C 86 9.36 -11.16 36.86
C TYR C 86 10.65 -11.33 36.07
N VAL C 87 10.55 -11.92 34.87
CA VAL C 87 11.68 -12.08 33.97
C VAL C 87 12.22 -10.70 33.61
N GLU C 88 11.32 -9.72 33.58
CA GLU C 88 11.62 -8.32 33.29
C GLU C 88 12.62 -7.76 34.30
N GLY C 89 12.54 -8.23 35.56
CA GLY C 89 13.43 -7.79 36.62
C GLY C 89 14.82 -8.32 36.37
N HIS C 90 14.90 -9.59 35.93
CA HIS C 90 16.17 -10.19 35.66
C HIS C 90 16.84 -9.45 34.51
N PHE C 91 16.04 -8.96 33.55
CA PHE C 91 16.58 -8.21 32.43
C PHE C 91 17.18 -6.88 32.92
N TYR C 92 16.47 -6.22 33.83
CA TYR C 92 16.92 -5.00 34.48
C TYR C 92 18.28 -5.24 35.14
N LEU C 93 18.37 -6.36 35.86
CA LEU C 93 19.56 -6.68 36.62
C LEU C 93 20.76 -6.88 35.70
N LEU C 94 20.54 -7.58 34.59
CA LEU C 94 21.60 -7.86 33.65
C LEU C 94 22.06 -6.58 32.95
N LEU C 95 21.13 -5.68 32.64
CA LEU C 95 21.50 -4.43 31.98
C LEU C 95 22.28 -3.52 32.92
N THR C 96 21.80 -3.38 34.17
CA THR C 96 22.22 -2.28 35.02
C THR C 96 23.28 -2.75 36.02
N GLY C 97 23.14 -3.99 36.48
CA GLY C 97 23.93 -4.47 37.60
C GLY C 97 23.18 -4.37 38.94
N ASP C 98 21.98 -3.77 38.93
CA ASP C 98 21.24 -3.48 40.14
C ASP C 98 20.02 -4.38 40.26
N VAL C 99 19.71 -4.85 41.48
CA VAL C 99 18.43 -5.46 41.75
C VAL C 99 17.38 -4.34 41.70
N PRO C 100 16.35 -4.42 40.83
CA PRO C 100 15.31 -3.40 40.80
C PRO C 100 14.28 -3.52 41.93
N THR C 101 13.69 -2.36 42.26
CA THR C 101 12.57 -2.25 43.17
C THR C 101 11.34 -2.79 42.46
N GLU C 102 10.32 -3.13 43.24
CA GLU C 102 9.04 -3.56 42.69
C GLU C 102 8.49 -2.51 41.71
N LYS C 103 8.91 -1.25 41.86
CA LYS C 103 8.36 -0.18 41.05
C LYS C 103 9.07 -0.09 39.71
N GLU C 104 10.40 -0.31 39.69
CA GLU C 104 11.20 -0.27 38.47
C GLU C 104 10.92 -1.45 37.53
N VAL C 105 10.58 -2.61 38.11
CA VAL C 105 10.17 -3.78 37.34
C VAL C 105 8.87 -3.51 36.60
N LYS C 106 7.96 -2.73 37.21
CA LYS C 106 6.65 -2.51 36.64
C LYS C 106 6.75 -1.53 35.48
N GLU C 107 7.78 -0.70 35.46
CA GLU C 107 7.94 0.22 34.34
C GLU C 107 8.44 -0.57 33.13
N VAL C 108 9.35 -1.52 33.36
CA VAL C 108 9.87 -2.36 32.28
C VAL C 108 8.76 -3.24 31.71
N ALA C 109 7.99 -3.89 32.60
CA ALA C 109 6.87 -4.74 32.22
C ALA C 109 5.88 -3.99 31.36
N GLU C 110 5.61 -2.72 31.71
CA GLU C 110 4.74 -1.85 30.90
C GLU C 110 5.42 -1.55 29.58
N GLU C 111 6.74 -1.40 29.56
CA GLU C 111 7.41 -1.08 28.31
C GLU C 111 7.39 -2.30 27.42
N PHE C 112 7.42 -3.51 27.98
CA PHE C 112 7.38 -4.72 27.17
C PHE C 112 6.00 -4.90 26.55
N LYS C 113 4.95 -4.60 27.32
CA LYS C 113 3.57 -4.68 26.85
C LYS C 113 3.37 -3.80 25.63
N LYS C 114 3.98 -2.61 25.61
CA LYS C 114 3.85 -1.71 24.47
C LYS C 114 4.55 -2.28 23.22
N ARG C 115 5.49 -3.22 23.39
CA ARG C 115 6.36 -3.62 22.30
C ARG C 115 6.23 -5.09 21.91
N ARG C 116 5.27 -5.83 22.43
CA ARG C 116 5.35 -7.29 22.31
C ARG C 116 4.55 -7.82 21.11
N ALA C 117 3.89 -6.91 20.37
CA ALA C 117 3.08 -7.32 19.25
C ALA C 117 4.00 -7.66 18.07
N LEU C 118 3.73 -8.84 17.52
CA LEU C 118 4.47 -9.43 16.43
C LEU C 118 4.02 -8.82 15.10
N PRO C 119 4.94 -8.33 14.23
CA PRO C 119 4.55 -7.85 12.90
C PRO C 119 3.77 -8.89 12.11
N GLU C 120 2.71 -8.47 11.41
CA GLU C 120 1.99 -9.37 10.53
C GLU C 120 2.91 -10.08 9.54
N TYR C 121 3.87 -9.39 8.93
CA TYR C 121 4.69 -9.99 7.89
C TYR C 121 5.56 -11.13 8.44
N VAL C 122 5.83 -11.15 9.76
CA VAL C 122 6.55 -12.24 10.40
C VAL C 122 5.71 -13.50 10.38
N LYS C 123 4.44 -13.38 10.74
CA LYS C 123 3.52 -14.49 10.61
C LYS C 123 3.41 -14.97 9.15
N ASP C 124 3.27 -14.04 8.21
CA ASP C 124 3.22 -14.38 6.80
C ASP C 124 4.46 -15.18 6.39
N THR C 125 5.61 -14.73 6.86
CA THR C 125 6.88 -15.35 6.52
C THR C 125 6.92 -16.81 7.02
N LEU C 126 6.63 -17.02 8.31
CA LEU C 126 6.63 -18.33 8.92
C LEU C 126 5.63 -19.30 8.27
N LYS C 127 4.52 -18.78 7.72
CA LYS C 127 3.58 -19.63 6.99
C LYS C 127 4.14 -20.01 5.62
N ALA C 128 4.85 -19.08 4.99
CA ALA C 128 5.42 -19.31 3.66
C ALA C 128 6.52 -20.37 3.75
N MET C 129 7.22 -20.42 4.87
CA MET C 129 8.19 -21.48 5.13
C MET C 129 7.42 -22.78 5.36
N PRO C 130 7.85 -23.89 4.75
CA PRO C 130 7.16 -25.17 4.92
C PRO C 130 6.95 -25.49 6.40
N ARG C 131 5.78 -26.02 6.73
CA ARG C 131 5.37 -26.19 8.11
C ARG C 131 6.21 -27.24 8.80
N ASP C 132 6.88 -28.12 8.04
CA ASP C 132 7.73 -29.19 8.59
C ASP C 132 9.18 -28.72 8.84
N THR C 133 9.45 -27.43 8.64
CA THR C 133 10.71 -26.79 9.04
C THR C 133 10.93 -26.93 10.55
N HIS C 134 12.19 -27.20 10.92
CA HIS C 134 12.57 -27.29 12.32
C HIS C 134 12.22 -25.96 12.98
N PRO C 135 11.64 -25.95 14.21
CA PRO C 135 11.23 -24.70 14.86
C PRO C 135 12.33 -23.68 15.08
N MET C 136 13.56 -24.14 15.27
CA MET C 136 14.67 -23.21 15.44
C MET C 136 14.99 -22.49 14.13
N THR C 137 14.67 -23.11 12.99
CA THR C 137 14.85 -22.43 11.71
C THR C 137 13.81 -21.32 11.64
N MET C 138 12.57 -21.65 12.02
CA MET C 138 11.51 -20.67 12.01
C MET C 138 11.80 -19.54 12.97
N PHE C 139 12.25 -19.87 14.18
CA PHE C 139 12.62 -18.86 15.17
C PHE C 139 13.64 -17.85 14.64
N ALA C 140 14.77 -18.37 14.12
CA ALA C 140 15.86 -17.55 13.61
C ALA C 140 15.40 -16.67 12.44
N ALA C 141 14.55 -17.21 11.56
CA ALA C 141 14.04 -16.45 10.43
C ALA C 141 12.99 -15.42 10.85
N GLY C 142 12.21 -15.67 11.91
CA GLY C 142 11.29 -14.67 12.42
C GLY C 142 12.04 -13.44 12.92
N ILE C 143 13.19 -13.68 13.56
CA ILE C 143 14.03 -12.63 14.10
C ILE C 143 14.61 -11.83 12.94
N LEU C 144 15.23 -12.59 12.03
CA LEU C 144 15.90 -12.04 10.86
C LEU C 144 14.97 -11.11 10.06
N ALA C 145 13.72 -11.55 9.82
CA ALA C 145 12.74 -10.81 9.05
C ALA C 145 12.48 -9.43 9.68
N MET C 146 12.58 -9.33 11.01
CA MET C 146 12.29 -8.11 11.76
C MET C 146 13.46 -7.13 11.73
N GLN C 147 14.56 -7.50 11.09
CA GLN C 147 15.70 -6.61 10.89
C GLN C 147 15.28 -5.35 10.14
N ARG C 148 14.22 -5.46 9.32
CA ARG C 148 13.58 -4.34 8.65
C ARG C 148 13.25 -3.18 9.60
N GLU C 149 13.02 -3.47 10.90
CA GLU C 149 12.60 -2.48 11.88
C GLU C 149 13.76 -1.94 12.71
N SER C 150 15.01 -2.27 12.33
CA SER C 150 16.14 -1.99 13.19
C SER C 150 16.37 -0.50 13.27
N LYS C 151 16.45 0.00 14.51
CA LYS C 151 16.69 1.41 14.79
C LYS C 151 18.16 1.70 14.62
N PHE C 152 18.98 0.74 15.11
CA PHE C 152 20.40 0.81 14.91
C PHE C 152 20.73 0.91 13.43
N ALA C 153 20.15 0.04 12.60
CA ALA C 153 20.45 0.04 11.18
C ALA C 153 20.07 1.39 10.57
N ALA C 154 18.86 1.87 10.88
CA ALA C 154 18.37 3.19 10.45
C ALA C 154 19.34 4.30 10.83
N TYR C 155 19.76 4.28 12.11
CA TYR C 155 20.69 5.25 12.69
C TYR C 155 21.98 5.28 11.87
N TYR C 156 22.60 4.11 11.67
CA TYR C 156 23.83 4.02 10.91
C TYR C 156 23.62 4.49 9.48
N ASN C 157 22.60 3.97 8.81
CA ASN C 157 22.39 4.21 7.37
C ASN C 157 22.05 5.67 7.10
N ALA C 158 21.45 6.35 8.09
CA ALA C 158 21.18 7.78 8.03
C ALA C 158 22.41 8.64 8.36
N GLY C 159 23.60 8.04 8.53
CA GLY C 159 24.83 8.78 8.73
C GLY C 159 24.99 9.46 10.09
N LYS C 160 24.26 9.01 11.11
CA LYS C 160 24.25 9.60 12.44
C LYS C 160 25.09 8.79 13.43
N PHE C 161 25.86 7.80 12.95
CA PHE C 161 26.69 6.99 13.83
C PHE C 161 27.67 7.88 14.61
N ASN C 162 27.80 7.60 15.91
CA ASN C 162 28.60 8.42 16.81
C ASN C 162 29.09 7.46 17.88
N LYS C 163 30.41 7.36 18.06
CA LYS C 163 30.97 6.40 19.01
C LYS C 163 30.19 6.41 20.35
N ASN C 164 29.66 7.55 20.80
CA ASN C 164 29.22 7.68 22.18
C ASN C 164 27.78 7.24 22.41
N THR C 165 26.91 7.45 21.41
CA THR C 165 25.47 7.30 21.56
C THR C 165 24.96 6.06 20.80
N ALA C 166 25.89 5.26 20.26
CA ALA C 166 25.56 4.06 19.50
C ALA C 166 24.73 3.08 20.33
N TRP C 167 24.94 3.06 21.65
CA TRP C 167 24.28 2.06 22.48
C TRP C 167 22.81 2.38 22.56
N GLU C 168 22.45 3.63 22.29
CA GLU C 168 21.08 4.07 22.53
C GLU C 168 20.10 3.36 21.59
N PRO C 169 20.19 3.47 20.23
CA PRO C 169 19.37 2.68 19.32
C PRO C 169 19.50 1.18 19.53
N MET C 170 20.73 0.73 19.83
CA MET C 170 20.98 -0.67 20.07
C MET C 170 20.15 -1.13 21.28
N PHE C 171 20.03 -0.29 22.31
CA PHE C 171 19.15 -0.57 23.45
C PHE C 171 17.67 -0.62 23.08
N GLU C 172 17.23 0.19 22.12
CA GLU C 172 15.82 0.19 21.73
C GLU C 172 15.52 -1.09 20.96
N ASP C 173 16.41 -1.49 20.05
CA ASP C 173 16.30 -2.75 19.33
C ASP C 173 16.27 -3.90 20.34
N ALA C 174 17.08 -3.81 21.41
CA ALA C 174 17.11 -4.84 22.45
C ALA C 174 15.78 -4.91 23.19
N MET C 175 15.19 -3.74 23.52
CA MET C 175 13.90 -3.73 24.21
C MET C 175 12.80 -4.36 23.34
N ASP C 176 12.84 -4.00 22.05
CA ASP C 176 11.86 -4.43 21.08
C ASP C 176 11.99 -5.93 20.83
N LEU C 177 13.20 -6.41 20.58
CA LEU C 177 13.35 -7.82 20.24
C LEU C 177 13.07 -8.66 21.49
N MET C 178 13.50 -8.21 22.66
CA MET C 178 13.27 -8.99 23.85
C MET C 178 11.77 -9.12 24.14
N ALA C 179 11.01 -8.04 23.89
CA ALA C 179 9.58 -8.03 24.19
C ALA C 179 8.78 -8.95 23.28
N LYS C 180 9.29 -9.23 22.06
CA LYS C 180 8.59 -10.03 21.06
C LYS C 180 9.00 -11.51 21.02
N LEU C 181 10.19 -11.89 21.50
CA LEU C 181 10.66 -13.25 21.33
C LEU C 181 9.71 -14.30 21.94
N PRO C 182 9.07 -14.05 23.10
CA PRO C 182 8.12 -15.02 23.65
C PRO C 182 6.87 -15.20 22.80
N SER C 183 6.31 -14.10 22.28
CA SER C 183 5.28 -14.16 21.25
C SER C 183 5.73 -14.99 20.06
N LEU C 184 6.95 -14.75 19.56
CA LEU C 184 7.44 -15.46 18.39
C LEU C 184 7.51 -16.94 18.70
N GLY C 185 8.11 -17.28 19.84
CA GLY C 185 8.21 -18.68 20.24
C GLY C 185 6.85 -19.37 20.33
N ALA C 186 5.90 -18.69 20.98
CA ALA C 186 4.56 -19.22 21.17
C ALA C 186 3.86 -19.39 19.82
N TYR C 187 4.01 -18.43 18.89
CA TYR C 187 3.39 -18.57 17.58
C TYR C 187 3.82 -19.87 16.90
N ILE C 188 5.14 -20.13 16.94
CA ILE C 188 5.72 -21.32 16.34
C ILE C 188 5.17 -22.58 17.03
N TYR C 189 5.13 -22.57 18.38
CA TYR C 189 4.58 -23.71 19.08
C TYR C 189 3.19 -24.06 18.59
N ARG C 190 2.33 -23.05 18.51
CA ARG C 190 0.92 -23.24 18.21
C ARG C 190 0.74 -23.65 16.75
N MET C 191 1.44 -22.94 15.84
CA MET C 191 1.27 -23.15 14.42
C MET C 191 1.74 -24.56 14.04
N LYS C 192 2.76 -25.07 14.74
CA LYS C 192 3.33 -26.37 14.41
C LYS C 192 2.60 -27.49 15.16
N TYR C 193 2.29 -27.27 16.44
CA TYR C 193 2.07 -28.39 17.36
C TYR C 193 0.67 -28.37 17.95
N LYS C 194 -0.07 -27.25 17.84
CA LYS C 194 -1.35 -27.10 18.52
C LYS C 194 -2.45 -26.69 17.56
N SER C 195 -2.42 -27.26 16.36
CA SER C 195 -3.50 -27.10 15.38
C SER C 195 -3.57 -25.69 14.81
N ASP C 196 -2.50 -24.88 14.93
CA ASP C 196 -2.47 -23.55 14.36
C ASP C 196 -3.69 -22.78 14.85
N THR C 197 -4.12 -23.02 16.10
CA THR C 197 -4.99 -22.06 16.76
C THR C 197 -4.19 -21.28 17.80
N HIS C 198 -4.45 -19.97 17.88
CA HIS C 198 -3.61 -19.04 18.61
C HIS C 198 -4.42 -18.38 19.72
N ILE C 199 -3.87 -18.37 20.91
CA ILE C 199 -4.41 -17.60 22.02
C ILE C 199 -3.77 -16.20 21.98
N PRO C 200 -4.58 -15.12 21.99
CA PRO C 200 -4.00 -13.76 21.98
C PRO C 200 -3.22 -13.46 23.26
N SER C 201 -2.23 -12.58 23.13
CA SER C 201 -1.53 -12.05 24.28
C SER C 201 -2.49 -11.29 25.20
N ASN C 202 -2.30 -11.48 26.53
CA ASN C 202 -3.05 -10.80 27.56
C ASN C 202 -2.24 -9.62 28.11
N PRO C 203 -2.65 -8.36 27.86
CA PRO C 203 -1.91 -7.19 28.35
C PRO C 203 -1.80 -7.05 29.86
N ASP C 204 -2.51 -7.88 30.63
CA ASP C 204 -2.47 -7.80 32.09
C ASP C 204 -1.42 -8.76 32.66
N LEU C 205 -0.63 -9.43 31.81
CA LEU C 205 0.25 -10.50 32.27
C LEU C 205 1.72 -10.11 32.10
N ASP C 206 2.57 -10.64 32.97
CA ASP C 206 4.01 -10.48 32.79
C ASP C 206 4.47 -11.37 31.63
N LEU C 207 5.73 -11.22 31.22
CA LEU C 207 6.31 -11.93 30.10
C LEU C 207 6.15 -13.46 30.26
N GLY C 208 6.57 -14.00 31.40
CA GLY C 208 6.43 -15.42 31.69
C GLY C 208 4.96 -15.87 31.75
N GLY C 209 4.10 -15.10 32.42
CA GLY C 209 2.69 -15.41 32.50
C GLY C 209 2.06 -15.41 31.11
N ASP C 210 2.46 -14.42 30.31
CA ASP C 210 1.86 -14.23 29.00
C ASP C 210 2.31 -15.33 28.04
N PHE C 211 3.54 -15.83 28.23
CA PHE C 211 4.06 -16.89 27.40
C PHE C 211 3.25 -18.17 27.62
N ALA C 212 3.08 -18.55 28.89
CA ALA C 212 2.29 -19.74 29.28
C ALA C 212 0.88 -19.65 28.71
N ASN C 213 0.31 -18.44 28.77
CA ASN C 213 -0.99 -18.10 28.22
C ASN C 213 -1.03 -18.42 26.73
N MET C 214 -0.13 -17.81 25.96
CA MET C 214 -0.12 -17.97 24.51
C MET C 214 0.24 -19.41 24.13
N MET C 215 0.98 -20.10 24.99
CA MET C 215 1.33 -21.48 24.72
C MET C 215 0.11 -22.37 24.94
N GLY C 216 -0.79 -21.91 25.81
CA GLY C 216 -1.99 -22.66 26.16
C GLY C 216 -1.79 -23.57 27.37
N ILE C 217 -0.89 -23.25 28.30
CA ILE C 217 -0.55 -24.17 29.40
C ILE C 217 -0.86 -23.51 30.74
N ASP C 218 -1.51 -24.29 31.63
CA ASP C 218 -1.99 -23.74 32.90
C ASP C 218 -0.87 -23.64 33.93
N LYS C 219 -1.15 -22.84 35.00
CA LYS C 219 -0.29 -22.73 36.16
C LYS C 219 0.02 -24.14 36.67
N PRO C 220 1.24 -24.44 37.15
CA PRO C 220 2.31 -23.45 37.32
C PRO C 220 3.30 -23.30 36.17
N TYR C 221 2.88 -23.57 34.94
CA TYR C 221 3.78 -23.44 33.83
C TYR C 221 4.31 -22.01 33.76
N ASP C 222 3.49 -21.03 34.13
CA ASP C 222 3.94 -19.64 34.22
C ASP C 222 5.26 -19.58 35.01
N ASP C 223 5.35 -20.30 36.13
CA ASP C 223 6.54 -20.24 36.98
C ASP C 223 7.68 -21.03 36.37
N VAL C 224 7.36 -22.21 35.83
CA VAL C 224 8.28 -23.00 35.03
C VAL C 224 8.98 -22.14 33.99
N ALA C 225 8.22 -21.29 33.28
CA ALA C 225 8.72 -20.45 32.21
C ALA C 225 9.64 -19.36 32.72
N ARG C 226 9.18 -18.65 33.74
CA ARG C 226 9.98 -17.63 34.44
C ARG C 226 11.34 -18.21 34.87
N LEU C 227 11.28 -19.29 35.64
CA LEU C 227 12.50 -19.90 36.11
C LEU C 227 13.41 -20.24 34.93
N TYR C 228 12.86 -20.98 33.98
CA TYR C 228 13.63 -21.52 32.88
C TYR C 228 14.35 -20.38 32.14
N PHE C 229 13.67 -19.29 31.91
CA PHE C 229 14.26 -18.23 31.12
C PHE C 229 15.37 -17.53 31.91
N ILE C 230 15.15 -17.39 33.22
CA ILE C 230 16.13 -16.80 34.11
C ILE C 230 17.39 -17.70 34.15
N LEU C 231 17.22 -19.02 34.31
CA LEU C 231 18.34 -19.93 34.39
C LEU C 231 19.16 -19.92 33.12
N HIS C 232 18.48 -19.80 31.97
CA HIS C 232 19.18 -19.90 30.70
C HIS C 232 19.57 -18.53 30.16
N SER C 233 19.45 -17.48 30.99
CA SER C 233 19.62 -16.10 30.54
C SER C 233 21.04 -15.78 30.09
N ASP C 234 22.07 -16.26 30.81
CA ASP C 234 23.44 -16.02 30.35
C ASP C 234 24.31 -17.16 30.88
N HIS C 235 25.47 -17.33 30.22
CA HIS C 235 26.52 -18.25 30.64
C HIS C 235 27.86 -17.78 30.05
N GLU C 236 28.24 -16.56 30.43
CA GLU C 236 29.47 -15.96 29.88
C GLU C 236 29.25 -15.71 28.39
N SER C 237 30.17 -15.02 27.77
CA SER C 237 30.12 -14.74 26.34
C SER C 237 30.98 -15.70 25.51
N GLY C 238 31.38 -16.85 26.06
CA GLY C 238 32.26 -17.77 25.34
C GLY C 238 31.50 -18.89 24.61
N ASN C 239 30.28 -19.16 25.07
CA ASN C 239 29.44 -20.17 24.45
C ASN C 239 29.11 -19.71 23.03
N VAL C 240 28.81 -20.69 22.17
CA VAL C 240 28.70 -20.47 20.73
C VAL C 240 27.64 -19.41 20.45
N SER C 241 26.45 -19.51 21.07
CA SER C 241 25.34 -18.61 20.78
C SER C 241 25.69 -17.17 21.21
N ALA C 242 26.14 -16.99 22.45
CA ALA C 242 26.50 -15.66 22.94
C ALA C 242 27.67 -15.10 22.13
N HIS C 243 28.69 -15.95 21.89
CA HIS C 243 29.89 -15.55 21.16
C HIS C 243 29.57 -15.17 19.73
N THR C 244 28.63 -15.88 19.08
CA THR C 244 28.25 -15.55 17.72
C THR C 244 27.62 -14.17 17.63
N ALA C 245 26.69 -13.88 18.53
CA ALA C 245 26.01 -12.60 18.52
C ALA C 245 27.05 -11.51 18.73
N HIS C 246 27.88 -11.72 19.74
CA HIS C 246 28.94 -10.78 20.02
C HIS C 246 29.74 -10.52 18.73
N LEU C 247 30.10 -11.60 18.05
CA LEU C 247 31.03 -11.53 16.92
C LEU C 247 30.35 -10.78 15.78
N VAL C 248 29.15 -11.20 15.41
CA VAL C 248 28.41 -10.55 14.34
C VAL C 248 28.20 -9.07 14.69
N ALA C 249 27.82 -8.79 15.93
CA ALA C 249 27.49 -7.43 16.34
C ALA C 249 28.74 -6.52 16.29
N SER C 250 29.93 -7.13 16.45
CA SER C 250 31.17 -6.37 16.45
C SER C 250 31.48 -5.75 15.09
N ALA C 251 30.84 -6.24 14.01
CA ALA C 251 30.90 -5.61 12.69
C ALA C 251 29.88 -4.46 12.52
N LEU C 252 29.10 -4.21 13.60
CA LEU C 252 28.00 -3.25 13.68
C LEU C 252 26.77 -3.76 12.95
N SER C 253 26.61 -5.07 12.83
CA SER C 253 25.31 -5.65 12.49
C SER C 253 24.38 -5.41 13.68
N ASP C 254 23.11 -5.10 13.40
CA ASP C 254 22.13 -4.88 14.46
C ASP C 254 21.80 -6.18 15.20
N ALA C 255 21.00 -6.07 16.26
CA ALA C 255 20.68 -7.17 17.15
C ALA C 255 19.82 -8.21 16.47
N TYR C 256 19.09 -7.81 15.43
CA TYR C 256 18.29 -8.78 14.69
C TYR C 256 19.20 -9.74 13.94
N TYR C 257 20.18 -9.21 13.23
CA TYR C 257 21.20 -10.02 12.55
C TYR C 257 22.00 -10.83 13.58
N ALA C 258 22.45 -10.17 14.64
CA ALA C 258 23.27 -10.82 15.66
C ALA C 258 22.56 -11.99 16.33
N TYR C 259 21.30 -11.78 16.73
CA TYR C 259 20.57 -12.78 17.48
C TYR C 259 20.04 -13.86 16.53
N SER C 260 19.70 -13.51 15.29
CA SER C 260 19.42 -14.51 14.28
C SER C 260 20.62 -15.45 14.11
N ALA C 261 21.83 -14.89 13.92
CA ALA C 261 23.05 -15.68 13.80
C ALA C 261 23.30 -16.57 15.03
N ALA C 262 23.06 -16.02 16.22
CA ALA C 262 23.22 -16.76 17.46
C ALA C 262 22.33 -17.99 17.53
N MET C 263 21.08 -17.86 17.06
CA MET C 263 20.13 -18.97 17.03
C MET C 263 20.55 -20.06 16.03
N CYS C 264 21.20 -19.64 14.94
CA CYS C 264 21.85 -20.60 14.06
C CYS C 264 22.89 -21.43 14.83
N GLY C 265 23.65 -20.77 15.73
CA GLY C 265 24.60 -21.45 16.59
C GLY C 265 23.94 -22.34 17.65
N LEU C 266 22.90 -21.80 18.31
CA LEU C 266 22.20 -22.54 19.35
C LEU C 266 21.56 -23.81 18.80
N ALA C 267 21.24 -23.85 17.51
CA ALA C 267 20.55 -24.99 16.93
C ALA C 267 21.48 -26.19 16.75
N GLY C 268 22.80 -25.95 16.85
CA GLY C 268 23.80 -27.00 16.79
C GLY C 268 23.54 -28.11 17.80
N PRO C 269 23.71 -29.40 17.41
CA PRO C 269 23.52 -30.51 18.35
C PRO C 269 24.43 -30.46 19.57
N LEU C 270 25.62 -29.89 19.41
CA LEU C 270 26.57 -29.78 20.50
C LEU C 270 26.28 -28.59 21.41
N HIS C 271 25.21 -27.83 21.13
CA HIS C 271 24.89 -26.68 21.95
C HIS C 271 23.44 -26.78 22.46
N GLY C 272 22.46 -26.70 21.55
CA GLY C 272 21.08 -26.46 21.93
C GLY C 272 20.21 -27.71 22.01
N LEU C 273 20.75 -28.87 21.59
CA LEU C 273 19.95 -30.08 21.49
C LEU C 273 20.23 -31.05 22.64
N ALA C 274 21.03 -30.62 23.62
CA ALA C 274 21.43 -31.48 24.73
C ALA C 274 20.24 -31.89 25.60
N ASN C 275 19.24 -31.00 25.69
CA ASN C 275 18.12 -31.12 26.62
C ASN C 275 17.16 -32.25 26.20
N GLN C 276 16.82 -32.30 24.90
CA GLN C 276 15.95 -33.34 24.35
C GLN C 276 16.69 -34.68 24.29
N GLU C 277 17.98 -34.65 23.90
CA GLU C 277 18.79 -35.85 23.76
C GLU C 277 18.97 -36.53 25.11
N VAL C 278 18.83 -35.77 26.21
CA VAL C 278 18.84 -36.35 27.55
C VAL C 278 17.55 -37.10 27.84
N LEU C 279 16.42 -36.39 27.69
CA LEU C 279 15.11 -36.91 28.05
C LEU C 279 14.78 -38.15 27.22
N LYS C 280 14.98 -38.08 25.89
CA LYS C 280 14.75 -39.19 24.98
C LYS C 280 15.45 -40.44 25.49
N TRP C 281 16.70 -40.26 25.88
CA TRP C 281 17.55 -41.32 26.36
C TRP C 281 17.06 -41.84 27.72
N ILE C 282 16.49 -40.98 28.58
CA ILE C 282 15.91 -41.42 29.84
C ILE C 282 14.66 -42.24 29.56
N GLN C 283 13.83 -41.77 28.62
CA GLN C 283 12.58 -42.41 28.27
C GLN C 283 12.79 -43.76 27.57
N GLU C 284 13.81 -43.82 26.69
CA GLU C 284 14.23 -45.04 26.03
C GLU C 284 14.72 -46.07 27.04
N THR C 285 15.37 -45.60 28.12
CA THR C 285 15.96 -46.44 29.16
C THR C 285 14.91 -47.02 30.12
N ILE C 286 14.01 -46.17 30.64
CA ILE C 286 12.88 -46.61 31.45
C ILE C 286 12.06 -47.67 30.71
N ASP C 287 11.94 -47.53 29.39
CA ASP C 287 11.11 -48.40 28.57
C ASP C 287 11.81 -49.73 28.28
N LYS C 288 13.08 -49.68 27.92
CA LYS C 288 13.77 -50.91 27.50
C LYS C 288 14.47 -51.65 28.64
N LYS C 289 15.48 -51.07 29.29
CA LYS C 289 16.31 -51.81 30.23
C LYS C 289 15.60 -52.08 31.57
N LEU C 290 14.63 -51.25 31.95
CA LEU C 290 14.07 -51.28 33.31
C LEU C 290 12.55 -51.46 33.26
N GLY C 291 12.01 -51.82 32.07
CA GLY C 291 10.67 -52.39 31.90
C GLY C 291 9.51 -51.44 32.19
N GLY C 292 9.59 -50.19 31.70
CA GLY C 292 8.52 -49.21 31.83
C GLY C 292 8.18 -48.85 33.28
N LYS C 293 9.17 -48.99 34.18
CA LYS C 293 8.98 -48.75 35.61
C LYS C 293 10.27 -48.16 36.16
N VAL C 294 10.08 -47.23 37.12
CA VAL C 294 11.15 -46.63 37.92
C VAL C 294 12.02 -47.75 38.49
N PRO C 295 13.31 -47.85 38.11
CA PRO C 295 14.17 -48.89 38.65
C PRO C 295 14.41 -48.69 40.15
N THR C 296 14.91 -49.73 40.82
CA THR C 296 15.54 -49.57 42.12
C THR C 296 16.93 -48.98 41.89
N LYS C 297 17.53 -48.44 42.95
CA LYS C 297 18.78 -47.70 42.87
C LYS C 297 19.86 -48.56 42.19
N GLU C 298 19.65 -49.88 42.15
CA GLU C 298 20.71 -50.85 41.97
C GLU C 298 20.81 -51.26 40.49
N GLU C 299 19.65 -51.46 39.85
CA GLU C 299 19.57 -51.80 38.43
C GLU C 299 20.02 -50.62 37.57
N LEU C 300 19.79 -49.40 38.09
CA LEU C 300 20.28 -48.20 37.46
C LEU C 300 21.79 -48.10 37.66
N LYS C 301 22.25 -48.35 38.90
CA LYS C 301 23.66 -48.24 39.28
C LYS C 301 24.54 -49.03 38.31
N LYS C 302 24.11 -50.25 37.93
CA LYS C 302 24.91 -51.08 37.07
C LYS C 302 24.54 -50.87 35.59
N PHE C 303 23.41 -50.19 35.32
CA PHE C 303 23.03 -49.86 33.96
C PHE C 303 23.95 -48.77 33.38
N VAL C 304 24.40 -47.85 34.24
CA VAL C 304 25.31 -46.78 33.83
C VAL C 304 26.64 -47.40 33.39
N GLU C 305 27.12 -48.41 34.15
CA GLU C 305 28.39 -49.07 33.87
C GLU C 305 28.36 -49.77 32.52
N GLU C 306 27.22 -50.39 32.15
CA GLU C 306 27.07 -51.06 30.86
C GLU C 306 27.21 -50.05 29.71
N THR C 307 26.54 -48.88 29.82
CA THR C 307 26.59 -47.85 28.79
C THR C 307 28.01 -47.28 28.67
N LEU C 308 28.72 -47.19 29.81
CA LEU C 308 29.99 -46.47 29.91
C LEU C 308 31.13 -47.33 29.38
N SER C 309 31.31 -48.53 29.94
CA SER C 309 32.44 -49.38 29.59
C SER C 309 32.18 -50.14 28.27
N SER C 310 31.10 -49.78 27.55
CA SER C 310 30.92 -50.18 26.16
C SER C 310 30.97 -48.96 25.21
N GLY C 311 31.52 -47.83 25.70
CA GLY C 311 32.03 -46.76 24.86
C GLY C 311 30.97 -45.73 24.44
N GLN C 312 30.26 -45.13 25.42
CA GLN C 312 29.23 -44.13 25.16
C GLN C 312 29.09 -43.14 26.33
N VAL C 313 28.72 -41.88 26.00
CA VAL C 313 28.56 -40.80 26.97
C VAL C 313 27.31 -41.05 27.82
N ILE C 314 27.25 -40.41 29.00
CA ILE C 314 26.01 -40.13 29.71
C ILE C 314 25.61 -38.69 29.37
N PRO C 315 24.47 -38.43 28.67
CA PRO C 315 24.13 -37.06 28.24
C PRO C 315 23.67 -36.15 29.39
N GLY C 316 24.10 -34.88 29.32
CA GLY C 316 23.77 -33.89 30.34
C GLY C 316 24.63 -34.00 31.59
N TYR C 317 25.65 -34.87 31.54
CA TYR C 317 26.80 -34.83 32.43
C TYR C 317 28.00 -34.38 31.59
N GLY C 318 28.73 -33.34 32.04
CA GLY C 318 29.98 -32.93 31.42
C GLY C 318 29.89 -31.64 30.59
N HIS C 319 30.87 -30.74 30.75
CA HIS C 319 30.83 -29.40 30.20
C HIS C 319 32.25 -28.90 29.91
N ALA C 320 32.40 -27.97 28.97
CA ALA C 320 33.72 -27.52 28.50
C ALA C 320 34.40 -26.52 29.45
N VAL C 321 33.73 -26.11 30.53
CA VAL C 321 34.37 -25.20 31.54
C VAL C 321 34.02 -25.69 32.95
N LEU C 322 32.73 -25.79 33.26
CA LEU C 322 32.27 -26.32 34.54
C LEU C 322 33.04 -27.59 34.91
N ARG C 323 33.42 -27.66 36.20
CA ARG C 323 34.02 -28.85 36.80
C ARG C 323 33.16 -29.36 37.96
N LYS C 324 32.10 -28.64 38.35
CA LYS C 324 31.21 -29.09 39.42
C LYS C 324 29.75 -29.16 38.96
N THR C 325 28.88 -29.57 39.92
CA THR C 325 27.43 -29.52 39.75
C THR C 325 27.07 -28.12 39.27
N ASP C 326 26.24 -28.04 38.21
CA ASP C 326 25.67 -26.78 37.76
C ASP C 326 24.58 -26.30 38.73
N PRO C 327 24.69 -25.10 39.34
CA PRO C 327 23.63 -24.59 40.23
C PRO C 327 22.30 -24.28 39.52
N ARG C 328 22.39 -24.17 38.18
CA ARG C 328 21.21 -24.13 37.33
C ARG C 328 20.50 -25.48 37.37
N TYR C 329 21.27 -26.58 37.30
CA TYR C 329 20.72 -27.91 37.55
C TYR C 329 20.02 -27.93 38.91
N VAL C 330 20.74 -27.50 39.96
CA VAL C 330 20.27 -27.59 41.33
C VAL C 330 18.92 -26.86 41.47
N ALA C 331 18.73 -25.73 40.77
CA ALA C 331 17.52 -24.92 40.91
C ALA C 331 16.34 -25.61 40.23
N GLN C 332 16.62 -26.44 39.21
CA GLN C 332 15.60 -27.24 38.55
C GLN C 332 15.13 -28.30 39.53
N ARG C 333 16.11 -29.02 40.11
CA ARG C 333 15.89 -30.03 41.14
C ARG C 333 14.99 -29.50 42.28
N GLU C 334 15.15 -28.24 42.66
CA GLU C 334 14.42 -27.69 43.79
C GLU C 334 12.96 -27.42 43.42
N PHE C 335 12.73 -26.90 42.21
CA PHE C 335 11.39 -26.78 41.64
C PHE C 335 10.69 -28.15 41.60
N ALA C 336 11.44 -29.19 41.22
CA ALA C 336 10.87 -30.48 40.88
C ALA C 336 10.51 -31.29 42.12
N LEU C 337 11.34 -31.19 43.18
CA LEU C 337 11.02 -31.75 44.49
C LEU C 337 9.71 -31.17 45.01
N LYS C 338 9.57 -29.84 44.93
CA LYS C 338 8.37 -29.16 45.38
C LYS C 338 7.12 -29.58 44.58
N HIS C 339 7.25 -29.72 43.25
CA HIS C 339 6.12 -29.64 42.33
C HIS C 339 5.77 -30.95 41.61
N MET C 340 6.71 -31.90 41.59
CA MET C 340 6.50 -33.14 40.84
C MET C 340 7.42 -34.21 41.44
N PRO C 341 7.30 -34.50 42.76
CA PRO C 341 8.16 -35.51 43.40
C PRO C 341 7.85 -36.91 42.86
N ASP C 342 6.60 -37.14 42.46
CA ASP C 342 6.12 -38.47 42.13
C ASP C 342 6.16 -38.75 40.62
N ASP C 343 6.56 -37.78 39.77
CA ASP C 343 6.69 -38.02 38.35
C ASP C 343 7.76 -39.10 38.11
N PRO C 344 7.47 -40.15 37.28
CA PRO C 344 8.41 -41.22 36.99
C PRO C 344 9.78 -40.79 36.46
N ILE C 345 9.77 -39.84 35.49
CA ILE C 345 10.96 -39.43 34.77
C ILE C 345 11.86 -38.56 35.67
N PHE C 346 11.25 -37.72 36.52
CA PHE C 346 12.00 -36.98 37.52
C PHE C 346 12.73 -37.94 38.46
N GLN C 347 12.05 -39.00 38.92
CA GLN C 347 12.63 -39.95 39.84
C GLN C 347 13.87 -40.61 39.26
N VAL C 348 13.92 -40.75 37.93
CA VAL C 348 15.09 -41.33 37.27
C VAL C 348 16.23 -40.33 37.13
N VAL C 349 15.89 -39.06 36.88
CA VAL C 349 16.85 -37.97 36.94
C VAL C 349 17.44 -37.87 38.35
N SER C 350 16.56 -37.96 39.37
CA SER C 350 16.88 -37.79 40.78
C SER C 350 17.93 -38.82 41.24
N MET C 351 17.65 -40.09 40.93
CA MET C 351 18.56 -41.19 41.19
C MET C 351 19.87 -41.04 40.40
N LEU C 352 19.80 -40.63 39.12
CA LEU C 352 21.01 -40.45 38.33
C LEU C 352 21.99 -39.48 39.00
N TYR C 353 21.45 -38.42 39.65
CA TYR C 353 22.23 -37.45 40.38
C TYR C 353 23.12 -38.16 41.42
N GLU C 354 22.55 -39.17 42.09
CA GLU C 354 23.21 -39.90 43.17
C GLU C 354 24.31 -40.80 42.58
N VAL C 355 23.92 -41.58 41.56
CA VAL C 355 24.67 -42.75 41.17
C VAL C 355 25.74 -42.42 40.11
N VAL C 356 25.53 -41.38 39.29
CA VAL C 356 26.36 -41.16 38.11
C VAL C 356 27.68 -40.46 38.45
N PRO C 357 27.73 -39.46 39.37
CA PRO C 357 29.01 -38.85 39.76
C PRO C 357 30.02 -39.79 40.43
N PRO C 358 29.67 -40.67 41.42
CA PRO C 358 30.58 -41.73 41.86
C PRO C 358 31.27 -42.53 40.75
N ILE C 359 30.52 -42.83 39.67
CA ILE C 359 30.94 -43.74 38.62
C ILE C 359 31.82 -43.05 37.56
N LEU C 360 31.51 -41.79 37.20
CA LEU C 360 32.35 -41.03 36.29
C LEU C 360 33.62 -40.56 37.02
N SER C 361 33.65 -40.75 38.35
CA SER C 361 34.77 -40.40 39.20
C SER C 361 35.84 -41.51 39.21
N SER C 362 35.39 -42.76 39.37
CA SER C 362 36.21 -43.97 39.24
C SER C 362 37.08 -43.94 37.99
N LEU C 363 36.50 -43.48 36.86
CA LEU C 363 37.16 -43.54 35.57
C LEU C 363 38.13 -42.37 35.40
N GLY C 364 37.99 -41.30 36.21
CA GLY C 364 38.89 -40.15 36.20
C GLY C 364 39.14 -39.64 34.76
N LYS C 365 38.10 -39.74 33.93
CA LYS C 365 38.19 -39.69 32.48
C LYS C 365 37.73 -38.33 31.97
N VAL C 366 36.44 -38.02 32.23
CA VAL C 366 35.78 -36.79 31.77
C VAL C 366 36.05 -35.67 32.77
N LYS C 367 36.29 -34.44 32.28
CA LYS C 367 36.83 -33.37 33.11
C LYS C 367 35.74 -32.76 34.01
N ASP C 368 34.46 -33.13 33.80
CA ASP C 368 33.33 -32.68 34.63
C ASP C 368 32.46 -33.90 34.97
N PRO C 369 32.66 -34.56 36.12
CA PRO C 369 31.91 -35.77 36.47
C PRO C 369 30.53 -35.52 37.10
N TRP C 370 29.87 -34.46 36.63
CA TRP C 370 28.72 -33.86 37.32
C TRP C 370 27.70 -33.39 36.29
N PRO C 371 26.44 -33.14 36.72
CA PRO C 371 25.39 -32.65 35.81
C PRO C 371 25.45 -31.17 35.44
N ASN C 372 24.97 -30.87 34.21
CA ASN C 372 24.61 -29.51 33.78
C ASN C 372 23.08 -29.42 33.68
N VAL C 373 22.56 -28.24 33.25
CA VAL C 373 21.12 -27.98 33.26
C VAL C 373 20.34 -28.99 32.41
N ASP C 374 20.91 -29.37 31.26
CA ASP C 374 20.22 -30.15 30.25
C ASP C 374 19.76 -31.50 30.81
N ALA C 375 20.41 -31.94 31.88
CA ALA C 375 20.04 -33.14 32.61
C ALA C 375 18.65 -33.00 33.25
N HIS C 376 18.22 -31.77 33.57
CA HIS C 376 17.02 -31.59 34.39
C HIS C 376 15.90 -30.80 33.69
N SER C 377 16.17 -30.16 32.55
CA SER C 377 15.22 -29.24 31.93
C SER C 377 14.00 -29.96 31.36
N GLY C 378 14.27 -31.01 30.57
CA GLY C 378 13.30 -31.62 29.69
C GLY C 378 12.19 -32.33 30.47
N CYS C 379 12.57 -32.92 31.62
CA CYS C 379 11.62 -33.71 32.38
C CYS C 379 10.51 -32.81 32.96
N ILE C 380 10.86 -31.54 33.22
CA ILE C 380 9.91 -30.60 33.78
C ILE C 380 8.93 -30.15 32.70
N GLN C 381 9.47 -29.84 31.50
CA GLN C 381 8.68 -29.46 30.35
C GLN C 381 7.72 -30.62 30.04
N TRP C 382 8.29 -31.82 29.92
CA TRP C 382 7.51 -33.00 29.62
C TRP C 382 6.33 -33.13 30.57
N HIS C 383 6.59 -32.97 31.88
CA HIS C 383 5.55 -33.16 32.87
C HIS C 383 4.38 -32.21 32.63
N TYR C 384 4.62 -31.02 32.08
CA TYR C 384 3.54 -30.06 31.87
C TYR C 384 2.99 -30.10 30.43
N GLY C 385 3.38 -31.10 29.65
CA GLY C 385 2.75 -31.34 28.36
C GLY C 385 3.53 -30.77 27.17
N VAL C 386 4.70 -30.17 27.42
CA VAL C 386 5.53 -29.74 26.32
C VAL C 386 6.34 -30.97 25.92
N VAL C 387 5.73 -31.78 25.04
CA VAL C 387 6.24 -33.10 24.65
C VAL C 387 6.96 -33.05 23.30
N GLU C 388 7.01 -31.85 22.72
CA GLU C 388 7.59 -31.60 21.41
C GLU C 388 9.05 -31.22 21.63
N TYR C 389 9.92 -32.22 21.60
CA TYR C 389 11.34 -32.14 21.91
C TYR C 389 12.04 -31.00 21.19
N ASP C 390 11.75 -30.83 19.88
CA ASP C 390 12.53 -29.94 19.02
C ASP C 390 12.37 -28.48 19.48
N PHE C 391 11.22 -28.20 20.09
CA PHE C 391 10.87 -26.90 20.59
C PHE C 391 11.65 -26.51 21.87
N TYR C 392 12.29 -27.45 22.56
CA TYR C 392 12.98 -27.08 23.78
C TYR C 392 14.05 -26.04 23.50
N THR C 393 14.67 -26.12 22.33
CA THR C 393 15.75 -25.24 21.94
C THR C 393 15.22 -23.82 21.72
N VAL C 394 14.00 -23.72 21.20
CA VAL C 394 13.37 -22.41 21.12
C VAL C 394 13.24 -21.76 22.50
N LEU C 395 12.94 -22.54 23.56
CA LEU C 395 12.78 -21.98 24.90
C LEU C 395 14.10 -21.43 25.40
N PHE C 396 15.13 -22.27 25.23
CA PHE C 396 16.51 -21.90 25.50
C PHE C 396 16.76 -20.54 24.85
N GLY C 397 16.47 -20.42 23.53
CA GLY C 397 16.73 -19.22 22.75
C GLY C 397 16.02 -17.97 23.26
N ILE C 398 14.79 -18.11 23.79
CA ILE C 398 14.09 -16.98 24.39
C ILE C 398 14.84 -16.54 25.65
N GLY C 399 15.21 -17.51 26.51
CA GLY C 399 15.90 -17.22 27.75
C GLY C 399 17.26 -16.56 27.55
N ARG C 400 18.10 -17.17 26.71
CA ARG C 400 19.44 -16.70 26.39
C ARG C 400 19.46 -15.28 25.82
N ALA C 401 18.34 -14.81 25.27
CA ALA C 401 18.34 -13.47 24.70
C ALA C 401 18.51 -12.41 25.77
N LEU C 402 18.06 -12.70 27.00
CA LEU C 402 18.13 -11.73 28.10
C LEU C 402 19.57 -11.31 28.30
N GLY C 403 20.46 -12.31 28.40
CA GLY C 403 21.86 -12.05 28.63
C GLY C 403 22.52 -11.49 27.38
N VAL C 404 22.21 -12.09 26.22
CA VAL C 404 22.93 -11.75 25.00
C VAL C 404 22.63 -10.32 24.59
N LEU C 405 21.33 -9.93 24.62
CA LEU C 405 20.92 -8.61 24.17
C LEU C 405 21.49 -7.54 25.10
N ALA C 406 21.49 -7.80 26.42
CA ALA C 406 22.17 -6.94 27.40
C ALA C 406 23.66 -6.81 27.08
N ASN C 407 24.30 -7.95 26.79
CA ASN C 407 25.70 -7.91 26.42
C ASN C 407 25.91 -7.09 25.15
N LEU C 408 25.02 -7.10 24.17
CA LEU C 408 25.23 -6.36 22.93
C LEU C 408 25.15 -4.85 23.17
N VAL C 409 24.32 -4.45 24.12
CA VAL C 409 24.19 -3.03 24.44
C VAL C 409 25.52 -2.52 25.02
N TRP C 410 26.06 -3.27 25.97
CA TRP C 410 27.34 -2.96 26.58
C TRP C 410 28.49 -2.97 25.58
N ASP C 411 28.53 -3.92 24.67
CA ASP C 411 29.59 -3.96 23.66
C ASP C 411 29.64 -2.64 22.88
N ARG C 412 28.46 -2.08 22.59
CA ARG C 412 28.38 -0.84 21.84
C ARG C 412 28.66 0.34 22.75
N ALA C 413 28.19 0.22 24.00
CA ALA C 413 28.40 1.23 25.03
C ALA C 413 29.91 1.47 25.18
N LEU C 414 30.68 0.39 25.32
CA LEU C 414 32.11 0.47 25.59
C LEU C 414 32.94 0.55 24.31
N GLY C 415 32.27 0.52 23.14
CA GLY C 415 32.93 0.72 21.86
C GLY C 415 33.85 -0.43 21.47
N TYR C 416 33.56 -1.67 21.90
CA TYR C 416 34.44 -2.80 21.60
C TYR C 416 34.60 -3.00 20.09
N ALA C 417 35.81 -3.38 19.67
CA ALA C 417 36.14 -3.34 18.25
C ALA C 417 35.75 -4.67 17.61
N ILE C 418 35.77 -4.65 16.27
CA ILE C 418 35.46 -5.81 15.45
C ILE C 418 36.39 -6.96 15.85
N GLU C 419 35.80 -8.18 15.93
CA GLU C 419 36.53 -9.39 16.27
C GLU C 419 37.20 -9.92 15.01
N ARG C 420 38.53 -9.88 14.97
CA ARG C 420 39.32 -10.26 13.80
C ARG C 420 40.61 -10.90 14.33
N PRO C 421 40.57 -12.17 14.79
CA PRO C 421 41.78 -12.91 15.16
C PRO C 421 42.52 -13.32 13.90
N LYS C 422 43.70 -13.92 14.10
CA LYS C 422 44.59 -14.30 13.02
C LYS C 422 44.52 -15.82 12.81
N SER C 423 44.52 -16.23 11.54
CA SER C 423 44.52 -17.63 11.16
C SER C 423 45.94 -18.07 10.78
N VAL C 424 46.16 -19.38 10.91
CA VAL C 424 47.43 -20.00 10.55
C VAL C 424 47.12 -21.33 9.88
N THR C 425 48.08 -21.83 9.08
CA THR C 425 47.90 -23.07 8.37
C THR C 425 48.48 -24.18 9.23
N THR C 426 48.22 -25.42 8.82
CA THR C 426 48.86 -26.58 9.37
C THR C 426 50.35 -26.57 9.03
N ASP C 427 50.71 -26.13 7.80
CA ASP C 427 52.10 -25.95 7.41
C ASP C 427 52.86 -25.05 8.40
N MET C 428 52.24 -23.94 8.77
CA MET C 428 52.81 -23.00 9.72
C MET C 428 52.91 -23.61 11.11
N LEU C 429 51.88 -24.33 11.58
CA LEU C 429 51.94 -24.99 12.88
C LEU C 429 53.05 -26.06 12.90
N GLU C 430 53.34 -26.61 11.73
CA GLU C 430 54.29 -27.69 11.57
C GLU C 430 55.71 -27.12 11.58
N LYS C 431 55.91 -25.94 10.97
CA LYS C 431 57.16 -25.21 11.10
C LYS C 431 57.45 -24.95 12.60
N TRP C 432 56.50 -24.35 13.35
CA TRP C 432 56.70 -24.02 14.77
C TRP C 432 56.88 -25.25 15.65
N ALA C 433 56.42 -26.43 15.23
CA ALA C 433 56.66 -27.64 16.00
C ALA C 433 58.05 -28.20 15.69
N GLY C 434 58.63 -27.76 14.57
CA GLY C 434 59.95 -28.28 14.13
C GLY C 434 59.81 -29.58 13.35
N ILE C 435 59.43 -29.52 12.07
CA ILE C 435 59.18 -30.74 11.30
C ILE C 435 59.83 -30.63 9.89
O1 OAA D . -7.61 22.91 -7.37
O2 OAA D . -9.12 23.49 -5.80
O4 OAA D . -7.38 22.09 -2.36
O5 OAA D . -8.77 20.42 -2.57
O3 OAA D . -8.69 20.60 -4.87
C1 OAA D . -8.01 22.99 -6.15
C2 OAA D . -7.14 22.38 -5.06
C3 OAA D . -7.96 21.37 -4.29
C4 OAA D . -8.03 21.29 -3.04
O1 OAA E . -17.06 9.53 -27.59
O2 OAA E . -17.94 7.78 -26.55
O4 OAA E . -17.92 5.00 -28.48
O5 OAA E . -17.16 4.40 -26.53
O3 OAA E . -14.97 5.78 -27.24
C1 OAA E . -17.18 8.29 -27.41
C2 OAA E . -16.36 7.35 -28.31
C3 OAA E . -16.09 5.98 -27.71
C4 OAA E . -17.09 5.12 -27.55
O1 OAA F . 29.81 -23.24 26.86
O2 OAA F . 28.55 -22.26 28.41
O4 OAA F . 25.64 -21.76 26.86
O5 OAA F . 24.57 -22.52 28.50
O3 OAA F . 25.80 -24.75 28.32
C1 OAA F . 28.72 -23.08 27.45
C2 OAA F . 27.53 -23.92 26.94
C3 OAA F . 26.18 -23.78 27.66
C4 OAA F . 25.45 -22.65 27.67
#